data_2OQO
# 
_entry.id   2OQO 
# 
_audit_conform.dict_name       mmcif_pdbx.dic 
_audit_conform.dict_version    5.383 
_audit_conform.dict_location   http://mmcif.pdb.org/dictionaries/ascii/mmcif_pdbx.dic 
# 
loop_
_database_2.database_id 
_database_2.database_code 
_database_2.pdbx_database_accession 
_database_2.pdbx_DOI 
PDB   2OQO         pdb_00002oqo 10.2210/pdb2oqo/pdb 
RCSB  RCSB041468   ?            ?                   
WWPDB D_1000041468 ?            ?                   
# 
loop_
_pdbx_audit_revision_history.ordinal 
_pdbx_audit_revision_history.data_content_type 
_pdbx_audit_revision_history.major_revision 
_pdbx_audit_revision_history.minor_revision 
_pdbx_audit_revision_history.revision_date 
1 'Structure model' 1 0 2007-03-13 
2 'Structure model' 1 1 2008-05-01 
3 'Structure model' 1 2 2011-07-13 
4 'Structure model' 1 3 2017-10-18 
5 'Structure model' 1 4 2023-12-27 
# 
_pdbx_audit_revision_details.ordinal             1 
_pdbx_audit_revision_details.revision_ordinal    1 
_pdbx_audit_revision_details.data_content_type   'Structure model' 
_pdbx_audit_revision_details.provider            repository 
_pdbx_audit_revision_details.type                'Initial release' 
_pdbx_audit_revision_details.description         ? 
_pdbx_audit_revision_details.details             ? 
# 
loop_
_pdbx_audit_revision_group.ordinal 
_pdbx_audit_revision_group.revision_ordinal 
_pdbx_audit_revision_group.data_content_type 
_pdbx_audit_revision_group.group 
1 2 'Structure model' 'Version format compliance' 
2 3 'Structure model' 'Source and taxonomy'       
3 3 'Structure model' 'Version format compliance' 
4 4 'Structure model' 'Refinement description'    
5 5 'Structure model' 'Data collection'           
6 5 'Structure model' 'Database references'       
7 5 'Structure model' 'Derived calculations'      
# 
loop_
_pdbx_audit_revision_category.ordinal 
_pdbx_audit_revision_category.revision_ordinal 
_pdbx_audit_revision_category.data_content_type 
_pdbx_audit_revision_category.category 
1 4 'Structure model' software           
2 5 'Structure model' chem_comp_atom     
3 5 'Structure model' chem_comp_bond     
4 5 'Structure model' database_2         
5 5 'Structure model' struct_ref_seq_dif 
6 5 'Structure model' struct_site        
# 
loop_
_pdbx_audit_revision_item.ordinal 
_pdbx_audit_revision_item.revision_ordinal 
_pdbx_audit_revision_item.data_content_type 
_pdbx_audit_revision_item.item 
1 4 'Structure model' '_software.name'                      
2 5 'Structure model' '_database_2.pdbx_DOI'                
3 5 'Structure model' '_database_2.pdbx_database_accession' 
4 5 'Structure model' '_struct_ref_seq_dif.details'         
5 5 'Structure model' '_struct_site.pdbx_auth_asym_id'      
6 5 'Structure model' '_struct_site.pdbx_auth_comp_id'      
7 5 'Structure model' '_struct_site.pdbx_auth_seq_id'       
# 
_pdbx_database_status.status_code                     REL 
_pdbx_database_status.entry_id                        2OQO 
_pdbx_database_status.recvd_initial_deposition_date   2007-01-31 
_pdbx_database_status.deposit_site                    RCSB 
_pdbx_database_status.process_site                    RCSB 
_pdbx_database_status.status_code_sf                  REL 
_pdbx_database_status.status_code_mr                  ? 
_pdbx_database_status.SG_entry                        ? 
_pdbx_database_status.pdb_format_compatible           Y 
_pdbx_database_status.status_code_cs                  ? 
_pdbx_database_status.methods_development_category    ? 
_pdbx_database_status.status_code_nmr_data            ? 
# 
loop_
_audit_author.name 
_audit_author.pdbx_ordinal 
'Yuan, Y.'   1 
'Sliz, P.'   2 
'Walker, S.' 3 
# 
_citation.id                        primary 
_citation.title                     
'Crystal structure of a peptidoglycan glycosyltransferase suggests a model for processive glycan chain synthesis.' 
_citation.journal_abbrev            Proc.Natl.Acad.Sci.Usa 
_citation.journal_volume            104 
_citation.page_first                5348 
_citation.page_last                 5353 
_citation.year                      2007 
_citation.journal_id_ASTM           PNASA6 
_citation.country                   US 
_citation.journal_id_ISSN           0027-8424 
_citation.journal_id_CSD            0040 
_citation.book_publisher            ? 
_citation.pdbx_database_id_PubMed   17360321 
_citation.pdbx_database_id_DOI      10.1073/pnas.0701160104 
# 
loop_
_citation_author.citation_id 
_citation_author.name 
_citation_author.ordinal 
_citation_author.identifier_ORCID 
primary 'Yuan, Y.'    1 ? 
primary 'Barrett, D.' 2 ? 
primary 'Zhang, Y.'   3 ? 
primary 'Kahne, D.'   4 ? 
primary 'Sliz, P.'    5 ? 
primary 'Walker, S.'  6 ? 
# 
loop_
_entity.id 
_entity.type 
_entity.src_method 
_entity.pdbx_description 
_entity.formula_weight 
_entity.pdbx_number_of_molecules 
_entity.pdbx_ec 
_entity.pdbx_mutation 
_entity.pdbx_fragment 
_entity.details 
1 polymer     man 'Penicillin-binding protein 1A (PBP-1a) (PBP1a)'            22912.428 1  2.4.2.- ? 'glycosyltransferase domain' 
? 
2 non-polymer syn '4-(2-HYDROXYETHYL)-1-PIPERAZINE ETHANESULFONIC ACID'       238.305   1  ?       ? ?                            
? 
3 non-polymer syn '3-[(3-CHOLAMIDOPROPYL)DIMETHYLAMMONIO]-1-PROPANESULFONATE' 614.877   1  ?       ? ?                            
? 
4 water       nat water                                                       18.015    94 ?       ? ?                            
? 
# 
_entity_poly.entity_id                      1 
_entity_poly.type                           'polypeptide(L)' 
_entity_poly.nstd_linkage                   no 
_entity_poly.nstd_monomer                   no 
_entity_poly.pdbx_seq_one_letter_code       
;GPGYQDPKGRLYGTIGIQKRFYVSIDKIPEHVINAFVATEDRNFWHHFGIDPVAIVRAAIVNYRAGRIVQGGSTITQQLA
KNLFLTRERTLERKIKEALLAIKIERTFDKKKIMELYLNQIYLGSGAYGVEAAAQVYFGKHVWELSLDEAALLAALPKAP
AKYNPFYHPERALQRRNLVLKRMLEEGYITPEQYEEAVNK
;
_entity_poly.pdbx_seq_one_letter_code_can   
;GPGYQDPKGRLYGTIGIQKRFYVSIDKIPEHVINAFVATEDRNFWHHFGIDPVAIVRAAIVNYRAGRIVQGGSTITQQLA
KNLFLTRERTLERKIKEALLAIKIERTFDKKKIMELYLNQIYLGSGAYGVEAAAQVYFGKHVWELSLDEAALLAALPKAP
AKYNPFYHPERALQRRNLVLKRMLEEGYITPEQYEEAVNK
;
_entity_poly.pdbx_strand_id                 A 
_entity_poly.pdbx_target_identifier         ? 
# 
loop_
_pdbx_entity_nonpoly.entity_id 
_pdbx_entity_nonpoly.name 
_pdbx_entity_nonpoly.comp_id 
2 '4-(2-HYDROXYETHYL)-1-PIPERAZINE ETHANESULFONIC ACID'       EPE 
3 '3-[(3-CHOLAMIDOPROPYL)DIMETHYLAMMONIO]-1-PROPANESULFONATE' CPS 
4 water                                                       HOH 
# 
loop_
_entity_poly_seq.entity_id 
_entity_poly_seq.num 
_entity_poly_seq.mon_id 
_entity_poly_seq.hetero 
1 1   GLY n 
1 2   PRO n 
1 3   GLY n 
1 4   TYR n 
1 5   GLN n 
1 6   ASP n 
1 7   PRO n 
1 8   LYS n 
1 9   GLY n 
1 10  ARG n 
1 11  LEU n 
1 12  TYR n 
1 13  GLY n 
1 14  THR n 
1 15  ILE n 
1 16  GLY n 
1 17  ILE n 
1 18  GLN n 
1 19  LYS n 
1 20  ARG n 
1 21  PHE n 
1 22  TYR n 
1 23  VAL n 
1 24  SER n 
1 25  ILE n 
1 26  ASP n 
1 27  LYS n 
1 28  ILE n 
1 29  PRO n 
1 30  GLU n 
1 31  HIS n 
1 32  VAL n 
1 33  ILE n 
1 34  ASN n 
1 35  ALA n 
1 36  PHE n 
1 37  VAL n 
1 38  ALA n 
1 39  THR n 
1 40  GLU n 
1 41  ASP n 
1 42  ARG n 
1 43  ASN n 
1 44  PHE n 
1 45  TRP n 
1 46  HIS n 
1 47  HIS n 
1 48  PHE n 
1 49  GLY n 
1 50  ILE n 
1 51  ASP n 
1 52  PRO n 
1 53  VAL n 
1 54  ALA n 
1 55  ILE n 
1 56  VAL n 
1 57  ARG n 
1 58  ALA n 
1 59  ALA n 
1 60  ILE n 
1 61  VAL n 
1 62  ASN n 
1 63  TYR n 
1 64  ARG n 
1 65  ALA n 
1 66  GLY n 
1 67  ARG n 
1 68  ILE n 
1 69  VAL n 
1 70  GLN n 
1 71  GLY n 
1 72  GLY n 
1 73  SER n 
1 74  THR n 
1 75  ILE n 
1 76  THR n 
1 77  GLN n 
1 78  GLN n 
1 79  LEU n 
1 80  ALA n 
1 81  LYS n 
1 82  ASN n 
1 83  LEU n 
1 84  PHE n 
1 85  LEU n 
1 86  THR n 
1 87  ARG n 
1 88  GLU n 
1 89  ARG n 
1 90  THR n 
1 91  LEU n 
1 92  GLU n 
1 93  ARG n 
1 94  LYS n 
1 95  ILE n 
1 96  LYS n 
1 97  GLU n 
1 98  ALA n 
1 99  LEU n 
1 100 LEU n 
1 101 ALA n 
1 102 ILE n 
1 103 LYS n 
1 104 ILE n 
1 105 GLU n 
1 106 ARG n 
1 107 THR n 
1 108 PHE n 
1 109 ASP n 
1 110 LYS n 
1 111 LYS n 
1 112 LYS n 
1 113 ILE n 
1 114 MET n 
1 115 GLU n 
1 116 LEU n 
1 117 TYR n 
1 118 LEU n 
1 119 ASN n 
1 120 GLN n 
1 121 ILE n 
1 122 TYR n 
1 123 LEU n 
1 124 GLY n 
1 125 SER n 
1 126 GLY n 
1 127 ALA n 
1 128 TYR n 
1 129 GLY n 
1 130 VAL n 
1 131 GLU n 
1 132 ALA n 
1 133 ALA n 
1 134 ALA n 
1 135 GLN n 
1 136 VAL n 
1 137 TYR n 
1 138 PHE n 
1 139 GLY n 
1 140 LYS n 
1 141 HIS n 
1 142 VAL n 
1 143 TRP n 
1 144 GLU n 
1 145 LEU n 
1 146 SER n 
1 147 LEU n 
1 148 ASP n 
1 149 GLU n 
1 150 ALA n 
1 151 ALA n 
1 152 LEU n 
1 153 LEU n 
1 154 ALA n 
1 155 ALA n 
1 156 LEU n 
1 157 PRO n 
1 158 LYS n 
1 159 ALA n 
1 160 PRO n 
1 161 ALA n 
1 162 LYS n 
1 163 TYR n 
1 164 ASN n 
1 165 PRO n 
1 166 PHE n 
1 167 TYR n 
1 168 HIS n 
1 169 PRO n 
1 170 GLU n 
1 171 ARG n 
1 172 ALA n 
1 173 LEU n 
1 174 GLN n 
1 175 ARG n 
1 176 ARG n 
1 177 ASN n 
1 178 LEU n 
1 179 VAL n 
1 180 LEU n 
1 181 LYS n 
1 182 ARG n 
1 183 MET n 
1 184 LEU n 
1 185 GLU n 
1 186 GLU n 
1 187 GLY n 
1 188 TYR n 
1 189 ILE n 
1 190 THR n 
1 191 PRO n 
1 192 GLU n 
1 193 GLN n 
1 194 TYR n 
1 195 GLU n 
1 196 GLU n 
1 197 ALA n 
1 198 VAL n 
1 199 ASN n 
1 200 LYS n 
# 
_entity_src_gen.entity_id                          1 
_entity_src_gen.pdbx_src_id                        1 
_entity_src_gen.pdbx_alt_source_flag               sample 
_entity_src_gen.pdbx_seq_type                      ? 
_entity_src_gen.pdbx_beg_seq_num                   ? 
_entity_src_gen.pdbx_end_seq_num                   ? 
_entity_src_gen.gene_src_common_name               ? 
_entity_src_gen.gene_src_genus                     Aquifex 
_entity_src_gen.pdbx_gene_src_gene                 'mrcA, ponA' 
_entity_src_gen.gene_src_species                   'Aquifex aeolicus' 
_entity_src_gen.gene_src_strain                    VF5 
_entity_src_gen.gene_src_tissue                    ? 
_entity_src_gen.gene_src_tissue_fraction           ? 
_entity_src_gen.gene_src_details                   ? 
_entity_src_gen.pdbx_gene_src_fragment             ? 
_entity_src_gen.pdbx_gene_src_scientific_name      'Aquifex aeolicus' 
_entity_src_gen.pdbx_gene_src_ncbi_taxonomy_id     224324 
_entity_src_gen.pdbx_gene_src_variant              ? 
_entity_src_gen.pdbx_gene_src_cell_line            ? 
_entity_src_gen.pdbx_gene_src_atcc                 ? 
_entity_src_gen.pdbx_gene_src_organ                ? 
_entity_src_gen.pdbx_gene_src_organelle            ? 
_entity_src_gen.pdbx_gene_src_cell                 ? 
_entity_src_gen.pdbx_gene_src_cellular_location    ? 
_entity_src_gen.host_org_common_name               ? 
_entity_src_gen.pdbx_host_org_scientific_name      'Escherichia coli BL21(DE3)' 
_entity_src_gen.pdbx_host_org_ncbi_taxonomy_id     469008 
_entity_src_gen.host_org_genus                     Escherichia 
_entity_src_gen.pdbx_host_org_gene                 ? 
_entity_src_gen.pdbx_host_org_organ                ? 
_entity_src_gen.host_org_species                   'Escherichia coli' 
_entity_src_gen.pdbx_host_org_tissue               ? 
_entity_src_gen.pdbx_host_org_tissue_fraction      ? 
_entity_src_gen.pdbx_host_org_strain               'BL21(DE3)' 
_entity_src_gen.pdbx_host_org_variant              ? 
_entity_src_gen.pdbx_host_org_cell_line            ? 
_entity_src_gen.pdbx_host_org_atcc                 ? 
_entity_src_gen.pdbx_host_org_culture_collection   ? 
_entity_src_gen.pdbx_host_org_cell                 ? 
_entity_src_gen.pdbx_host_org_organelle            ? 
_entity_src_gen.pdbx_host_org_cellular_location    ? 
_entity_src_gen.pdbx_host_org_vector_type          PLASMID 
_entity_src_gen.pdbx_host_org_vector               ? 
_entity_src_gen.host_org_details                   ? 
_entity_src_gen.expression_system_id               ? 
_entity_src_gen.plasmid_name                       'pET48(b)' 
_entity_src_gen.plasmid_details                    ? 
_entity_src_gen.pdbx_description                   ? 
# 
loop_
_chem_comp.id 
_chem_comp.type 
_chem_comp.mon_nstd_flag 
_chem_comp.name 
_chem_comp.pdbx_synonyms 
_chem_comp.formula 
_chem_comp.formula_weight 
ALA 'L-peptide linking' y ALANINE                                                     ?     'C3 H7 N O2'      89.093  
ARG 'L-peptide linking' y ARGININE                                                    ?     'C6 H15 N4 O2 1'  175.209 
ASN 'L-peptide linking' y ASPARAGINE                                                  ?     'C4 H8 N2 O3'     132.118 
ASP 'L-peptide linking' y 'ASPARTIC ACID'                                             ?     'C4 H7 N O4'      133.103 
CPS non-polymer         . '3-[(3-CHOLAMIDOPROPYL)DIMETHYLAMMONIO]-1-PROPANESULFONATE' CHAPS 'C32 H58 N2 O7 S' 614.877 
EPE non-polymer         . '4-(2-HYDROXYETHYL)-1-PIPERAZINE ETHANESULFONIC ACID'       HEPES 'C8 H18 N2 O4 S'  238.305 
GLN 'L-peptide linking' y GLUTAMINE                                                   ?     'C5 H10 N2 O3'    146.144 
GLU 'L-peptide linking' y 'GLUTAMIC ACID'                                             ?     'C5 H9 N O4'      147.129 
GLY 'peptide linking'   y GLYCINE                                                     ?     'C2 H5 N O2'      75.067  
HIS 'L-peptide linking' y HISTIDINE                                                   ?     'C6 H10 N3 O2 1'  156.162 
HOH non-polymer         . WATER                                                       ?     'H2 O'            18.015  
ILE 'L-peptide linking' y ISOLEUCINE                                                  ?     'C6 H13 N O2'     131.173 
LEU 'L-peptide linking' y LEUCINE                                                     ?     'C6 H13 N O2'     131.173 
LYS 'L-peptide linking' y LYSINE                                                      ?     'C6 H15 N2 O2 1'  147.195 
MET 'L-peptide linking' y METHIONINE                                                  ?     'C5 H11 N O2 S'   149.211 
PHE 'L-peptide linking' y PHENYLALANINE                                               ?     'C9 H11 N O2'     165.189 
PRO 'L-peptide linking' y PROLINE                                                     ?     'C5 H9 N O2'      115.130 
SER 'L-peptide linking' y SERINE                                                      ?     'C3 H7 N O3'      105.093 
THR 'L-peptide linking' y THREONINE                                                   ?     'C4 H9 N O3'      119.119 
TRP 'L-peptide linking' y TRYPTOPHAN                                                  ?     'C11 H12 N2 O2'   204.225 
TYR 'L-peptide linking' y TYROSINE                                                    ?     'C9 H11 N O3'     181.189 
VAL 'L-peptide linking' y VALINE                                                      ?     'C5 H11 N O2'     117.146 
# 
loop_
_pdbx_poly_seq_scheme.asym_id 
_pdbx_poly_seq_scheme.entity_id 
_pdbx_poly_seq_scheme.seq_id 
_pdbx_poly_seq_scheme.mon_id 
_pdbx_poly_seq_scheme.ndb_seq_num 
_pdbx_poly_seq_scheme.pdb_seq_num 
_pdbx_poly_seq_scheme.auth_seq_num 
_pdbx_poly_seq_scheme.pdb_mon_id 
_pdbx_poly_seq_scheme.auth_mon_id 
_pdbx_poly_seq_scheme.pdb_strand_id 
_pdbx_poly_seq_scheme.pdb_ins_code 
_pdbx_poly_seq_scheme.hetero 
A 1 1   GLY 1   44  ?   ?   ?   A . n 
A 1 2   PRO 2   45  ?   ?   ?   A . n 
A 1 3   GLY 3   46  ?   ?   ?   A . n 
A 1 4   TYR 4   47  ?   ?   ?   A . n 
A 1 5   GLN 5   48  ?   ?   ?   A . n 
A 1 6   ASP 6   49  ?   ?   ?   A . n 
A 1 7   PRO 7   50  ?   ?   ?   A . n 
A 1 8   LYS 8   51  ?   ?   ?   A . n 
A 1 9   GLY 9   52  ?   ?   ?   A . n 
A 1 10  ARG 10  53  ?   ?   ?   A . n 
A 1 11  LEU 11  54  ?   ?   ?   A . n 
A 1 12  TYR 12  55  ?   ?   ?   A . n 
A 1 13  GLY 13  56  ?   ?   ?   A . n 
A 1 14  THR 14  57  57  THR THR A . n 
A 1 15  ILE 15  58  58  ILE ILE A . n 
A 1 16  GLY 16  59  59  GLY GLY A . n 
A 1 17  ILE 17  60  60  ILE ILE A . n 
A 1 18  GLN 18  61  61  GLN GLN A . n 
A 1 19  LYS 19  62  62  LYS LYS A . n 
A 1 20  ARG 20  63  63  ARG ARG A . n 
A 1 21  PHE 21  64  64  PHE PHE A . n 
A 1 22  TYR 22  65  65  TYR TYR A . n 
A 1 23  VAL 23  66  66  VAL VAL A . n 
A 1 24  SER 24  67  67  SER SER A . n 
A 1 25  ILE 25  68  68  ILE ILE A . n 
A 1 26  ASP 26  69  69  ASP ASP A . n 
A 1 27  LYS 27  70  70  LYS LYS A . n 
A 1 28  ILE 28  71  71  ILE ILE A . n 
A 1 29  PRO 29  72  72  PRO PRO A . n 
A 1 30  GLU 30  73  73  GLU GLU A . n 
A 1 31  HIS 31  74  74  HIS HIS A . n 
A 1 32  VAL 32  75  75  VAL VAL A . n 
A 1 33  ILE 33  76  76  ILE ILE A . n 
A 1 34  ASN 34  77  77  ASN ASN A . n 
A 1 35  ALA 35  78  78  ALA ALA A . n 
A 1 36  PHE 36  79  79  PHE PHE A . n 
A 1 37  VAL 37  80  80  VAL VAL A . n 
A 1 38  ALA 38  81  81  ALA ALA A . n 
A 1 39  THR 39  82  82  THR THR A . n 
A 1 40  GLU 40  83  83  GLU GLU A . n 
A 1 41  ASP 41  84  84  ASP ASP A . n 
A 1 42  ARG 42  85  85  ARG ARG A . n 
A 1 43  ASN 43  86  86  ASN ASN A . n 
A 1 44  PHE 44  87  87  PHE PHE A . n 
A 1 45  TRP 45  88  88  TRP TRP A . n 
A 1 46  HIS 46  89  89  HIS HIS A . n 
A 1 47  HIS 47  90  90  HIS HIS A . n 
A 1 48  PHE 48  91  91  PHE PHE A . n 
A 1 49  GLY 49  92  92  GLY GLY A . n 
A 1 50  ILE 50  93  93  ILE ILE A . n 
A 1 51  ASP 51  94  94  ASP ASP A . n 
A 1 52  PRO 52  95  95  PRO PRO A . n 
A 1 53  VAL 53  96  96  VAL VAL A . n 
A 1 54  ALA 54  97  97  ALA ALA A . n 
A 1 55  ILE 55  98  98  ILE ILE A . n 
A 1 56  VAL 56  99  99  VAL VAL A . n 
A 1 57  ARG 57  100 100 ARG ARG A . n 
A 1 58  ALA 58  101 101 ALA ALA A . n 
A 1 59  ALA 59  102 102 ALA ALA A . n 
A 1 60  ILE 60  103 103 ILE ILE A . n 
A 1 61  VAL 61  104 104 VAL VAL A . n 
A 1 62  ASN 62  105 105 ASN ASN A . n 
A 1 63  TYR 63  106 ?   ?   ?   A . n 
A 1 64  ARG 64  107 ?   ?   ?   A . n 
A 1 65  ALA 65  108 ?   ?   ?   A . n 
A 1 66  GLY 66  109 ?   ?   ?   A . n 
A 1 67  ARG 67  110 ?   ?   ?   A . n 
A 1 68  ILE 68  111 ?   ?   ?   A . n 
A 1 69  VAL 69  112 112 VAL VAL A . n 
A 1 70  GLN 70  113 113 GLN GLN A . n 
A 1 71  GLY 71  114 114 GLY GLY A . n 
A 1 72  GLY 72  115 115 GLY GLY A . n 
A 1 73  SER 73  116 116 SER SER A . n 
A 1 74  THR 74  117 117 THR THR A . n 
A 1 75  ILE 75  118 118 ILE ILE A . n 
A 1 76  THR 76  119 119 THR THR A . n 
A 1 77  GLN 77  120 120 GLN GLN A . n 
A 1 78  GLN 78  121 121 GLN GLN A . n 
A 1 79  LEU 79  122 122 LEU LEU A . n 
A 1 80  ALA 80  123 123 ALA ALA A . n 
A 1 81  LYS 81  124 124 LYS LYS A . n 
A 1 82  ASN 82  125 125 ASN ASN A . n 
A 1 83  LEU 83  126 126 LEU LEU A . n 
A 1 84  PHE 84  127 127 PHE PHE A . n 
A 1 85  LEU 85  128 128 LEU LEU A . n 
A 1 86  THR 86  129 129 THR THR A . n 
A 1 87  ARG 87  130 130 ARG ARG A . n 
A 1 88  GLU 88  131 131 GLU GLU A . n 
A 1 89  ARG 89  132 132 ARG ARG A . n 
A 1 90  THR 90  133 133 THR THR A . n 
A 1 91  LEU 91  134 134 LEU LEU A . n 
A 1 92  GLU 92  135 135 GLU GLU A . n 
A 1 93  ARG 93  136 136 ARG ARG A . n 
A 1 94  LYS 94  137 137 LYS LYS A . n 
A 1 95  ILE 95  138 138 ILE ILE A . n 
A 1 96  LYS 96  139 139 LYS LYS A . n 
A 1 97  GLU 97  140 140 GLU GLU A . n 
A 1 98  ALA 98  141 141 ALA ALA A . n 
A 1 99  LEU 99  142 142 LEU LEU A . n 
A 1 100 LEU 100 143 143 LEU LEU A . n 
A 1 101 ALA 101 144 144 ALA ALA A . n 
A 1 102 ILE 102 145 145 ILE ILE A . n 
A 1 103 LYS 103 146 146 LYS LYS A . n 
A 1 104 ILE 104 147 147 ILE ILE A . n 
A 1 105 GLU 105 148 148 GLU GLU A . n 
A 1 106 ARG 106 149 149 ARG ARG A . n 
A 1 107 THR 107 150 150 THR THR A . n 
A 1 108 PHE 108 151 151 PHE PHE A . n 
A 1 109 ASP 109 152 152 ASP ASP A . n 
A 1 110 LYS 110 153 153 LYS LYS A . n 
A 1 111 LYS 111 154 154 LYS LYS A . n 
A 1 112 LYS 112 155 155 LYS LYS A . n 
A 1 113 ILE 113 156 156 ILE ILE A . n 
A 1 114 MET 114 157 157 MET MET A . n 
A 1 115 GLU 115 158 158 GLU GLU A . n 
A 1 116 LEU 116 159 159 LEU LEU A . n 
A 1 117 TYR 117 160 160 TYR TYR A . n 
A 1 118 LEU 118 161 161 LEU LEU A . n 
A 1 119 ASN 119 162 162 ASN ASN A . n 
A 1 120 GLN 120 163 163 GLN GLN A . n 
A 1 121 ILE 121 164 164 ILE ILE A . n 
A 1 122 TYR 122 165 165 TYR TYR A . n 
A 1 123 LEU 123 166 166 LEU LEU A . n 
A 1 124 GLY 124 167 167 GLY GLY A . n 
A 1 125 SER 125 168 168 SER SER A . n 
A 1 126 GLY 126 169 169 GLY GLY A . n 
A 1 127 ALA 127 170 170 ALA ALA A . n 
A 1 128 TYR 128 171 171 TYR TYR A . n 
A 1 129 GLY 129 172 172 GLY GLY A . n 
A 1 130 VAL 130 173 173 VAL VAL A . n 
A 1 131 GLU 131 174 174 GLU GLU A . n 
A 1 132 ALA 132 175 175 ALA ALA A . n 
A 1 133 ALA 133 176 176 ALA ALA A . n 
A 1 134 ALA 134 177 177 ALA ALA A . n 
A 1 135 GLN 135 178 178 GLN GLN A . n 
A 1 136 VAL 136 179 179 VAL VAL A . n 
A 1 137 TYR 137 180 180 TYR TYR A . n 
A 1 138 PHE 138 181 181 PHE PHE A . n 
A 1 139 GLY 139 182 182 GLY GLY A . n 
A 1 140 LYS 140 183 183 LYS LYS A . n 
A 1 141 HIS 141 184 184 HIS HIS A . n 
A 1 142 VAL 142 185 185 VAL VAL A . n 
A 1 143 TRP 143 186 186 TRP TRP A . n 
A 1 144 GLU 144 187 187 GLU GLU A . n 
A 1 145 LEU 145 188 188 LEU LEU A . n 
A 1 146 SER 146 189 189 SER SER A . n 
A 1 147 LEU 147 190 190 LEU LEU A . n 
A 1 148 ASP 148 191 191 ASP ASP A . n 
A 1 149 GLU 149 192 192 GLU GLU A . n 
A 1 150 ALA 150 193 193 ALA ALA A . n 
A 1 151 ALA 151 194 194 ALA ALA A . n 
A 1 152 LEU 152 195 195 LEU LEU A . n 
A 1 153 LEU 153 196 196 LEU LEU A . n 
A 1 154 ALA 154 197 197 ALA ALA A . n 
A 1 155 ALA 155 198 198 ALA ALA A . n 
A 1 156 LEU 156 199 199 LEU LEU A . n 
A 1 157 PRO 157 200 200 PRO PRO A . n 
A 1 158 LYS 158 201 201 LYS LYS A . n 
A 1 159 ALA 159 202 202 ALA ALA A . n 
A 1 160 PRO 160 203 203 PRO PRO A . n 
A 1 161 ALA 161 204 204 ALA ALA A . n 
A 1 162 LYS 162 205 205 LYS LYS A . n 
A 1 163 TYR 163 206 206 TYR TYR A . n 
A 1 164 ASN 164 207 207 ASN ASN A . n 
A 1 165 PRO 165 208 208 PRO PRO A . n 
A 1 166 PHE 166 209 209 PHE PHE A . n 
A 1 167 TYR 167 210 210 TYR TYR A . n 
A 1 168 HIS 168 211 211 HIS HIS A . n 
A 1 169 PRO 169 212 212 PRO PRO A . n 
A 1 170 GLU 170 213 213 GLU GLU A . n 
A 1 171 ARG 171 214 214 ARG ARG A . n 
A 1 172 ALA 172 215 215 ALA ALA A . n 
A 1 173 LEU 173 216 216 LEU LEU A . n 
A 1 174 GLN 174 217 217 GLN GLN A . n 
A 1 175 ARG 175 218 218 ARG ARG A . n 
A 1 176 ARG 176 219 219 ARG ARG A . n 
A 1 177 ASN 177 220 220 ASN ASN A . n 
A 1 178 LEU 178 221 221 LEU LEU A . n 
A 1 179 VAL 179 222 222 VAL VAL A . n 
A 1 180 LEU 180 223 223 LEU LEU A . n 
A 1 181 LYS 181 224 224 LYS LYS A . n 
A 1 182 ARG 182 225 225 ARG ARG A . n 
A 1 183 MET 183 226 226 MET MET A . n 
A 1 184 LEU 184 227 227 LEU LEU A . n 
A 1 185 GLU 185 228 228 GLU GLU A . n 
A 1 186 GLU 186 229 229 GLU GLU A . n 
A 1 187 GLY 187 230 230 GLY GLY A . n 
A 1 188 TYR 188 231 231 TYR TYR A . n 
A 1 189 ILE 189 232 232 ILE ILE A . n 
A 1 190 THR 190 233 233 THR THR A . n 
A 1 191 PRO 191 234 234 PRO PRO A . n 
A 1 192 GLU 192 235 235 GLU GLU A . n 
A 1 193 GLN 193 236 236 GLN GLN A . n 
A 1 194 TYR 194 237 237 TYR TYR A . n 
A 1 195 GLU 195 238 238 GLU GLU A . n 
A 1 196 GLU 196 239 239 GLU GLU A . n 
A 1 197 ALA 197 240 240 ALA ALA A . n 
A 1 198 VAL 198 241 241 VAL VAL A . n 
A 1 199 ASN 199 242 242 ASN ASN A . n 
A 1 200 LYS 200 243 243 LYS LYS A . n 
# 
loop_
_pdbx_nonpoly_scheme.asym_id 
_pdbx_nonpoly_scheme.entity_id 
_pdbx_nonpoly_scheme.mon_id 
_pdbx_nonpoly_scheme.ndb_seq_num 
_pdbx_nonpoly_scheme.pdb_seq_num 
_pdbx_nonpoly_scheme.auth_seq_num 
_pdbx_nonpoly_scheme.pdb_mon_id 
_pdbx_nonpoly_scheme.auth_mon_id 
_pdbx_nonpoly_scheme.pdb_strand_id 
_pdbx_nonpoly_scheme.pdb_ins_code 
B 2 EPE 1  244 101 EPE EPE A . 
C 3 CPS 1  245 102 CPS CPS A . 
D 4 HOH 1  246 1   HOH HOH A . 
D 4 HOH 2  247 2   HOH HOH A . 
D 4 HOH 3  248 3   HOH HOH A . 
D 4 HOH 4  249 4   HOH HOH A . 
D 4 HOH 5  250 5   HOH HOH A . 
D 4 HOH 6  251 6   HOH HOH A . 
D 4 HOH 7  252 7   HOH HOH A . 
D 4 HOH 8  253 8   HOH HOH A . 
D 4 HOH 9  254 9   HOH HOH A . 
D 4 HOH 10 255 10  HOH HOH A . 
D 4 HOH 11 256 11  HOH HOH A . 
D 4 HOH 12 257 12  HOH HOH A . 
D 4 HOH 13 258 13  HOH HOH A . 
D 4 HOH 14 259 14  HOH HOH A . 
D 4 HOH 15 260 15  HOH HOH A . 
D 4 HOH 16 261 16  HOH HOH A . 
D 4 HOH 17 262 17  HOH HOH A . 
D 4 HOH 18 263 18  HOH HOH A . 
D 4 HOH 19 264 19  HOH HOH A . 
D 4 HOH 20 265 20  HOH HOH A . 
D 4 HOH 21 266 21  HOH HOH A . 
D 4 HOH 22 267 22  HOH HOH A . 
D 4 HOH 23 268 23  HOH HOH A . 
D 4 HOH 24 269 24  HOH HOH A . 
D 4 HOH 25 270 25  HOH HOH A . 
D 4 HOH 26 271 26  HOH HOH A . 
D 4 HOH 27 272 27  HOH HOH A . 
D 4 HOH 28 273 28  HOH HOH A . 
D 4 HOH 29 274 29  HOH HOH A . 
D 4 HOH 30 275 30  HOH HOH A . 
D 4 HOH 31 276 31  HOH HOH A . 
D 4 HOH 32 277 32  HOH HOH A . 
D 4 HOH 33 278 33  HOH HOH A . 
D 4 HOH 34 279 34  HOH HOH A . 
D 4 HOH 35 280 35  HOH HOH A . 
D 4 HOH 36 281 36  HOH HOH A . 
D 4 HOH 37 282 37  HOH HOH A . 
D 4 HOH 38 283 38  HOH HOH A . 
D 4 HOH 39 284 39  HOH HOH A . 
D 4 HOH 40 285 40  HOH HOH A . 
D 4 HOH 41 286 41  HOH HOH A . 
D 4 HOH 42 287 42  HOH HOH A . 
D 4 HOH 43 288 43  HOH HOH A . 
D 4 HOH 44 289 44  HOH HOH A . 
D 4 HOH 45 290 45  HOH HOH A . 
D 4 HOH 46 291 46  HOH HOH A . 
D 4 HOH 47 292 47  HOH HOH A . 
D 4 HOH 48 293 48  HOH HOH A . 
D 4 HOH 49 294 49  HOH HOH A . 
D 4 HOH 50 295 50  HOH HOH A . 
D 4 HOH 51 296 51  HOH HOH A . 
D 4 HOH 52 297 52  HOH HOH A . 
D 4 HOH 53 298 53  HOH HOH A . 
D 4 HOH 54 299 54  HOH HOH A . 
D 4 HOH 55 300 55  HOH HOH A . 
D 4 HOH 56 301 56  HOH HOH A . 
D 4 HOH 57 302 57  HOH HOH A . 
D 4 HOH 58 303 59  HOH HOH A . 
D 4 HOH 59 304 60  HOH HOH A . 
D 4 HOH 60 305 62  HOH HOH A . 
D 4 HOH 61 306 63  HOH HOH A . 
D 4 HOH 62 307 64  HOH HOH A . 
D 4 HOH 63 308 65  HOH HOH A . 
D 4 HOH 64 309 67  HOH HOH A . 
D 4 HOH 65 310 68  HOH HOH A . 
D 4 HOH 66 311 69  HOH HOH A . 
D 4 HOH 67 312 70  HOH HOH A . 
D 4 HOH 68 313 71  HOH HOH A . 
D 4 HOH 69 314 72  HOH HOH A . 
D 4 HOH 70 315 73  HOH HOH A . 
D 4 HOH 71 316 74  HOH HOH A . 
D 4 HOH 72 317 75  HOH HOH A . 
D 4 HOH 73 318 76  HOH HOH A . 
D 4 HOH 74 319 77  HOH HOH A . 
D 4 HOH 75 320 78  HOH HOH A . 
D 4 HOH 76 321 79  HOH HOH A . 
D 4 HOH 77 322 80  HOH HOH A . 
D 4 HOH 78 323 81  HOH HOH A . 
D 4 HOH 79 324 82  HOH HOH A . 
D 4 HOH 80 325 83  HOH HOH A . 
D 4 HOH 81 326 84  HOH HOH A . 
D 4 HOH 82 327 85  HOH HOH A . 
D 4 HOH 83 328 86  HOH HOH A . 
D 4 HOH 84 329 87  HOH HOH A . 
D 4 HOH 85 330 88  HOH HOH A . 
D 4 HOH 86 331 89  HOH HOH A . 
D 4 HOH 87 332 90  HOH HOH A . 
D 4 HOH 88 333 91  HOH HOH A . 
D 4 HOH 89 334 93  HOH HOH A . 
D 4 HOH 90 335 94  HOH HOH A . 
D 4 HOH 91 336 95  HOH HOH A . 
D 4 HOH 92 337 96  HOH HOH A . 
D 4 HOH 93 338 97  HOH HOH A . 
D 4 HOH 94 339 98  HOH HOH A . 
# 
loop_
_software.name 
_software.classification 
_software.version 
_software.citation_id 
_software.pdbx_ordinal 
CNS       refinement        1.2 ? 1 
HKL-2000  'data collection' .   ? 2 
HKL-2000  'data reduction'  .   ? 3 
SCALEPACK 'data scaling'    .   ? 4 
SnB       phasing           .   ? 5 
# 
_cell.entry_id           2OQO 
_cell.length_a           54.817 
_cell.length_b           100.305 
_cell.length_c           104.012 
_cell.angle_alpha        90.00 
_cell.angle_beta         90.00 
_cell.angle_gamma        90.00 
_cell.Z_PDB              8 
_cell.pdbx_unique_axis   ? 
_cell.length_a_esd       ? 
_cell.length_b_esd       ? 
_cell.length_c_esd       ? 
_cell.angle_alpha_esd    ? 
_cell.angle_beta_esd     ? 
_cell.angle_gamma_esd    ? 
# 
_symmetry.entry_id                         2OQO 
_symmetry.space_group_name_H-M             'I 2 2 2' 
_symmetry.pdbx_full_space_group_name_H-M   ? 
_symmetry.cell_setting                     ? 
_symmetry.Int_Tables_number                23 
_symmetry.space_group_name_Hall            ? 
# 
_exptl.entry_id          2OQO 
_exptl.method            'X-RAY DIFFRACTION' 
_exptl.crystals_number   1 
# 
_exptl_crystal.id                    1 
_exptl_crystal.density_meas          ? 
_exptl_crystal.density_Matthews      3.32 
_exptl_crystal.density_percent_sol   62.96 
_exptl_crystal.description           ? 
_exptl_crystal.F_000                 ? 
_exptl_crystal.preparation           ? 
# 
_exptl_crystal_grow.crystal_id      1 
_exptl_crystal_grow.method          'VAPOR DIFFUSION, HANGING DROP' 
_exptl_crystal_grow.temp            295 
_exptl_crystal_grow.temp_details    ? 
_exptl_crystal_grow.pH              7.5 
_exptl_crystal_grow.pdbx_details    '100 mM HEPES, 6% PEG6K, pH 7.5, VAPOR DIFFUSION, HANGING DROP, temperature 295K' 
_exptl_crystal_grow.pdbx_pH_range   . 
# 
_diffrn.id                     1 
_diffrn.ambient_temp           100 
_diffrn.ambient_temp_details   ? 
_diffrn.crystal_id             1 
# 
_diffrn_detector.diffrn_id              1 
_diffrn_detector.detector               CCD 
_diffrn_detector.type                   'ADSC QUANTUM 315' 
_diffrn_detector.pdbx_collection_date   2006-12-13 
_diffrn_detector.details                ? 
# 
_diffrn_radiation.diffrn_id                        1 
_diffrn_radiation.wavelength_id                    1 
_diffrn_radiation.pdbx_monochromatic_or_laue_m_l   M 
_diffrn_radiation.monochromator                    Si 
_diffrn_radiation.pdbx_diffrn_protocol             'SINGLE WAVELENGTH' 
_diffrn_radiation.pdbx_scattering_type             x-ray 
# 
_diffrn_radiation_wavelength.id           1 
_diffrn_radiation_wavelength.wavelength   0.9792 
_diffrn_radiation_wavelength.wt           1.0 
# 
_diffrn_source.diffrn_id                   1 
_diffrn_source.source                      SYNCHROTRON 
_diffrn_source.type                        'APS BEAMLINE 24-ID-C' 
_diffrn_source.pdbx_synchrotron_site       APS 
_diffrn_source.pdbx_synchrotron_beamline   24-ID-C 
_diffrn_source.pdbx_wavelength             0.9792 
_diffrn_source.pdbx_wavelength_list        ? 
# 
_reflns.entry_id                     2OQO 
_reflns.observed_criterion_sigma_I   0 
_reflns.observed_criterion_sigma_F   0 
_reflns.d_resolution_low             50 
_reflns.d_resolution_high            2.05 
_reflns.number_obs                   17625 
_reflns.number_all                   18359 
_reflns.percent_possible_obs         96 
_reflns.pdbx_Rmerge_I_obs            0.051 
_reflns.pdbx_Rsym_value              0.051 
_reflns.pdbx_netI_over_sigmaI        56.9 
_reflns.B_iso_Wilson_estimate        28.4 
_reflns.pdbx_redundancy              13.7 
_reflns.R_free_details               ? 
_reflns.limit_h_max                  ? 
_reflns.limit_h_min                  ? 
_reflns.limit_k_max                  ? 
_reflns.limit_k_min                  ? 
_reflns.limit_l_max                  ? 
_reflns.limit_l_min                  ? 
_reflns.observed_criterion_F_max     ? 
_reflns.observed_criterion_F_min     ? 
_reflns.pdbx_chi_squared             ? 
_reflns.pdbx_scaling_rejects         ? 
_reflns.pdbx_ordinal                 1 
_reflns.pdbx_diffrn_id               1 
# 
_reflns_shell.d_res_high             2.05 
_reflns_shell.d_res_low              2.12 
_reflns_shell.percent_possible_all   81.9 
_reflns_shell.Rmerge_I_obs           0.39 
_reflns_shell.pdbx_Rsym_value        0.39 
_reflns_shell.meanI_over_sigI_obs    4.3 
_reflns_shell.pdbx_redundancy        11.5 
_reflns_shell.percent_possible_obs   ? 
_reflns_shell.number_unique_all      ? 
_reflns_shell.number_measured_all    ? 
_reflns_shell.number_measured_obs    ? 
_reflns_shell.number_unique_obs      ? 
_reflns_shell.pdbx_chi_squared       ? 
_reflns_shell.pdbx_ordinal           1 
_reflns_shell.pdbx_diffrn_id         1 
# 
_refine.entry_id                                 2OQO 
_refine.ls_number_reflns_obs                     16640 
_refine.ls_number_reflns_all                     ? 
_refine.pdbx_ls_sigma_I                          ? 
_refine.pdbx_ls_sigma_F                          0.0 
_refine.pdbx_data_cutoff_high_absF               1828907.67 
_refine.pdbx_data_cutoff_low_absF                0.000000 
_refine.pdbx_data_cutoff_high_rms_absF           ? 
_refine.ls_d_res_low                             32.77 
_refine.ls_d_res_high                            2.10 
_refine.ls_percent_reflns_obs                    97.1 
_refine.ls_R_factor_obs                          0.218 
_refine.ls_R_factor_all                          ? 
_refine.ls_R_factor_R_work                       0.218 
_refine.ls_R_factor_R_free                       0.244 
_refine.ls_R_factor_R_free_error                 0.008 
_refine.ls_R_factor_R_free_error_details         ? 
_refine.ls_percent_reflns_R_free                 5.8 
_refine.ls_number_reflns_R_free                  962 
_refine.ls_number_parameters                     ? 
_refine.ls_number_restraints                     ? 
_refine.occupancy_min                            ? 
_refine.occupancy_max                            ? 
_refine.correlation_coeff_Fo_to_Fc               ? 
_refine.correlation_coeff_Fo_to_Fc_free          ? 
_refine.B_iso_mean                               56.5 
_refine.aniso_B[1][1]                            -12.19 
_refine.aniso_B[2][2]                            -14.87 
_refine.aniso_B[3][3]                            27.06 
_refine.aniso_B[1][2]                            0.00 
_refine.aniso_B[1][3]                            0.00 
_refine.aniso_B[2][3]                            0.00 
_refine.solvent_model_details                    'FLAT MODEL' 
_refine.solvent_model_param_ksol                 0.4 
_refine.solvent_model_param_bsol                 81.4282 
_refine.pdbx_solvent_vdw_probe_radii             ? 
_refine.pdbx_solvent_ion_probe_radii             ? 
_refine.pdbx_solvent_shrinkage_radii             ? 
_refine.pdbx_ls_cross_valid_method               THROUGHOUT 
_refine.details                                  'BULK SOLVENT MODEL USED' 
_refine.pdbx_starting_model                      ? 
_refine.pdbx_method_to_determine_struct          SAD 
_refine.pdbx_isotropic_thermal_model             RESTRAINED 
_refine.pdbx_stereochemistry_target_values       ? 
_refine.pdbx_stereochem_target_val_spec_case     ? 
_refine.pdbx_R_Free_selection_details            RANDOM 
_refine.pdbx_overall_ESU_R                       ? 
_refine.pdbx_overall_ESU_R_Free                  ? 
_refine.overall_SU_ML                            ? 
_refine.overall_SU_B                             ? 
_refine.ls_redundancy_reflns_obs                 ? 
_refine.B_iso_min                                ? 
_refine.B_iso_max                                ? 
_refine.overall_SU_R_Cruickshank_DPI             ? 
_refine.overall_SU_R_free                        ? 
_refine.ls_wR_factor_R_free                      ? 
_refine.ls_wR_factor_R_work                      ? 
_refine.overall_FOM_free_R_set                   ? 
_refine.overall_FOM_work_R_set                   ? 
_refine.pdbx_refine_id                           'X-RAY DIFFRACTION' 
_refine.pdbx_diffrn_id                           1 
_refine.pdbx_TLS_residual_ADP_flag               ? 
_refine.pdbx_overall_phase_error                 ? 
_refine.pdbx_overall_SU_R_free_Cruickshank_DPI   ? 
_refine.pdbx_overall_SU_R_Blow_DPI               ? 
_refine.pdbx_overall_SU_R_free_Blow_DPI          ? 
# 
_refine_analyze.entry_id                        2OQO 
_refine_analyze.Luzzati_coordinate_error_obs    0.26 
_refine_analyze.Luzzati_sigma_a_obs             0.30 
_refine_analyze.Luzzati_d_res_low_obs           5.00 
_refine_analyze.Luzzati_coordinate_error_free   0.29 
_refine_analyze.Luzzati_sigma_a_free            0.33 
_refine_analyze.Luzzati_d_res_low_free          ? 
_refine_analyze.number_disordered_residues      ? 
_refine_analyze.occupancy_sum_hydrogen          ? 
_refine_analyze.occupancy_sum_non_hydrogen      ? 
_refine_analyze.pdbx_Luzzati_d_res_high_obs     ? 
_refine_analyze.pdbx_refine_id                  'X-RAY DIFFRACTION' 
# 
_refine_hist.pdbx_refine_id                   'X-RAY DIFFRACTION' 
_refine_hist.cycle_id                         LAST 
_refine_hist.pdbx_number_atoms_protein        1471 
_refine_hist.pdbx_number_atoms_nucleic_acid   0 
_refine_hist.pdbx_number_atoms_ligand         57 
_refine_hist.number_atoms_solvent             94 
_refine_hist.number_atoms_total               1622 
_refine_hist.d_res_high                       2.10 
_refine_hist.d_res_low                        32.77 
# 
loop_
_refine_ls_restr.type 
_refine_ls_restr.dev_ideal 
_refine_ls_restr.dev_ideal_target 
_refine_ls_restr.weight 
_refine_ls_restr.number 
_refine_ls_restr.pdbx_refine_id 
_refine_ls_restr.pdbx_restraint_function 
c_bond_d                0.008 ?    ? ? 'X-RAY DIFFRACTION' ? 
c_bond_d_na             ?     ?    ? ? 'X-RAY DIFFRACTION' ? 
c_bond_d_prot           ?     ?    ? ? 'X-RAY DIFFRACTION' ? 
c_angle_d               ?     ?    ? ? 'X-RAY DIFFRACTION' ? 
c_angle_d_na            ?     ?    ? ? 'X-RAY DIFFRACTION' ? 
c_angle_d_prot          ?     ?    ? ? 'X-RAY DIFFRACTION' ? 
c_angle_deg             1.1   ?    ? ? 'X-RAY DIFFRACTION' ? 
c_angle_deg_na          ?     ?    ? ? 'X-RAY DIFFRACTION' ? 
c_angle_deg_prot        ?     ?    ? ? 'X-RAY DIFFRACTION' ? 
c_dihedral_angle_d      22.3  ?    ? ? 'X-RAY DIFFRACTION' ? 
c_dihedral_angle_d_na   ?     ?    ? ? 'X-RAY DIFFRACTION' ? 
c_dihedral_angle_d_prot ?     ?    ? ? 'X-RAY DIFFRACTION' ? 
c_improper_angle_d      0.77  ?    ? ? 'X-RAY DIFFRACTION' ? 
c_improper_angle_d_na   ?     ?    ? ? 'X-RAY DIFFRACTION' ? 
c_improper_angle_d_prot ?     ?    ? ? 'X-RAY DIFFRACTION' ? 
c_mcbond_it             1.50  1.50 ? ? 'X-RAY DIFFRACTION' ? 
c_mcangle_it            2.48  2.00 ? ? 'X-RAY DIFFRACTION' ? 
c_scbond_it             2.19  2.00 ? ? 'X-RAY DIFFRACTION' ? 
c_scangle_it            3.38  2.50 ? ? 'X-RAY DIFFRACTION' ? 
# 
_refine_ls_shell.pdbx_total_number_of_bins_used   6 
_refine_ls_shell.d_res_high                       2.10 
_refine_ls_shell.d_res_low                        2.23 
_refine_ls_shell.number_reflns_R_work             2288 
_refine_ls_shell.R_factor_R_work                  0.281 
_refine_ls_shell.percent_reflns_obs               87.1 
_refine_ls_shell.R_factor_R_free                  0.3 
_refine_ls_shell.R_factor_R_free_error            0.026 
_refine_ls_shell.percent_reflns_R_free            5.6 
_refine_ls_shell.number_reflns_R_free             136 
_refine_ls_shell.number_reflns_all                ? 
_refine_ls_shell.R_factor_all                     ? 
_refine_ls_shell.redundancy_reflns_obs            ? 
_refine_ls_shell.number_reflns_obs                ? 
_refine_ls_shell.pdbx_refine_id                   'X-RAY DIFFRACTION' 
# 
loop_
_pdbx_xplor_file.serial_no 
_pdbx_xplor_file.param_file 
_pdbx_xplor_file.topol_file 
_pdbx_xplor_file.pdbx_refine_id 
1 protein_rep.param protein.top 'X-RAY DIFFRACTION' 
2 water_rep.param   water.top   'X-RAY DIFFRACTION' 
3 ligands.param     ligands.top 'X-RAY DIFFRACTION' 
# 
_struct.entry_id                  2OQO 
_struct.title                     
'Crystal structure of a peptidoglycan glycosyltransferase from a class A PBP: insight into bacterial cell wall synthesis' 
_struct.pdbx_model_details        ? 
_struct.pdbx_CASP_flag            N 
_struct.pdbx_model_type_details   ? 
# 
_struct_keywords.entry_id        2OQO 
_struct_keywords.pdbx_keywords   TRANSFERASE 
_struct_keywords.text            TRANSFERASE 
# 
loop_
_struct_asym.id 
_struct_asym.pdbx_blank_PDB_chainid_flag 
_struct_asym.pdbx_modified 
_struct_asym.entity_id 
_struct_asym.details 
A N N 1 ? 
B N N 2 ? 
C N N 3 ? 
D N N 4 ? 
# 
_struct_ref.id                         1 
_struct_ref.db_name                    UNP 
_struct_ref.db_code                    PBPA_AQUAE 
_struct_ref.pdbx_db_accession          O66874 
_struct_ref.entity_id                  1 
_struct_ref.pdbx_seq_one_letter_code   
;TIGIQKRFYVSIDKIPEHVINAFVATEDRNFWHHFGIDPVAIVRAAIVNYRAGRIVQGGSTITQQLAKNLFLTRERTLER
KIKEALLAIKIERTFDKKKIMELYLNQIYLGSGAYGVEAAAQVYFGKHVWELSLDEAALLAALPKAPAKYNPFYHPERAL
QRRNLVLKRMLEEGYITPEQYEEAVNK
;
_struct_ref.pdbx_align_begin           57 
_struct_ref.pdbx_db_isoform            ? 
# 
_struct_ref_seq.align_id                      1 
_struct_ref_seq.ref_id                        1 
_struct_ref_seq.pdbx_PDB_id_code              2OQO 
_struct_ref_seq.pdbx_strand_id                A 
_struct_ref_seq.seq_align_beg                 8 
_struct_ref_seq.pdbx_seq_align_beg_ins_code   ? 
_struct_ref_seq.seq_align_end                 200 
_struct_ref_seq.pdbx_seq_align_end_ins_code   ? 
_struct_ref_seq.pdbx_db_accession             O66874 
_struct_ref_seq.db_align_beg                  51 
_struct_ref_seq.pdbx_db_align_beg_ins_code    ? 
_struct_ref_seq.db_align_end                  243 
_struct_ref_seq.pdbx_db_align_end_ins_code    ? 
_struct_ref_seq.pdbx_auth_seq_align_beg       51 
_struct_ref_seq.pdbx_auth_seq_align_end       243 
# 
loop_
_struct_ref_seq_dif.align_id 
_struct_ref_seq_dif.pdbx_pdb_id_code 
_struct_ref_seq_dif.mon_id 
_struct_ref_seq_dif.pdbx_pdb_strand_id 
_struct_ref_seq_dif.seq_num 
_struct_ref_seq_dif.pdbx_pdb_ins_code 
_struct_ref_seq_dif.pdbx_seq_db_name 
_struct_ref_seq_dif.pdbx_seq_db_accession_code 
_struct_ref_seq_dif.db_mon_id 
_struct_ref_seq_dif.pdbx_seq_db_seq_num 
_struct_ref_seq_dif.details 
_struct_ref_seq_dif.pdbx_auth_seq_num 
_struct_ref_seq_dif.pdbx_ordinal 
1 2OQO GLY A 1 ? UNP O66874 ? ? 'cloning artifact' 44 1 
1 2OQO PRO A 2 ? UNP O66874 ? ? 'cloning artifact' 45 2 
1 2OQO GLY A 3 ? UNP O66874 ? ? 'cloning artifact' 46 3 
1 2OQO TYR A 4 ? UNP O66874 ? ? 'cloning artifact' 47 4 
1 2OQO GLN A 5 ? UNP O66874 ? ? 'cloning artifact' 48 5 
1 2OQO ASP A 6 ? UNP O66874 ? ? 'cloning artifact' 49 6 
1 2OQO PRO A 7 ? UNP O66874 ? ? 'cloning artifact' 50 7 
# 
_pdbx_struct_assembly.id                   1 
_pdbx_struct_assembly.details              author_defined_assembly 
_pdbx_struct_assembly.method_details       ? 
_pdbx_struct_assembly.oligomeric_details   dimeric 
_pdbx_struct_assembly.oligomeric_count     2 
# 
_pdbx_struct_assembly_gen.assembly_id       1 
_pdbx_struct_assembly_gen.oper_expression   1,2 
_pdbx_struct_assembly_gen.asym_id_list      A,B,C,D 
# 
loop_
_pdbx_struct_oper_list.id 
_pdbx_struct_oper_list.type 
_pdbx_struct_oper_list.name 
_pdbx_struct_oper_list.symmetry_operation 
_pdbx_struct_oper_list.matrix[1][1] 
_pdbx_struct_oper_list.matrix[1][2] 
_pdbx_struct_oper_list.matrix[1][3] 
_pdbx_struct_oper_list.vector[1] 
_pdbx_struct_oper_list.matrix[2][1] 
_pdbx_struct_oper_list.matrix[2][2] 
_pdbx_struct_oper_list.matrix[2][3] 
_pdbx_struct_oper_list.vector[2] 
_pdbx_struct_oper_list.matrix[3][1] 
_pdbx_struct_oper_list.matrix[3][2] 
_pdbx_struct_oper_list.matrix[3][3] 
_pdbx_struct_oper_list.vector[3] 
1 'identity operation'         1_555 x,y,z       1.0000000000 0.0000000000 0.0000000000  0.0000000000   0.0000000000 1.0000000000  0.0000000000  0.0000000000  0.0000000000  0.0000000000  1.0000000000  0.0000000000   
2 'crystal symmetry operation' 2_665 -x+1,-y+1,z 0.3150212425 0.6412909508 -0.6996481496 -18.9899832861 0.6412909508 -0.6872643040 -0.3411945089 16.8485272282 -0.6996481496 -0.3411945089 -0.6277569386 -20.2493544500 
# 
_struct_biol.id                    1 
_struct_biol.details               
;The second part of the biological assembly is generated 
by the two fold axis:  -x, -y, z.
;
_struct_biol.pdbx_parent_biol_id   ? 
# 
loop_
_struct_conf.conf_type_id 
_struct_conf.id 
_struct_conf.pdbx_PDB_helix_id 
_struct_conf.beg_label_comp_id 
_struct_conf.beg_label_asym_id 
_struct_conf.beg_label_seq_id 
_struct_conf.pdbx_beg_PDB_ins_code 
_struct_conf.end_label_comp_id 
_struct_conf.end_label_asym_id 
_struct_conf.end_label_seq_id 
_struct_conf.pdbx_end_PDB_ins_code 
_struct_conf.beg_auth_comp_id 
_struct_conf.beg_auth_asym_id 
_struct_conf.beg_auth_seq_id 
_struct_conf.end_auth_comp_id 
_struct_conf.end_auth_asym_id 
_struct_conf.end_auth_seq_id 
_struct_conf.pdbx_PDB_helix_class 
_struct_conf.details 
_struct_conf.pdbx_PDB_helix_length 
HELX_P HELX_P1  1  GLY A 16  ? ARG A 20  ? GLY A 59  ARG A 63  5 ? 5  
HELX_P HELX_P2  2  SER A 24  ? ILE A 28  ? SER A 67  ILE A 71  5 ? 5  
HELX_P HELX_P3  3  PRO A 29  ? ASP A 41  ? PRO A 72  ASP A 84  1 ? 13 
HELX_P HELX_P4  4  ASP A 51  ? ILE A 60  ? ASP A 94  ILE A 103 1 ? 10 
HELX_P HELX_P5  5  THR A 74  ? ASN A 82  ? THR A 117 ASN A 125 1 ? 9  
HELX_P HELX_P6  6  THR A 90  ? PHE A 108 ? THR A 133 PHE A 151 1 ? 19 
HELX_P HELX_P7  7  ASP A 109 ? ILE A 121 ? ASP A 152 ILE A 164 1 ? 13 
HELX_P HELX_P8  8  GLY A 129 ? GLY A 139 ? GLY A 172 GLY A 182 1 ? 11 
HELX_P HELX_P9  9  HIS A 141 ? LEU A 145 ? HIS A 184 LEU A 188 5 ? 5  
HELX_P HELX_P10 10 SER A 146 ? LEU A 156 ? SER A 189 LEU A 199 1 ? 11 
HELX_P HELX_P11 11 ALA A 159 ? ASN A 164 ? ALA A 202 ASN A 207 1 ? 6  
HELX_P HELX_P12 12 HIS A 168 ? GLU A 186 ? HIS A 211 GLU A 229 1 ? 19 
HELX_P HELX_P13 13 THR A 190 ? ASN A 199 ? THR A 233 ASN A 242 1 ? 10 
# 
_struct_conf_type.id          HELX_P 
_struct_conf_type.criteria    ? 
_struct_conf_type.reference   ? 
# 
loop_
_struct_site.id 
_struct_site.pdbx_evidence_code 
_struct_site.pdbx_auth_asym_id 
_struct_site.pdbx_auth_comp_id 
_struct_site.pdbx_auth_seq_id 
_struct_site.pdbx_auth_ins_code 
_struct_site.pdbx_num_residues 
_struct_site.details 
AC1 Software A EPE 244 ? 8 'BINDING SITE FOR RESIDUE EPE A 244' 
AC2 Software A CPS 245 ? 8 'BINDING SITE FOR RESIDUE CPS A 245' 
# 
loop_
_struct_site_gen.id 
_struct_site_gen.site_id 
_struct_site_gen.pdbx_num_res 
_struct_site_gen.label_comp_id 
_struct_site_gen.label_asym_id 
_struct_site_gen.label_seq_id 
_struct_site_gen.pdbx_auth_ins_code 
_struct_site_gen.auth_comp_id 
_struct_site_gen.auth_asym_id 
_struct_site_gen.auth_seq_id 
_struct_site_gen.label_atom_id 
_struct_site_gen.label_alt_id 
_struct_site_gen.symmetry 
_struct_site_gen.details 
1  AC1 8 ALA A 38  ? ALA A 81  . ? 1_555 ? 
2  AC1 8 THR A 39  ? THR A 82  . ? 1_555 ? 
3  AC1 8 ARG A 42  ? ARG A 85  . ? 1_555 ? 
4  AC1 8 ARG A 57  ? ARG A 100 . ? 1_555 ? 
5  AC1 8 VAL A 69  ? VAL A 112 . ? 1_555 ? 
6  AC1 8 LYS A 158 ? LYS A 201 . ? 1_555 ? 
7  AC1 8 ARG A 175 ? ARG A 218 . ? 1_555 ? 
8  AC1 8 ARG A 182 ? ARG A 225 . ? 1_555 ? 
9  AC2 8 ILE A 50  ? ILE A 93  . ? 1_555 ? 
10 AC2 8 GLY A 71  ? GLY A 114 . ? 1_555 ? 
11 AC2 8 SER A 73  ? SER A 116 . ? 1_555 ? 
12 AC2 8 LEU A 91  ? LEU A 134 . ? 4_565 ? 
13 AC2 8 ILE A 95  ? ILE A 138 . ? 1_555 ? 
14 AC2 8 ALA A 98  ? ALA A 141 . ? 1_555 ? 
15 AC2 8 LEU A 99  ? LEU A 142 . ? 1_555 ? 
16 AC2 8 ILE A 102 ? ILE A 145 . ? 1_555 ? 
# 
loop_
_pdbx_validate_torsion.id 
_pdbx_validate_torsion.PDB_model_num 
_pdbx_validate_torsion.auth_comp_id 
_pdbx_validate_torsion.auth_asym_id 
_pdbx_validate_torsion.auth_seq_id 
_pdbx_validate_torsion.PDB_ins_code 
_pdbx_validate_torsion.label_alt_id 
_pdbx_validate_torsion.phi 
_pdbx_validate_torsion.psi 
1 1 ARG A 63  ? ? -50.60  -78.23 
2 1 ASP A 84  ? ? -165.35 78.28  
3 1 ILE A 103 ? ? -69.36  70.31  
4 1 ALA A 202 ? ? -173.71 87.37  
5 1 HIS A 211 ? ? -141.64 44.95  
# 
loop_
_pdbx_unobs_or_zero_occ_residues.id 
_pdbx_unobs_or_zero_occ_residues.PDB_model_num 
_pdbx_unobs_or_zero_occ_residues.polymer_flag 
_pdbx_unobs_or_zero_occ_residues.occupancy_flag 
_pdbx_unobs_or_zero_occ_residues.auth_asym_id 
_pdbx_unobs_or_zero_occ_residues.auth_comp_id 
_pdbx_unobs_or_zero_occ_residues.auth_seq_id 
_pdbx_unobs_or_zero_occ_residues.PDB_ins_code 
_pdbx_unobs_or_zero_occ_residues.label_asym_id 
_pdbx_unobs_or_zero_occ_residues.label_comp_id 
_pdbx_unobs_or_zero_occ_residues.label_seq_id 
1  1 Y 1 A GLY 44  ? A GLY 1  
2  1 Y 1 A PRO 45  ? A PRO 2  
3  1 Y 1 A GLY 46  ? A GLY 3  
4  1 Y 1 A TYR 47  ? A TYR 4  
5  1 Y 1 A GLN 48  ? A GLN 5  
6  1 Y 1 A ASP 49  ? A ASP 6  
7  1 Y 1 A PRO 50  ? A PRO 7  
8  1 Y 1 A LYS 51  ? A LYS 8  
9  1 Y 1 A GLY 52  ? A GLY 9  
10 1 Y 1 A ARG 53  ? A ARG 10 
11 1 Y 1 A LEU 54  ? A LEU 11 
12 1 Y 1 A TYR 55  ? A TYR 12 
13 1 Y 1 A GLY 56  ? A GLY 13 
14 1 Y 1 A TYR 106 ? A TYR 63 
15 1 Y 1 A ARG 107 ? A ARG 64 
16 1 Y 1 A ALA 108 ? A ALA 65 
17 1 Y 1 A GLY 109 ? A GLY 66 
18 1 Y 1 A ARG 110 ? A ARG 67 
19 1 Y 1 A ILE 111 ? A ILE 68 
# 
loop_
_chem_comp_atom.comp_id 
_chem_comp_atom.atom_id 
_chem_comp_atom.type_symbol 
_chem_comp_atom.pdbx_aromatic_flag 
_chem_comp_atom.pdbx_stereo_config 
_chem_comp_atom.pdbx_ordinal 
ALA N    N N N 1   
ALA CA   C N S 2   
ALA C    C N N 3   
ALA O    O N N 4   
ALA CB   C N N 5   
ALA OXT  O N N 6   
ALA H    H N N 7   
ALA H2   H N N 8   
ALA HA   H N N 9   
ALA HB1  H N N 10  
ALA HB2  H N N 11  
ALA HB3  H N N 12  
ALA HXT  H N N 13  
ARG N    N N N 14  
ARG CA   C N S 15  
ARG C    C N N 16  
ARG O    O N N 17  
ARG CB   C N N 18  
ARG CG   C N N 19  
ARG CD   C N N 20  
ARG NE   N N N 21  
ARG CZ   C N N 22  
ARG NH1  N N N 23  
ARG NH2  N N N 24  
ARG OXT  O N N 25  
ARG H    H N N 26  
ARG H2   H N N 27  
ARG HA   H N N 28  
ARG HB2  H N N 29  
ARG HB3  H N N 30  
ARG HG2  H N N 31  
ARG HG3  H N N 32  
ARG HD2  H N N 33  
ARG HD3  H N N 34  
ARG HE   H N N 35  
ARG HH11 H N N 36  
ARG HH12 H N N 37  
ARG HH21 H N N 38  
ARG HH22 H N N 39  
ARG HXT  H N N 40  
ASN N    N N N 41  
ASN CA   C N S 42  
ASN C    C N N 43  
ASN O    O N N 44  
ASN CB   C N N 45  
ASN CG   C N N 46  
ASN OD1  O N N 47  
ASN ND2  N N N 48  
ASN OXT  O N N 49  
ASN H    H N N 50  
ASN H2   H N N 51  
ASN HA   H N N 52  
ASN HB2  H N N 53  
ASN HB3  H N N 54  
ASN HD21 H N N 55  
ASN HD22 H N N 56  
ASN HXT  H N N 57  
ASP N    N N N 58  
ASP CA   C N S 59  
ASP C    C N N 60  
ASP O    O N N 61  
ASP CB   C N N 62  
ASP CG   C N N 63  
ASP OD1  O N N 64  
ASP OD2  O N N 65  
ASP OXT  O N N 66  
ASP H    H N N 67  
ASP H2   H N N 68  
ASP HA   H N N 69  
ASP HB2  H N N 70  
ASP HB3  H N N 71  
ASP HD2  H N N 72  
ASP HXT  H N N 73  
CPS C1   C N N 74  
CPS C2   C N S 75  
CPS C3   C N N 76  
CPS C4   C N S 77  
CPS C5   C N R 78  
CPS C6   C N S 79  
CPS C7   C N N 80  
CPS C8   C N N 81  
CPS C9   C N R 82  
CPS C10  C N N 83  
CPS C11  C N N 84  
CPS C12  C N N 85  
CPS C13  C N R 86  
CPS C14  C N N 87  
CPS C15  C N S 88  
CPS C16  C N N 89  
CPS C17  C N R 90  
CPS C18  C N R 91  
CPS C19  C N S 92  
CPS C20  C N R 93  
CPS C21  C N N 94  
CPS C22  C N N 95  
CPS C23  C N N 96  
CPS C24  C N N 97  
CPS C25  C N N 98  
CPS C26  C N N 99  
CPS C27  C N N 100 
CPS C28  C N N 101 
CPS C29  C N N 102 
CPS C30  C N N 103 
CPS C31  C N N 104 
CPS C32  C N N 105 
CPS N1   N N N 106 
CPS N2   N N N 107 
CPS O1   O N N 108 
CPS O2   O N N 109 
CPS O3   O N N 110 
CPS O4   O N N 111 
CPS O2S  O N N 112 
CPS O3S  O N N 113 
CPS O1S  O N N 114 
CPS S    S N N 115 
CPS H1   H N N 116 
CPS H1A  H N N 117 
CPS H3   H N N 118 
CPS H3A  H N N 119 
CPS H4   H N N 120 
CPS H6   H N N 121 
CPS H7   H N N 122 
CPS H7A  H N N 123 
CPS H8   H N N 124 
CPS H8A  H N N 125 
CPS H9   H N N 126 
CPS H10  H N N 127 
CPS H10A H N N 128 
CPS H10B H N N 129 
CPS H11  H N N 130 
CPS H11A H N N 131 
CPS H11B H N N 132 
CPS H12  H N N 133 
CPS H12A H N N 134 
CPS H13  H N N 135 
CPS H14  H N N 136 
CPS H14A H N N 137 
CPS H15  H N N 138 
CPS H16  H N N 139 
CPS H16A H N N 140 
CPS H17  H N N 141 
CPS H18  H N N 142 
CPS H19  H N N 143 
CPS H20  H N N 144 
CPS H21  H N N 145 
CPS H21A H N N 146 
CPS H21B H N N 147 
CPS H22  H N N 148 
CPS H22A H N N 149 
CPS H23  H N N 150 
CPS H23A H N N 151 
CPS H25  H N N 152 
CPS H25A H N N 153 
CPS H261 H N N 154 
CPS H271 H N N 155 
CPS H28  H N N 156 
CPS H28A H N N 157 
CPS H28B H N N 158 
CPS H29  H N N 159 
CPS H29A H N N 160 
CPS H29B H N N 161 
CPS H30  H N N 162 
CPS H30A H N N 163 
CPS H31  H N N 164 
CPS H31A H N N 165 
CPS H32  H N N 166 
CPS H32A H N N 167 
CPS HN1  H N N 168 
CPS HO2  H N N 169 
CPS HO3  H N N 170 
CPS HO4  H N N 171 
CPS H272 H N N 172 
CPS H262 H N N 173 
EPE N1   N N N 174 
EPE C2   C N N 175 
EPE C3   C N N 176 
EPE N4   N N N 177 
EPE C5   C N N 178 
EPE C6   C N N 179 
EPE C7   C N N 180 
EPE C8   C N N 181 
EPE O8   O N N 182 
EPE C9   C N N 183 
EPE C10  C N N 184 
EPE S    S N N 185 
EPE O1S  O N N 186 
EPE O2S  O N N 187 
EPE O3S  O N N 188 
EPE H21  H N N 189 
EPE H22  H N N 190 
EPE H31  H N N 191 
EPE H32  H N N 192 
EPE H51  H N N 193 
EPE H52  H N N 194 
EPE H61  H N N 195 
EPE H62  H N N 196 
EPE H71  H N N 197 
EPE H72  H N N 198 
EPE H81  H N N 199 
EPE H82  H N N 200 
EPE HO8  H N N 201 
EPE H91  H N N 202 
EPE H92  H N N 203 
EPE H101 H N N 204 
EPE H102 H N N 205 
EPE HOS3 H N N 206 
GLN N    N N N 207 
GLN CA   C N S 208 
GLN C    C N N 209 
GLN O    O N N 210 
GLN CB   C N N 211 
GLN CG   C N N 212 
GLN CD   C N N 213 
GLN OE1  O N N 214 
GLN NE2  N N N 215 
GLN OXT  O N N 216 
GLN H    H N N 217 
GLN H2   H N N 218 
GLN HA   H N N 219 
GLN HB2  H N N 220 
GLN HB3  H N N 221 
GLN HG2  H N N 222 
GLN HG3  H N N 223 
GLN HE21 H N N 224 
GLN HE22 H N N 225 
GLN HXT  H N N 226 
GLU N    N N N 227 
GLU CA   C N S 228 
GLU C    C N N 229 
GLU O    O N N 230 
GLU CB   C N N 231 
GLU CG   C N N 232 
GLU CD   C N N 233 
GLU OE1  O N N 234 
GLU OE2  O N N 235 
GLU OXT  O N N 236 
GLU H    H N N 237 
GLU H2   H N N 238 
GLU HA   H N N 239 
GLU HB2  H N N 240 
GLU HB3  H N N 241 
GLU HG2  H N N 242 
GLU HG3  H N N 243 
GLU HE2  H N N 244 
GLU HXT  H N N 245 
GLY N    N N N 246 
GLY CA   C N N 247 
GLY C    C N N 248 
GLY O    O N N 249 
GLY OXT  O N N 250 
GLY H    H N N 251 
GLY H2   H N N 252 
GLY HA2  H N N 253 
GLY HA3  H N N 254 
GLY HXT  H N N 255 
HIS N    N N N 256 
HIS CA   C N S 257 
HIS C    C N N 258 
HIS O    O N N 259 
HIS CB   C N N 260 
HIS CG   C Y N 261 
HIS ND1  N Y N 262 
HIS CD2  C Y N 263 
HIS CE1  C Y N 264 
HIS NE2  N Y N 265 
HIS OXT  O N N 266 
HIS H    H N N 267 
HIS H2   H N N 268 
HIS HA   H N N 269 
HIS HB2  H N N 270 
HIS HB3  H N N 271 
HIS HD1  H N N 272 
HIS HD2  H N N 273 
HIS HE1  H N N 274 
HIS HE2  H N N 275 
HIS HXT  H N N 276 
HOH O    O N N 277 
HOH H1   H N N 278 
HOH H2   H N N 279 
ILE N    N N N 280 
ILE CA   C N S 281 
ILE C    C N N 282 
ILE O    O N N 283 
ILE CB   C N S 284 
ILE CG1  C N N 285 
ILE CG2  C N N 286 
ILE CD1  C N N 287 
ILE OXT  O N N 288 
ILE H    H N N 289 
ILE H2   H N N 290 
ILE HA   H N N 291 
ILE HB   H N N 292 
ILE HG12 H N N 293 
ILE HG13 H N N 294 
ILE HG21 H N N 295 
ILE HG22 H N N 296 
ILE HG23 H N N 297 
ILE HD11 H N N 298 
ILE HD12 H N N 299 
ILE HD13 H N N 300 
ILE HXT  H N N 301 
LEU N    N N N 302 
LEU CA   C N S 303 
LEU C    C N N 304 
LEU O    O N N 305 
LEU CB   C N N 306 
LEU CG   C N N 307 
LEU CD1  C N N 308 
LEU CD2  C N N 309 
LEU OXT  O N N 310 
LEU H    H N N 311 
LEU H2   H N N 312 
LEU HA   H N N 313 
LEU HB2  H N N 314 
LEU HB3  H N N 315 
LEU HG   H N N 316 
LEU HD11 H N N 317 
LEU HD12 H N N 318 
LEU HD13 H N N 319 
LEU HD21 H N N 320 
LEU HD22 H N N 321 
LEU HD23 H N N 322 
LEU HXT  H N N 323 
LYS N    N N N 324 
LYS CA   C N S 325 
LYS C    C N N 326 
LYS O    O N N 327 
LYS CB   C N N 328 
LYS CG   C N N 329 
LYS CD   C N N 330 
LYS CE   C N N 331 
LYS NZ   N N N 332 
LYS OXT  O N N 333 
LYS H    H N N 334 
LYS H2   H N N 335 
LYS HA   H N N 336 
LYS HB2  H N N 337 
LYS HB3  H N N 338 
LYS HG2  H N N 339 
LYS HG3  H N N 340 
LYS HD2  H N N 341 
LYS HD3  H N N 342 
LYS HE2  H N N 343 
LYS HE3  H N N 344 
LYS HZ1  H N N 345 
LYS HZ2  H N N 346 
LYS HZ3  H N N 347 
LYS HXT  H N N 348 
MET N    N N N 349 
MET CA   C N S 350 
MET C    C N N 351 
MET O    O N N 352 
MET CB   C N N 353 
MET CG   C N N 354 
MET SD   S N N 355 
MET CE   C N N 356 
MET OXT  O N N 357 
MET H    H N N 358 
MET H2   H N N 359 
MET HA   H N N 360 
MET HB2  H N N 361 
MET HB3  H N N 362 
MET HG2  H N N 363 
MET HG3  H N N 364 
MET HE1  H N N 365 
MET HE2  H N N 366 
MET HE3  H N N 367 
MET HXT  H N N 368 
PHE N    N N N 369 
PHE CA   C N S 370 
PHE C    C N N 371 
PHE O    O N N 372 
PHE CB   C N N 373 
PHE CG   C Y N 374 
PHE CD1  C Y N 375 
PHE CD2  C Y N 376 
PHE CE1  C Y N 377 
PHE CE2  C Y N 378 
PHE CZ   C Y N 379 
PHE OXT  O N N 380 
PHE H    H N N 381 
PHE H2   H N N 382 
PHE HA   H N N 383 
PHE HB2  H N N 384 
PHE HB3  H N N 385 
PHE HD1  H N N 386 
PHE HD2  H N N 387 
PHE HE1  H N N 388 
PHE HE2  H N N 389 
PHE HZ   H N N 390 
PHE HXT  H N N 391 
PRO N    N N N 392 
PRO CA   C N S 393 
PRO C    C N N 394 
PRO O    O N N 395 
PRO CB   C N N 396 
PRO CG   C N N 397 
PRO CD   C N N 398 
PRO OXT  O N N 399 
PRO H    H N N 400 
PRO HA   H N N 401 
PRO HB2  H N N 402 
PRO HB3  H N N 403 
PRO HG2  H N N 404 
PRO HG3  H N N 405 
PRO HD2  H N N 406 
PRO HD3  H N N 407 
PRO HXT  H N N 408 
SER N    N N N 409 
SER CA   C N S 410 
SER C    C N N 411 
SER O    O N N 412 
SER CB   C N N 413 
SER OG   O N N 414 
SER OXT  O N N 415 
SER H    H N N 416 
SER H2   H N N 417 
SER HA   H N N 418 
SER HB2  H N N 419 
SER HB3  H N N 420 
SER HG   H N N 421 
SER HXT  H N N 422 
THR N    N N N 423 
THR CA   C N S 424 
THR C    C N N 425 
THR O    O N N 426 
THR CB   C N R 427 
THR OG1  O N N 428 
THR CG2  C N N 429 
THR OXT  O N N 430 
THR H    H N N 431 
THR H2   H N N 432 
THR HA   H N N 433 
THR HB   H N N 434 
THR HG1  H N N 435 
THR HG21 H N N 436 
THR HG22 H N N 437 
THR HG23 H N N 438 
THR HXT  H N N 439 
TRP N    N N N 440 
TRP CA   C N S 441 
TRP C    C N N 442 
TRP O    O N N 443 
TRP CB   C N N 444 
TRP CG   C Y N 445 
TRP CD1  C Y N 446 
TRP CD2  C Y N 447 
TRP NE1  N Y N 448 
TRP CE2  C Y N 449 
TRP CE3  C Y N 450 
TRP CZ2  C Y N 451 
TRP CZ3  C Y N 452 
TRP CH2  C Y N 453 
TRP OXT  O N N 454 
TRP H    H N N 455 
TRP H2   H N N 456 
TRP HA   H N N 457 
TRP HB2  H N N 458 
TRP HB3  H N N 459 
TRP HD1  H N N 460 
TRP HE1  H N N 461 
TRP HE3  H N N 462 
TRP HZ2  H N N 463 
TRP HZ3  H N N 464 
TRP HH2  H N N 465 
TRP HXT  H N N 466 
TYR N    N N N 467 
TYR CA   C N S 468 
TYR C    C N N 469 
TYR O    O N N 470 
TYR CB   C N N 471 
TYR CG   C Y N 472 
TYR CD1  C Y N 473 
TYR CD2  C Y N 474 
TYR CE1  C Y N 475 
TYR CE2  C Y N 476 
TYR CZ   C Y N 477 
TYR OH   O N N 478 
TYR OXT  O N N 479 
TYR H    H N N 480 
TYR H2   H N N 481 
TYR HA   H N N 482 
TYR HB2  H N N 483 
TYR HB3  H N N 484 
TYR HD1  H N N 485 
TYR HD2  H N N 486 
TYR HE1  H N N 487 
TYR HE2  H N N 488 
TYR HH   H N N 489 
TYR HXT  H N N 490 
VAL N    N N N 491 
VAL CA   C N S 492 
VAL C    C N N 493 
VAL O    O N N 494 
VAL CB   C N N 495 
VAL CG1  C N N 496 
VAL CG2  C N N 497 
VAL OXT  O N N 498 
VAL H    H N N 499 
VAL H2   H N N 500 
VAL HA   H N N 501 
VAL HB   H N N 502 
VAL HG11 H N N 503 
VAL HG12 H N N 504 
VAL HG13 H N N 505 
VAL HG21 H N N 506 
VAL HG22 H N N 507 
VAL HG23 H N N 508 
VAL HXT  H N N 509 
# 
loop_
_chem_comp_bond.comp_id 
_chem_comp_bond.atom_id_1 
_chem_comp_bond.atom_id_2 
_chem_comp_bond.value_order 
_chem_comp_bond.pdbx_aromatic_flag 
_chem_comp_bond.pdbx_stereo_config 
_chem_comp_bond.pdbx_ordinal 
ALA N   CA   sing N N 1   
ALA N   H    sing N N 2   
ALA N   H2   sing N N 3   
ALA CA  C    sing N N 4   
ALA CA  CB   sing N N 5   
ALA CA  HA   sing N N 6   
ALA C   O    doub N N 7   
ALA C   OXT  sing N N 8   
ALA CB  HB1  sing N N 9   
ALA CB  HB2  sing N N 10  
ALA CB  HB3  sing N N 11  
ALA OXT HXT  sing N N 12  
ARG N   CA   sing N N 13  
ARG N   H    sing N N 14  
ARG N   H2   sing N N 15  
ARG CA  C    sing N N 16  
ARG CA  CB   sing N N 17  
ARG CA  HA   sing N N 18  
ARG C   O    doub N N 19  
ARG C   OXT  sing N N 20  
ARG CB  CG   sing N N 21  
ARG CB  HB2  sing N N 22  
ARG CB  HB3  sing N N 23  
ARG CG  CD   sing N N 24  
ARG CG  HG2  sing N N 25  
ARG CG  HG3  sing N N 26  
ARG CD  NE   sing N N 27  
ARG CD  HD2  sing N N 28  
ARG CD  HD3  sing N N 29  
ARG NE  CZ   sing N N 30  
ARG NE  HE   sing N N 31  
ARG CZ  NH1  sing N N 32  
ARG CZ  NH2  doub N N 33  
ARG NH1 HH11 sing N N 34  
ARG NH1 HH12 sing N N 35  
ARG NH2 HH21 sing N N 36  
ARG NH2 HH22 sing N N 37  
ARG OXT HXT  sing N N 38  
ASN N   CA   sing N N 39  
ASN N   H    sing N N 40  
ASN N   H2   sing N N 41  
ASN CA  C    sing N N 42  
ASN CA  CB   sing N N 43  
ASN CA  HA   sing N N 44  
ASN C   O    doub N N 45  
ASN C   OXT  sing N N 46  
ASN CB  CG   sing N N 47  
ASN CB  HB2  sing N N 48  
ASN CB  HB3  sing N N 49  
ASN CG  OD1  doub N N 50  
ASN CG  ND2  sing N N 51  
ASN ND2 HD21 sing N N 52  
ASN ND2 HD22 sing N N 53  
ASN OXT HXT  sing N N 54  
ASP N   CA   sing N N 55  
ASP N   H    sing N N 56  
ASP N   H2   sing N N 57  
ASP CA  C    sing N N 58  
ASP CA  CB   sing N N 59  
ASP CA  HA   sing N N 60  
ASP C   O    doub N N 61  
ASP C   OXT  sing N N 62  
ASP CB  CG   sing N N 63  
ASP CB  HB2  sing N N 64  
ASP CB  HB3  sing N N 65  
ASP CG  OD1  doub N N 66  
ASP CG  OD2  sing N N 67  
ASP OD2 HD2  sing N N 68  
ASP OXT HXT  sing N N 69  
CPS C1  C2   sing N N 70  
CPS C1  C12  sing N N 71  
CPS C2  C11  sing N N 72  
CPS C2  C15  sing N N 73  
CPS C2  C19  sing N N 74  
CPS C3  C4   sing N N 75  
CPS C3  C19  sing N N 76  
CPS C4  C5   sing N N 77  
CPS C4  O4   sing N N 78  
CPS C5  C6   sing N N 79  
CPS C5  C9   sing N N 80  
CPS C5  C10  sing N N 81  
CPS C6  C7   sing N N 82  
CPS C6  C18  sing N N 83  
CPS C7  C8   sing N N 84  
CPS C8  C9   sing N N 85  
CPS C9  C20  sing N N 86  
CPS C12 C13  sing N N 87  
CPS C13 C14  sing N N 88  
CPS C13 O2   sing N N 89  
CPS C14 C15  sing N N 90  
CPS C15 C16  sing N N 91  
CPS C16 C17  sing N N 92  
CPS C17 C18  sing N N 93  
CPS C17 O3   sing N N 94  
CPS C18 C19  sing N N 95  
CPS C20 C21  sing N N 96  
CPS C20 C22  sing N N 97  
CPS C22 C23  sing N N 98  
CPS C23 C24  sing N N 99  
CPS C24 N1   sing N N 100 
CPS C24 O1   doub N N 101 
CPS C25 C26  sing N N 102 
CPS C25 N1   sing N N 103 
CPS C26 C27  sing N N 104 
CPS C27 N2   sing N N 105 
CPS C28 N2   sing N N 106 
CPS C29 N2   sing N N 107 
CPS C30 C31  sing N N 108 
CPS C30 N2   sing N N 109 
CPS C31 C32  sing N N 110 
CPS C32 S    sing N N 111 
CPS O2S S    sing N N 112 
CPS O3S S    doub N N 113 
CPS O1S S    doub N N 114 
CPS C1  H1   sing N N 115 
CPS C1  H1A  sing N N 116 
CPS C3  H3   sing N N 117 
CPS C3  H3A  sing N N 118 
CPS C4  H4   sing N N 119 
CPS C6  H6   sing N N 120 
CPS C7  H7   sing N N 121 
CPS C7  H7A  sing N N 122 
CPS C8  H8   sing N N 123 
CPS C8  H8A  sing N N 124 
CPS C9  H9   sing N N 125 
CPS C10 H10  sing N N 126 
CPS C10 H10A sing N N 127 
CPS C10 H10B sing N N 128 
CPS C11 H11  sing N N 129 
CPS C11 H11A sing N N 130 
CPS C11 H11B sing N N 131 
CPS C12 H12  sing N N 132 
CPS C12 H12A sing N N 133 
CPS C13 H13  sing N N 134 
CPS C14 H14  sing N N 135 
CPS C14 H14A sing N N 136 
CPS C15 H15  sing N N 137 
CPS C16 H16  sing N N 138 
CPS C16 H16A sing N N 139 
CPS C17 H17  sing N N 140 
CPS C18 H18  sing N N 141 
CPS C19 H19  sing N N 142 
CPS C20 H20  sing N N 143 
CPS C21 H21  sing N N 144 
CPS C21 H21A sing N N 145 
CPS C21 H21B sing N N 146 
CPS C22 H22  sing N N 147 
CPS C22 H22A sing N N 148 
CPS C23 H23  sing N N 149 
CPS C23 H23A sing N N 150 
CPS C25 H25  sing N N 151 
CPS C25 H25A sing N N 152 
CPS C26 H261 sing N N 153 
CPS C27 H271 sing N N 154 
CPS C28 H28  sing N N 155 
CPS C28 H28A sing N N 156 
CPS C28 H28B sing N N 157 
CPS C29 H29  sing N N 158 
CPS C29 H29A sing N N 159 
CPS C29 H29B sing N N 160 
CPS C30 H30  sing N N 161 
CPS C30 H30A sing N N 162 
CPS C31 H31  sing N N 163 
CPS C31 H31A sing N N 164 
CPS C32 H32  sing N N 165 
CPS C32 H32A sing N N 166 
CPS N1  HN1  sing N N 167 
CPS O2  HO2  sing N N 168 
CPS O3  HO3  sing N N 169 
CPS O4  HO4  sing N N 170 
CPS C26 H262 sing N N 171 
CPS C27 H272 sing N N 172 
EPE N1  C2   sing N N 173 
EPE N1  C6   sing N N 174 
EPE N1  C9   sing N N 175 
EPE C2  C3   sing N N 176 
EPE C2  H21  sing N N 177 
EPE C2  H22  sing N N 178 
EPE C3  N4   sing N N 179 
EPE C3  H31  sing N N 180 
EPE C3  H32  sing N N 181 
EPE N4  C5   sing N N 182 
EPE N4  C7   sing N N 183 
EPE C5  C6   sing N N 184 
EPE C5  H51  sing N N 185 
EPE C5  H52  sing N N 186 
EPE C6  H61  sing N N 187 
EPE C6  H62  sing N N 188 
EPE C7  C8   sing N N 189 
EPE C7  H71  sing N N 190 
EPE C7  H72  sing N N 191 
EPE C8  O8   sing N N 192 
EPE C8  H81  sing N N 193 
EPE C8  H82  sing N N 194 
EPE O8  HO8  sing N N 195 
EPE C9  C10  sing N N 196 
EPE C9  H91  sing N N 197 
EPE C9  H92  sing N N 198 
EPE C10 S    sing N N 199 
EPE C10 H101 sing N N 200 
EPE C10 H102 sing N N 201 
EPE S   O1S  doub N N 202 
EPE S   O2S  doub N N 203 
EPE S   O3S  sing N N 204 
EPE O3S HOS3 sing N N 205 
GLN N   CA   sing N N 206 
GLN N   H    sing N N 207 
GLN N   H2   sing N N 208 
GLN CA  C    sing N N 209 
GLN CA  CB   sing N N 210 
GLN CA  HA   sing N N 211 
GLN C   O    doub N N 212 
GLN C   OXT  sing N N 213 
GLN CB  CG   sing N N 214 
GLN CB  HB2  sing N N 215 
GLN CB  HB3  sing N N 216 
GLN CG  CD   sing N N 217 
GLN CG  HG2  sing N N 218 
GLN CG  HG3  sing N N 219 
GLN CD  OE1  doub N N 220 
GLN CD  NE2  sing N N 221 
GLN NE2 HE21 sing N N 222 
GLN NE2 HE22 sing N N 223 
GLN OXT HXT  sing N N 224 
GLU N   CA   sing N N 225 
GLU N   H    sing N N 226 
GLU N   H2   sing N N 227 
GLU CA  C    sing N N 228 
GLU CA  CB   sing N N 229 
GLU CA  HA   sing N N 230 
GLU C   O    doub N N 231 
GLU C   OXT  sing N N 232 
GLU CB  CG   sing N N 233 
GLU CB  HB2  sing N N 234 
GLU CB  HB3  sing N N 235 
GLU CG  CD   sing N N 236 
GLU CG  HG2  sing N N 237 
GLU CG  HG3  sing N N 238 
GLU CD  OE1  doub N N 239 
GLU CD  OE2  sing N N 240 
GLU OE2 HE2  sing N N 241 
GLU OXT HXT  sing N N 242 
GLY N   CA   sing N N 243 
GLY N   H    sing N N 244 
GLY N   H2   sing N N 245 
GLY CA  C    sing N N 246 
GLY CA  HA2  sing N N 247 
GLY CA  HA3  sing N N 248 
GLY C   O    doub N N 249 
GLY C   OXT  sing N N 250 
GLY OXT HXT  sing N N 251 
HIS N   CA   sing N N 252 
HIS N   H    sing N N 253 
HIS N   H2   sing N N 254 
HIS CA  C    sing N N 255 
HIS CA  CB   sing N N 256 
HIS CA  HA   sing N N 257 
HIS C   O    doub N N 258 
HIS C   OXT  sing N N 259 
HIS CB  CG   sing N N 260 
HIS CB  HB2  sing N N 261 
HIS CB  HB3  sing N N 262 
HIS CG  ND1  sing Y N 263 
HIS CG  CD2  doub Y N 264 
HIS ND1 CE1  doub Y N 265 
HIS ND1 HD1  sing N N 266 
HIS CD2 NE2  sing Y N 267 
HIS CD2 HD2  sing N N 268 
HIS CE1 NE2  sing Y N 269 
HIS CE1 HE1  sing N N 270 
HIS NE2 HE2  sing N N 271 
HIS OXT HXT  sing N N 272 
HOH O   H1   sing N N 273 
HOH O   H2   sing N N 274 
ILE N   CA   sing N N 275 
ILE N   H    sing N N 276 
ILE N   H2   sing N N 277 
ILE CA  C    sing N N 278 
ILE CA  CB   sing N N 279 
ILE CA  HA   sing N N 280 
ILE C   O    doub N N 281 
ILE C   OXT  sing N N 282 
ILE CB  CG1  sing N N 283 
ILE CB  CG2  sing N N 284 
ILE CB  HB   sing N N 285 
ILE CG1 CD1  sing N N 286 
ILE CG1 HG12 sing N N 287 
ILE CG1 HG13 sing N N 288 
ILE CG2 HG21 sing N N 289 
ILE CG2 HG22 sing N N 290 
ILE CG2 HG23 sing N N 291 
ILE CD1 HD11 sing N N 292 
ILE CD1 HD12 sing N N 293 
ILE CD1 HD13 sing N N 294 
ILE OXT HXT  sing N N 295 
LEU N   CA   sing N N 296 
LEU N   H    sing N N 297 
LEU N   H2   sing N N 298 
LEU CA  C    sing N N 299 
LEU CA  CB   sing N N 300 
LEU CA  HA   sing N N 301 
LEU C   O    doub N N 302 
LEU C   OXT  sing N N 303 
LEU CB  CG   sing N N 304 
LEU CB  HB2  sing N N 305 
LEU CB  HB3  sing N N 306 
LEU CG  CD1  sing N N 307 
LEU CG  CD2  sing N N 308 
LEU CG  HG   sing N N 309 
LEU CD1 HD11 sing N N 310 
LEU CD1 HD12 sing N N 311 
LEU CD1 HD13 sing N N 312 
LEU CD2 HD21 sing N N 313 
LEU CD2 HD22 sing N N 314 
LEU CD2 HD23 sing N N 315 
LEU OXT HXT  sing N N 316 
LYS N   CA   sing N N 317 
LYS N   H    sing N N 318 
LYS N   H2   sing N N 319 
LYS CA  C    sing N N 320 
LYS CA  CB   sing N N 321 
LYS CA  HA   sing N N 322 
LYS C   O    doub N N 323 
LYS C   OXT  sing N N 324 
LYS CB  CG   sing N N 325 
LYS CB  HB2  sing N N 326 
LYS CB  HB3  sing N N 327 
LYS CG  CD   sing N N 328 
LYS CG  HG2  sing N N 329 
LYS CG  HG3  sing N N 330 
LYS CD  CE   sing N N 331 
LYS CD  HD2  sing N N 332 
LYS CD  HD3  sing N N 333 
LYS CE  NZ   sing N N 334 
LYS CE  HE2  sing N N 335 
LYS CE  HE3  sing N N 336 
LYS NZ  HZ1  sing N N 337 
LYS NZ  HZ2  sing N N 338 
LYS NZ  HZ3  sing N N 339 
LYS OXT HXT  sing N N 340 
MET N   CA   sing N N 341 
MET N   H    sing N N 342 
MET N   H2   sing N N 343 
MET CA  C    sing N N 344 
MET CA  CB   sing N N 345 
MET CA  HA   sing N N 346 
MET C   O    doub N N 347 
MET C   OXT  sing N N 348 
MET CB  CG   sing N N 349 
MET CB  HB2  sing N N 350 
MET CB  HB3  sing N N 351 
MET CG  SD   sing N N 352 
MET CG  HG2  sing N N 353 
MET CG  HG3  sing N N 354 
MET SD  CE   sing N N 355 
MET CE  HE1  sing N N 356 
MET CE  HE2  sing N N 357 
MET CE  HE3  sing N N 358 
MET OXT HXT  sing N N 359 
PHE N   CA   sing N N 360 
PHE N   H    sing N N 361 
PHE N   H2   sing N N 362 
PHE CA  C    sing N N 363 
PHE CA  CB   sing N N 364 
PHE CA  HA   sing N N 365 
PHE C   O    doub N N 366 
PHE C   OXT  sing N N 367 
PHE CB  CG   sing N N 368 
PHE CB  HB2  sing N N 369 
PHE CB  HB3  sing N N 370 
PHE CG  CD1  doub Y N 371 
PHE CG  CD2  sing Y N 372 
PHE CD1 CE1  sing Y N 373 
PHE CD1 HD1  sing N N 374 
PHE CD2 CE2  doub Y N 375 
PHE CD2 HD2  sing N N 376 
PHE CE1 CZ   doub Y N 377 
PHE CE1 HE1  sing N N 378 
PHE CE2 CZ   sing Y N 379 
PHE CE2 HE2  sing N N 380 
PHE CZ  HZ   sing N N 381 
PHE OXT HXT  sing N N 382 
PRO N   CA   sing N N 383 
PRO N   CD   sing N N 384 
PRO N   H    sing N N 385 
PRO CA  C    sing N N 386 
PRO CA  CB   sing N N 387 
PRO CA  HA   sing N N 388 
PRO C   O    doub N N 389 
PRO C   OXT  sing N N 390 
PRO CB  CG   sing N N 391 
PRO CB  HB2  sing N N 392 
PRO CB  HB3  sing N N 393 
PRO CG  CD   sing N N 394 
PRO CG  HG2  sing N N 395 
PRO CG  HG3  sing N N 396 
PRO CD  HD2  sing N N 397 
PRO CD  HD3  sing N N 398 
PRO OXT HXT  sing N N 399 
SER N   CA   sing N N 400 
SER N   H    sing N N 401 
SER N   H2   sing N N 402 
SER CA  C    sing N N 403 
SER CA  CB   sing N N 404 
SER CA  HA   sing N N 405 
SER C   O    doub N N 406 
SER C   OXT  sing N N 407 
SER CB  OG   sing N N 408 
SER CB  HB2  sing N N 409 
SER CB  HB3  sing N N 410 
SER OG  HG   sing N N 411 
SER OXT HXT  sing N N 412 
THR N   CA   sing N N 413 
THR N   H    sing N N 414 
THR N   H2   sing N N 415 
THR CA  C    sing N N 416 
THR CA  CB   sing N N 417 
THR CA  HA   sing N N 418 
THR C   O    doub N N 419 
THR C   OXT  sing N N 420 
THR CB  OG1  sing N N 421 
THR CB  CG2  sing N N 422 
THR CB  HB   sing N N 423 
THR OG1 HG1  sing N N 424 
THR CG2 HG21 sing N N 425 
THR CG2 HG22 sing N N 426 
THR CG2 HG23 sing N N 427 
THR OXT HXT  sing N N 428 
TRP N   CA   sing N N 429 
TRP N   H    sing N N 430 
TRP N   H2   sing N N 431 
TRP CA  C    sing N N 432 
TRP CA  CB   sing N N 433 
TRP CA  HA   sing N N 434 
TRP C   O    doub N N 435 
TRP C   OXT  sing N N 436 
TRP CB  CG   sing N N 437 
TRP CB  HB2  sing N N 438 
TRP CB  HB3  sing N N 439 
TRP CG  CD1  doub Y N 440 
TRP CG  CD2  sing Y N 441 
TRP CD1 NE1  sing Y N 442 
TRP CD1 HD1  sing N N 443 
TRP CD2 CE2  doub Y N 444 
TRP CD2 CE3  sing Y N 445 
TRP NE1 CE2  sing Y N 446 
TRP NE1 HE1  sing N N 447 
TRP CE2 CZ2  sing Y N 448 
TRP CE3 CZ3  doub Y N 449 
TRP CE3 HE3  sing N N 450 
TRP CZ2 CH2  doub Y N 451 
TRP CZ2 HZ2  sing N N 452 
TRP CZ3 CH2  sing Y N 453 
TRP CZ3 HZ3  sing N N 454 
TRP CH2 HH2  sing N N 455 
TRP OXT HXT  sing N N 456 
TYR N   CA   sing N N 457 
TYR N   H    sing N N 458 
TYR N   H2   sing N N 459 
TYR CA  C    sing N N 460 
TYR CA  CB   sing N N 461 
TYR CA  HA   sing N N 462 
TYR C   O    doub N N 463 
TYR C   OXT  sing N N 464 
TYR CB  CG   sing N N 465 
TYR CB  HB2  sing N N 466 
TYR CB  HB3  sing N N 467 
TYR CG  CD1  doub Y N 468 
TYR CG  CD2  sing Y N 469 
TYR CD1 CE1  sing Y N 470 
TYR CD1 HD1  sing N N 471 
TYR CD2 CE2  doub Y N 472 
TYR CD2 HD2  sing N N 473 
TYR CE1 CZ   doub Y N 474 
TYR CE1 HE1  sing N N 475 
TYR CE2 CZ   sing Y N 476 
TYR CE2 HE2  sing N N 477 
TYR CZ  OH   sing N N 478 
TYR OH  HH   sing N N 479 
TYR OXT HXT  sing N N 480 
VAL N   CA   sing N N 481 
VAL N   H    sing N N 482 
VAL N   H2   sing N N 483 
VAL CA  C    sing N N 484 
VAL CA  CB   sing N N 485 
VAL CA  HA   sing N N 486 
VAL C   O    doub N N 487 
VAL C   OXT  sing N N 488 
VAL CB  CG1  sing N N 489 
VAL CB  CG2  sing N N 490 
VAL CB  HB   sing N N 491 
VAL CG1 HG11 sing N N 492 
VAL CG1 HG12 sing N N 493 
VAL CG1 HG13 sing N N 494 
VAL CG2 HG21 sing N N 495 
VAL CG2 HG22 sing N N 496 
VAL CG2 HG23 sing N N 497 
VAL OXT HXT  sing N N 498 
# 
_atom_sites.entry_id                    2OQO 
_atom_sites.fract_transf_matrix[1][1]   0.00650310 
_atom_sites.fract_transf_matrix[1][2]   0.00457734 
_atom_sites.fract_transf_matrix[1][3]   0.01641843 
_atom_sites.fract_transf_matrix[2][1]   -0.00462739 
_atom_sites.fract_transf_matrix[2][2]   0.00880908 
_atom_sites.fract_transf_matrix[2][3]   -0.00062307 
_atom_sites.fract_transf_matrix[3][1]   -0.00779571 
_atom_sites.fract_transf_matrix[3][2]   -0.00380170 
_atom_sites.fract_transf_matrix[3][3]   0.00414765 
_atom_sites.fract_transf_vector[1]      0.689431 
_atom_sites.fract_transf_vector[2]      0.375565 
_atom_sites.fract_transf_vector[3]      0.212445 
# 
loop_
_atom_type.symbol 
C 
N 
O 
S 
# 
loop_
_atom_site.group_PDB 
_atom_site.id 
_atom_site.type_symbol 
_atom_site.label_atom_id 
_atom_site.label_alt_id 
_atom_site.label_comp_id 
_atom_site.label_asym_id 
_atom_site.label_entity_id 
_atom_site.label_seq_id 
_atom_site.pdbx_PDB_ins_code 
_atom_site.Cartn_x 
_atom_site.Cartn_y 
_atom_site.Cartn_z 
_atom_site.occupancy 
_atom_site.B_iso_or_equiv 
_atom_site.pdbx_formal_charge 
_atom_site.auth_seq_id 
_atom_site.auth_comp_id 
_atom_site.auth_asym_id 
_atom_site.auth_atom_id 
_atom_site.pdbx_PDB_model_num 
ATOM   1    N N   . THR A 1 14  ? -11.547 -10.500 -19.009 1.00 92.85  ? 57  THR A N   1 
ATOM   2    C CA  . THR A 1 14  ? -11.882 -10.198 -20.430 1.00 92.96  ? 57  THR A CA  1 
ATOM   3    C C   . THR A 1 14  ? -10.802 -9.332  -21.074 1.00 92.76  ? 57  THR A C   1 
ATOM   4    O O   . THR A 1 14  ? -10.026 -9.808  -21.905 1.00 93.01  ? 57  THR A O   1 
ATOM   5    C CB  . THR A 1 14  ? -13.237 -9.465  -20.537 1.00 92.97  ? 57  THR A CB  1 
ATOM   6    O OG1 . THR A 1 14  ? -14.263 -10.270 -19.944 1.00 93.70  ? 57  THR A OG1 1 
ATOM   7    C CG2 . THR A 1 14  ? -13.590 -9.202  -21.996 1.00 92.88  ? 57  THR A CG2 1 
ATOM   8    N N   . ILE A 1 15  ? -10.758 -8.060  -20.688 1.00 91.82  ? 58  ILE A N   1 
ATOM   9    C CA  . ILE A 1 15  ? -9.769  -7.135  -21.229 1.00 90.88  ? 58  ILE A CA  1 
ATOM   10   C C   . ILE A 1 15  ? -9.198  -6.227  -20.142 1.00 89.36  ? 58  ILE A C   1 
ATOM   11   O O   . ILE A 1 15  ? -9.917  -5.780  -19.247 1.00 89.42  ? 58  ILE A O   1 
ATOM   12   C CB  . ILE A 1 15  ? -10.380 -6.260  -22.352 1.00 91.22  ? 58  ILE A CB  1 
ATOM   13   C CG1 . ILE A 1 15  ? -10.853 -7.150  -23.504 1.00 92.00  ? 58  ILE A CG1 1 
ATOM   14   C CG2 . ILE A 1 15  ? -9.349  -5.255  -22.855 1.00 91.63  ? 58  ILE A CG2 1 
ATOM   15   C CD1 . ILE A 1 15  ? -11.440 -6.385  -24.676 1.00 92.01  ? 58  ILE A CD1 1 
ATOM   16   N N   . GLY A 1 16  ? -7.898  -5.965  -20.227 1.00 87.26  ? 59  GLY A N   1 
ATOM   17   C CA  . GLY A 1 16  ? -7.246  -5.111  -19.252 1.00 85.18  ? 59  GLY A CA  1 
ATOM   18   C C   . GLY A 1 16  ? -6.925  -5.837  -17.962 1.00 83.38  ? 59  GLY A C   1 
ATOM   19   O O   . GLY A 1 16  ? -7.724  -5.833  -17.023 1.00 83.23  ? 59  GLY A O   1 
ATOM   20   N N   . ILE A 1 17  ? -5.754  -6.465  -17.913 1.00 81.59  ? 60  ILE A N   1 
ATOM   21   C CA  . ILE A 1 17  ? -5.333  -7.197  -16.725 1.00 79.37  ? 60  ILE A CA  1 
ATOM   22   C C   . ILE A 1 17  ? -5.355  -6.289  -15.497 1.00 76.93  ? 60  ILE A C   1 
ATOM   23   O O   . ILE A 1 17  ? -5.729  -6.718  -14.404 1.00 76.64  ? 60  ILE A O   1 
ATOM   24   C CB  . ILE A 1 17  ? -3.903  -7.774  -16.896 1.00 80.15  ? 60  ILE A CB  1 
ATOM   25   C CG1 . ILE A 1 17  ? -3.491  -8.534  -15.632 1.00 79.82  ? 60  ILE A CG1 1 
ATOM   26   C CG2 . ILE A 1 17  ? -2.917  -6.651  -17.194 1.00 80.32  ? 60  ILE A CG2 1 
ATOM   27   C CD1 . ILE A 1 17  ? -2.100  -9.123  -15.693 1.00 79.26  ? 60  ILE A CD1 1 
ATOM   28   N N   . GLN A 1 18  ? -4.966  -5.031  -15.687 1.00 74.12  ? 61  GLN A N   1 
ATOM   29   C CA  . GLN A 1 18  ? -4.933  -4.063  -14.596 1.00 72.26  ? 61  GLN A CA  1 
ATOM   30   C C   . GLN A 1 18  ? -6.337  -3.646  -14.171 1.00 70.88  ? 61  GLN A C   1 
ATOM   31   O O   . GLN A 1 18  ? -6.519  -3.062  -13.102 1.00 71.18  ? 61  GLN A O   1 
ATOM   32   C CB  . GLN A 1 18  ? -4.145  -2.820  -15.017 1.00 72.26  ? 61  GLN A CB  1 
ATOM   33   C CG  . GLN A 1 18  ? -2.724  -3.094  -15.471 1.00 74.11  ? 61  GLN A CG  1 
ATOM   34   C CD  . GLN A 1 18  ? -2.025  -1.840  -15.976 1.00 76.90  ? 61  GLN A CD  1 
ATOM   35   O OE1 . GLN A 1 18  ? -1.898  -0.852  -15.250 1.00 78.43  ? 61  GLN A OE1 1 
ATOM   36   N NE2 . GLN A 1 18  ? -1.569  -1.875  -17.225 1.00 77.56  ? 61  GLN A NE2 1 
ATOM   37   N N   . LYS A 1 19  ? -7.326  -3.947  -15.009 1.00 68.92  ? 62  LYS A N   1 
ATOM   38   C CA  . LYS A 1 19  ? -8.712  -3.588  -14.721 1.00 66.83  ? 62  LYS A CA  1 
ATOM   39   C C   . LYS A 1 19  ? -9.591  -4.774  -14.342 1.00 67.07  ? 62  LYS A C   1 
ATOM   40   O O   . LYS A 1 19  ? -10.818 -4.701  -14.439 1.00 66.26  ? 62  LYS A O   1 
ATOM   41   C CB  . LYS A 1 19  ? -9.320  -2.859  -15.925 1.00 64.23  ? 62  LYS A CB  1 
ATOM   42   C CG  . LYS A 1 19  ? -8.733  -1.480  -16.154 1.00 62.29  ? 62  LYS A CG  1 
ATOM   43   C CD  . LYS A 1 19  ? -9.310  -0.811  -17.393 1.00 61.03  ? 62  LYS A CD  1 
ATOM   44   C CE  . LYS A 1 19  ? -8.797  -1.451  -18.667 1.00 60.46  ? 62  LYS A CE  1 
ATOM   45   N NZ  . LYS A 1 19  ? -9.260  -0.711  -19.873 1.00 59.90  ? 62  LYS A NZ  1 
ATOM   46   N N   . ARG A 1 20  ? -8.967  -5.861  -13.899 1.00 68.45  ? 63  ARG A N   1 
ATOM   47   C CA  . ARG A 1 20  ? -9.716  -7.052  -13.505 1.00 69.69  ? 63  ARG A CA  1 
ATOM   48   C C   . ARG A 1 20  ? -10.852 -6.752  -12.531 1.00 67.90  ? 63  ARG A C   1 
ATOM   49   O O   . ARG A 1 20  ? -12.015 -6.691  -12.930 1.00 69.64  ? 63  ARG A O   1 
ATOM   50   C CB  . ARG A 1 20  ? -8.792  -8.099  -12.876 1.00 72.06  ? 63  ARG A CB  1 
ATOM   51   C CG  . ARG A 1 20  ? -8.073  -9.015  -13.859 1.00 76.63  ? 63  ARG A CG  1 
ATOM   52   C CD  . ARG A 1 20  ? -7.690  -10.307 -13.145 1.00 79.51  ? 63  ARG A CD  1 
ATOM   53   N NE  . ARG A 1 20  ? -6.994  -11.267 -13.995 1.00 81.90  ? 63  ARG A NE  1 
ATOM   54   C CZ  . ARG A 1 20  ? -6.798  -12.544 -13.669 1.00 82.91  ? 63  ARG A CZ  1 
ATOM   55   N NH1 . ARG A 1 20  ? -7.252  -13.016 -12.513 1.00 82.30  ? 63  ARG A NH1 1 
ATOM   56   N NH2 . ARG A 1 20  ? -6.146  -13.350 -14.495 1.00 82.65  ? 63  ARG A NH2 1 
ATOM   57   N N   . PHE A 1 21  ? -10.517 -6.559  -11.258 1.00 65.05  ? 64  PHE A N   1 
ATOM   58   C CA  . PHE A 1 21  ? -11.529 -6.290  -10.240 1.00 61.92  ? 64  PHE A CA  1 
ATOM   59   C C   . PHE A 1 21  ? -11.366 -4.929  -9.566  1.00 59.29  ? 64  PHE A C   1 
ATOM   60   O O   . PHE A 1 21  ? -10.273 -4.573  -9.123  1.00 59.12  ? 64  PHE A O   1 
ATOM   61   C CB  . PHE A 1 21  ? -11.491 -7.364  -9.144  1.00 64.67  ? 64  PHE A CB  1 
ATOM   62   C CG  . PHE A 1 21  ? -11.256 -8.761  -9.651  1.00 66.42  ? 64  PHE A CG  1 
ATOM   63   C CD1 . PHE A 1 21  ? -9.989  -9.163  -10.059 1.00 67.27  ? 64  PHE A CD1 1 
ATOM   64   C CD2 . PHE A 1 21  ? -12.298 -9.683  -9.696  1.00 68.22  ? 64  PHE A CD2 1 
ATOM   65   C CE1 . PHE A 1 21  ? -9.759  -10.465 -10.504 1.00 68.73  ? 64  PHE A CE1 1 
ATOM   66   C CE2 . PHE A 1 21  ? -12.081 -10.984 -10.138 1.00 68.10  ? 64  PHE A CE2 1 
ATOM   67   C CZ  . PHE A 1 21  ? -10.808 -11.377 -10.542 1.00 68.93  ? 64  PHE A CZ  1 
ATOM   68   N N   . TYR A 1 22  ? -12.457 -4.174  -9.479  1.00 53.86  ? 65  TYR A N   1 
ATOM   69   C CA  . TYR A 1 22  ? -12.426 -2.871  -8.826  1.00 52.62  ? 65  TYR A CA  1 
ATOM   70   C C   . TYR A 1 22  ? -13.405 -2.948  -7.671  1.00 52.10  ? 65  TYR A C   1 
ATOM   71   O O   . TYR A 1 22  ? -14.512 -3.452  -7.830  1.00 55.70  ? 65  TYR A O   1 
ATOM   72   C CB  . TYR A 1 22  ? -12.862 -1.749  -9.780  1.00 48.79  ? 65  TYR A CB  1 
ATOM   73   C CG  . TYR A 1 22  ? -12.602 -0.354  -9.233  1.00 45.52  ? 65  TYR A CG  1 
ATOM   74   C CD1 . TYR A 1 22  ? -11.475 0.371   -9.625  1.00 44.30  ? 65  TYR A CD1 1 
ATOM   75   C CD2 . TYR A 1 22  ? -13.475 0.234   -8.318  1.00 43.14  ? 65  TYR A CD2 1 
ATOM   76   C CE1 . TYR A 1 22  ? -11.227 1.649   -9.119  1.00 45.09  ? 65  TYR A CE1 1 
ATOM   77   C CE2 . TYR A 1 22  ? -13.236 1.505   -7.805  1.00 43.06  ? 65  TYR A CE2 1 
ATOM   78   C CZ  . TYR A 1 22  ? -12.110 2.207   -8.212  1.00 44.48  ? 65  TYR A CZ  1 
ATOM   79   O OH  . TYR A 1 22  ? -11.869 3.467   -7.715  1.00 47.64  ? 65  TYR A OH  1 
ATOM   80   N N   . VAL A 1 23  ? -13.001 -2.457  -6.507  1.00 50.21  ? 66  VAL A N   1 
ATOM   81   C CA  . VAL A 1 23  ? -13.872 -2.493  -5.344  1.00 49.52  ? 66  VAL A CA  1 
ATOM   82   C C   . VAL A 1 23  ? -13.912 -1.118  -4.688  1.00 50.75  ? 66  VAL A C   1 
ATOM   83   O O   . VAL A 1 23  ? -12.880 -0.463  -4.523  1.00 50.29  ? 66  VAL A O   1 
ATOM   84   C CB  . VAL A 1 23  ? -13.385 -3.579  -4.338  1.00 50.58  ? 66  VAL A CB  1 
ATOM   85   C CG1 . VAL A 1 23  ? -11.917 -3.355  -4.000  1.00 51.50  ? 66  VAL A CG1 1 
ATOM   86   C CG2 . VAL A 1 23  ? -14.236 -3.565  -3.082  1.00 49.38  ? 66  VAL A CG2 1 
ATOM   87   N N   . SER A 1 24  ? -15.111 -0.672  -4.333  1.00 50.41  ? 67  SER A N   1 
ATOM   88   C CA  . SER A 1 24  ? -15.272 0.629   -3.708  1.00 52.53  ? 67  SER A CA  1 
ATOM   89   C C   . SER A 1 24  ? -14.693 0.602   -2.300  1.00 52.17  ? 67  SER A C   1 
ATOM   90   O O   . SER A 1 24  ? -14.682 -0.436  -1.643  1.00 52.66  ? 67  SER A O   1 
ATOM   91   C CB  . SER A 1 24  ? -16.753 1.023   -3.668  1.00 54.04  ? 67  SER A CB  1 
ATOM   92   O OG  . SER A 1 24  ? -17.488 0.158   -2.824  1.00 57.13  ? 67  SER A OG  1 
ATOM   93   N N   . ILE A 1 25  ? -14.214 1.757   -1.851  1.00 52.19  ? 68  ILE A N   1 
ATOM   94   C CA  . ILE A 1 25  ? -13.597 1.911   -0.540  1.00 52.50  ? 68  ILE A CA  1 
ATOM   95   C C   . ILE A 1 25  ? -14.480 1.432   0.619   1.00 54.68  ? 68  ILE A C   1 
ATOM   96   O O   . ILE A 1 25  ? -13.973 0.938   1.632   1.00 51.94  ? 68  ILE A O   1 
ATOM   97   C CB  . ILE A 1 25  ? -13.204 3.398   -0.306  1.00 52.03  ? 68  ILE A CB  1 
ATOM   98   C CG1 . ILE A 1 25  ? -12.290 3.528   0.911   1.00 51.74  ? 68  ILE A CG1 1 
ATOM   99   C CG2 . ILE A 1 25  ? -14.453 4.244   -0.113  1.00 53.05  ? 68  ILE A CG2 1 
ATOM   100  C CD1 . ILE A 1 25  ? -10.866 3.111   0.651   1.00 51.55  ? 68  ILE A CD1 1 
ATOM   101  N N   . ASP A 1 26  ? -15.797 1.572   0.473   1.00 55.46  ? 69  ASP A N   1 
ATOM   102  C CA  . ASP A 1 26  ? -16.709 1.159   1.535   1.00 57.20  ? 69  ASP A CA  1 
ATOM   103  C C   . ASP A 1 26  ? -16.774 -0.349  1.732   1.00 56.38  ? 69  ASP A C   1 
ATOM   104  O O   . ASP A 1 26  ? -17.286 -0.822  2.744   1.00 57.91  ? 69  ASP A O   1 
ATOM   105  C CB  . ASP A 1 26  ? -18.113 1.714   1.287   1.00 61.25  ? 69  ASP A CB  1 
ATOM   106  C CG  . ASP A 1 26  ? -18.582 1.490   -0.129  1.00 64.86  ? 69  ASP A CG  1 
ATOM   107  O OD1 . ASP A 1 26  ? -18.666 0.320   -0.552  1.00 66.85  ? 69  ASP A OD1 1 
ATOM   108  O OD2 . ASP A 1 26  ? -18.865 2.493   -0.822  1.00 69.57  ? 69  ASP A OD2 1 
ATOM   109  N N   . LYS A 1 27  ? -16.248 -1.106  0.774   1.00 54.40  ? 70  LYS A N   1 
ATOM   110  C CA  . LYS A 1 27  ? -16.245 -2.562  0.878   1.00 53.36  ? 70  LYS A CA  1 
ATOM   111  C C   . LYS A 1 27  ? -14.856 -3.093  1.236   1.00 51.96  ? 70  LYS A C   1 
ATOM   112  O O   . LYS A 1 27  ? -14.650 -4.302  1.322   1.00 52.21  ? 70  LYS A O   1 
ATOM   113  C CB  . LYS A 1 27  ? -16.710 -3.199  -0.436  1.00 55.52  ? 70  LYS A CB  1 
ATOM   114  C CG  . LYS A 1 27  ? -18.150 -2.877  -0.811  1.00 58.19  ? 70  LYS A CG  1 
ATOM   115  C CD  . LYS A 1 27  ? -18.631 -3.761  -1.957  1.00 60.54  ? 70  LYS A CD  1 
ATOM   116  C CE  . LYS A 1 27  ? -18.604 -5.233  -1.555  1.00 61.53  ? 70  LYS A CE  1 
ATOM   117  N NZ  . LYS A 1 27  ? -19.063 -6.139  -2.644  1.00 64.58  ? 70  LYS A NZ  1 
ATOM   118  N N   . ILE A 1 28  ? -13.905 -2.183  1.430   1.00 49.99  ? 71  ILE A N   1 
ATOM   119  C CA  . ILE A 1 28  ? -12.545 -2.565  1.790   1.00 47.42  ? 71  ILE A CA  1 
ATOM   120  C C   . ILE A 1 28  ? -12.417 -2.443  3.300   1.00 45.49  ? 71  ILE A C   1 
ATOM   121  O O   . ILE A 1 28  ? -12.667 -1.382  3.862   1.00 46.28  ? 71  ILE A O   1 
ATOM   122  C CB  . ILE A 1 28  ? -11.491 -1.642  1.120   1.00 46.29  ? 71  ILE A CB  1 
ATOM   123  C CG1 . ILE A 1 28  ? -11.556 -1.793  -0.403  1.00 43.40  ? 71  ILE A CG1 1 
ATOM   124  C CG2 . ILE A 1 28  ? -10.086 -1.996  1.626   1.00 43.79  ? 71  ILE A CG2 1 
ATOM   125  C CD1 . ILE A 1 28  ? -10.601 -0.881  -1.154  1.00 42.94  ? 71  ILE A CD1 1 
ATOM   126  N N   . PRO A 1 29  ? -12.025 -3.531  3.978   1.00 45.32  ? 72  PRO A N   1 
ATOM   127  C CA  . PRO A 1 29  ? -11.877 -3.516  5.437   1.00 45.08  ? 72  PRO A CA  1 
ATOM   128  C C   . PRO A 1 29  ? -10.901 -2.449  5.931   1.00 45.33  ? 72  PRO A C   1 
ATOM   129  O O   . PRO A 1 29  ? -9.929  -2.125  5.250   1.00 44.89  ? 72  PRO A O   1 
ATOM   130  C CB  . PRO A 1 29  ? -11.378 -4.927  5.750   1.00 44.43  ? 72  PRO A CB  1 
ATOM   131  C CG  . PRO A 1 29  ? -11.937 -5.748  4.628   1.00 45.58  ? 72  PRO A CG  1 
ATOM   132  C CD  . PRO A 1 29  ? -11.702 -4.860  3.433   1.00 44.91  ? 72  PRO A CD  1 
ATOM   133  N N   . GLU A 1 30  ? -11.158 -1.909  7.118   1.00 46.14  ? 73  GLU A N   1 
ATOM   134  C CA  . GLU A 1 30  ? -10.274 -0.906  7.688   1.00 46.89  ? 73  GLU A CA  1 
ATOM   135  C C   . GLU A 1 30  ? -8.875  -1.464  7.957   1.00 45.12  ? 73  GLU A C   1 
ATOM   136  O O   . GLU A 1 30  ? -7.894  -0.732  7.868   1.00 43.73  ? 73  GLU A O   1 
ATOM   137  C CB  . GLU A 1 30  ? -10.863 -0.338  8.979   1.00 51.68  ? 73  GLU A CB  1 
ATOM   138  C CG  . GLU A 1 30  ? -12.049 0.583   8.739   1.00 61.05  ? 73  GLU A CG  1 
ATOM   139  C CD  . GLU A 1 30  ? -12.366 1.448   9.943   1.00 66.19  ? 73  GLU A CD  1 
ATOM   140  O OE1 . GLU A 1 30  ? -12.731 0.888   10.999  1.00 70.16  ? 73  GLU A OE1 1 
ATOM   141  O OE2 . GLU A 1 30  ? -12.246 2.688   9.832   1.00 68.83  ? 73  GLU A OE2 1 
ATOM   142  N N   . HIS A 1 31  ? -8.779  -2.751  8.287   1.00 43.01  ? 74  HIS A N   1 
ATOM   143  C CA  . HIS A 1 31  ? -7.477  -3.355  8.542   1.00 42.03  ? 74  HIS A CA  1 
ATOM   144  C C   . HIS A 1 31  ? -6.614  -3.270  7.292   1.00 41.66  ? 74  HIS A C   1 
ATOM   145  O O   . HIS A 1 31  ? -5.394  -3.118  7.383   1.00 40.94  ? 74  HIS A O   1 
ATOM   146  C CB  . HIS A 1 31  ? -7.599  -4.831  8.941   1.00 46.25  ? 74  HIS A CB  1 
ATOM   147  C CG  . HIS A 1 31  ? -7.993  -5.051  10.368  1.00 49.17  ? 74  HIS A CG  1 
ATOM   148  N ND1 . HIS A 1 31  ? -7.640  -4.186  11.382  1.00 50.98  ? 74  HIS A ND1 1 
ATOM   149  C CD2 . HIS A 1 31  ? -8.672  -6.065  10.958  1.00 50.36  ? 74  HIS A CD2 1 
ATOM   150  C CE1 . HIS A 1 31  ? -8.085  -4.657  12.534  1.00 50.27  ? 74  HIS A CE1 1 
ATOM   151  N NE2 . HIS A 1 31  ? -8.713  -5.796  12.304  1.00 51.48  ? 74  HIS A NE2 1 
ATOM   152  N N   . VAL A 1 32  ? -7.247  -3.393  6.125   1.00 39.67  ? 75  VAL A N   1 
ATOM   153  C CA  . VAL A 1 32  ? -6.524  -3.322  4.861   1.00 37.98  ? 75  VAL A CA  1 
ATOM   154  C C   . VAL A 1 32  ? -6.027  -1.892  4.655   1.00 38.09  ? 75  VAL A C   1 
ATOM   155  O O   . VAL A 1 32  ? -4.830  -1.663  4.474   1.00 38.09  ? 75  VAL A O   1 
ATOM   156  C CB  . VAL A 1 32  ? -7.425  -3.748  3.676   1.00 38.87  ? 75  VAL A CB  1 
ATOM   157  C CG1 . VAL A 1 32  ? -6.705  -3.518  2.347   1.00 38.44  ? 75  VAL A CG1 1 
ATOM   158  C CG2 . VAL A 1 32  ? -7.792  -5.227  3.816   1.00 40.08  ? 75  VAL A CG2 1 
ATOM   159  N N   . ILE A 1 33  ? -6.948  -0.936  4.706   1.00 37.93  ? 76  ILE A N   1 
ATOM   160  C CA  . ILE A 1 33  ? -6.613  0.476   4.545   1.00 38.01  ? 76  ILE A CA  1 
ATOM   161  C C   . ILE A 1 33  ? -5.535  0.867   5.558   1.00 37.65  ? 76  ILE A C   1 
ATOM   162  O O   . ILE A 1 33  ? -4.518  1.480   5.209   1.00 36.92  ? 76  ILE A O   1 
ATOM   163  C CB  . ILE A 1 33  ? -7.855  1.380   4.778   1.00 37.54  ? 76  ILE A CB  1 
ATOM   164  C CG1 . ILE A 1 33  ? -8.941  1.068   3.742   1.00 40.64  ? 76  ILE A CG1 1 
ATOM   165  C CG2 . ILE A 1 33  ? -7.456  2.842   4.686   1.00 38.45  ? 76  ILE A CG2 1 
ATOM   166  C CD1 . ILE A 1 33  ? -10.270 1.800   3.992   1.00 40.25  ? 76  ILE A CD1 1 
ATOM   167  N N   . ASN A 1 34  ? -5.770  0.511   6.816   1.00 34.95  ? 77  ASN A N   1 
ATOM   168  C CA  . ASN A 1 34  ? -4.832  0.824   7.887   1.00 36.73  ? 77  ASN A CA  1 
ATOM   169  C C   . ASN A 1 34  ? -3.459  0.191   7.684   1.00 35.61  ? 77  ASN A C   1 
ATOM   170  O O   . ASN A 1 34  ? -2.442  0.815   7.965   1.00 35.78  ? 77  ASN A O   1 
ATOM   171  C CB  . ASN A 1 34  ? -5.419  0.395   9.236   1.00 37.40  ? 77  ASN A CB  1 
ATOM   172  C CG  . ASN A 1 34  ? -6.577  1.281   9.675   1.00 41.02  ? 77  ASN A CG  1 
ATOM   173  O OD1 . ASN A 1 34  ? -7.366  0.911   10.550  1.00 45.55  ? 77  ASN A OD1 1 
ATOM   174  N ND2 . ASN A 1 34  ? -6.679  2.459   9.074   1.00 38.16  ? 77  ASN A ND2 1 
ATOM   175  N N   . ALA A 1 35  ? -3.429  -1.042  7.193   1.00 36.24  ? 78  ALA A N   1 
ATOM   176  C CA  . ALA A 1 35  ? -2.160  -1.722  6.968   1.00 36.38  ? 78  ALA A CA  1 
ATOM   177  C C   . ALA A 1 35  ? -1.328  -0.980  5.920   1.00 35.77  ? 78  ALA A C   1 
ATOM   178  O O   . ALA A 1 35  ? -0.131  -0.774  6.102   1.00 33.80  ? 78  ALA A O   1 
ATOM   179  C CB  . ALA A 1 35  ? -2.406  -3.168  6.522   1.00 33.65  ? 78  ALA A CB  1 
ATOM   180  N N   . PHE A 1 36  ? -1.963  -0.592  4.816   1.00 35.16  ? 79  PHE A N   1 
ATOM   181  C CA  . PHE A 1 36  ? -1.259  0.125   3.760   1.00 36.34  ? 79  PHE A CA  1 
ATOM   182  C C   . PHE A 1 36  ? -0.796  1.503   4.229   1.00 35.74  ? 79  PHE A C   1 
ATOM   183  O O   . PHE A 1 36  ? 0.344   1.902   3.976   1.00 37.37  ? 79  PHE A O   1 
ATOM   184  C CB  . PHE A 1 36  ? -2.147  0.246   2.514   1.00 33.17  ? 79  PHE A CB  1 
ATOM   185  C CG  . PHE A 1 36  ? -2.095  -0.963  1.616   1.00 31.80  ? 79  PHE A CG  1 
ATOM   186  C CD1 . PHE A 1 36  ? -1.172  -1.033  0.579   1.00 33.81  ? 79  PHE A CD1 1 
ATOM   187  C CD2 . PHE A 1 36  ? -2.954  -2.040  1.821   1.00 33.44  ? 79  PHE A CD2 1 
ATOM   188  C CE1 . PHE A 1 36  ? -1.100  -2.158  -0.248  1.00 34.02  ? 79  PHE A CE1 1 
ATOM   189  C CE2 . PHE A 1 36  ? -2.896  -3.177  1.001   1.00 34.20  ? 79  PHE A CE2 1 
ATOM   190  C CZ  . PHE A 1 36  ? -1.967  -3.236  -0.035  1.00 36.86  ? 79  PHE A CZ  1 
ATOM   191  N N   . VAL A 1 37  ? -1.666  2.228   4.918   1.00 36.64  ? 80  VAL A N   1 
ATOM   192  C CA  . VAL A 1 37  ? -1.303  3.554   5.417   1.00 38.46  ? 80  VAL A CA  1 
ATOM   193  C C   . VAL A 1 37  ? -0.141  3.489   6.416   1.00 39.53  ? 80  VAL A C   1 
ATOM   194  O O   . VAL A 1 37  ? 0.829   4.238   6.300   1.00 37.57  ? 80  VAL A O   1 
ATOM   195  C CB  . VAL A 1 37  ? -2.509  4.252   6.095   1.00 38.53  ? 80  VAL A CB  1 
ATOM   196  C CG1 . VAL A 1 37  ? -2.046  5.477   6.874   1.00 36.72  ? 80  VAL A CG1 1 
ATOM   197  C CG2 . VAL A 1 37  ? -3.522  4.670   5.035   1.00 38.09  ? 80  VAL A CG2 1 
ATOM   198  N N   . ALA A 1 38  ? -0.234  2.589   7.387   1.00 38.81  ? 81  ALA A N   1 
ATOM   199  C CA  . ALA A 1 38  ? 0.815   2.455   8.396   1.00 38.91  ? 81  ALA A CA  1 
ATOM   200  C C   . ALA A 1 38  ? 2.154   2.067   7.783   1.00 39.34  ? 81  ALA A C   1 
ATOM   201  O O   . ALA A 1 38  ? 3.208   2.508   8.242   1.00 40.53  ? 81  ALA A O   1 
ATOM   202  C CB  . ALA A 1 38  ? 0.407   1.415   9.439   1.00 38.24  ? 81  ALA A CB  1 
ATOM   203  N N   . THR A 1 39  ? 2.101   1.244   6.744   1.00 37.89  ? 82  THR A N   1 
ATOM   204  C CA  . THR A 1 39  ? 3.297   0.755   6.072   1.00 39.59  ? 82  THR A CA  1 
ATOM   205  C C   . THR A 1 39  ? 3.881   1.692   5.014   1.00 40.50  ? 82  THR A C   1 
ATOM   206  O O   . THR A 1 39  ? 5.090   1.911   4.970   1.00 38.86  ? 82  THR A O   1 
ATOM   207  C CB  . THR A 1 39  ? 3.016   -0.604  5.372   1.00 39.68  ? 82  THR A CB  1 
ATOM   208  O OG1 . THR A 1 39  ? 2.568   -1.565  6.338   1.00 42.03  ? 82  THR A OG1 1 
ATOM   209  C CG2 . THR A 1 39  ? 4.270   -1.124  4.702   1.00 39.27  ? 82  THR A CG2 1 
ATOM   210  N N   . GLU A 1 40  ? 3.023   2.238   4.161   1.00 40.37  ? 83  GLU A N   1 
ATOM   211  C CA  . GLU A 1 40  ? 3.475   3.095   3.072   1.00 41.66  ? 83  GLU A CA  1 
ATOM   212  C C   . GLU A 1 40  ? 3.415   4.606   3.255   1.00 42.10  ? 83  GLU A C   1 
ATOM   213  O O   . GLU A 1 40  ? 4.192   5.322   2.630   1.00 45.22  ? 83  GLU A O   1 
ATOM   214  C CB  . GLU A 1 40  ? 2.694   2.740   1.798   1.00 43.93  ? 83  GLU A CB  1 
ATOM   215  C CG  . GLU A 1 40  ? 2.956   1.341   1.265   1.00 46.29  ? 83  GLU A CG  1 
ATOM   216  C CD  . GLU A 1 40  ? 4.375   1.169   0.753   1.00 50.75  ? 83  GLU A CD  1 
ATOM   217  O OE1 . GLU A 1 40  ? 5.095   0.280   1.264   1.00 50.33  ? 83  GLU A OE1 1 
ATOM   218  O OE2 . GLU A 1 40  ? 4.767   1.928   -0.166  1.00 52.81  ? 83  GLU A OE2 1 
ATOM   219  N N   . ASP A 1 41  ? 2.522   5.100   4.109   1.00 41.21  ? 84  ASP A N   1 
ATOM   220  C CA  . ASP A 1 41  ? 2.356   6.549   4.249   1.00 39.12  ? 84  ASP A CA  1 
ATOM   221  C C   . ASP A 1 41  ? 1.562   6.874   5.515   1.00 38.59  ? 84  ASP A C   1 
ATOM   222  O O   . ASP A 1 41  ? 0.367   7.184   5.452   1.00 35.05  ? 84  ASP A O   1 
ATOM   223  C CB  . ASP A 1 41  ? 1.613   7.036   2.997   1.00 39.64  ? 84  ASP A CB  1 
ATOM   224  C CG  . ASP A 1 41  ? 1.411   8.538   2.958   1.00 41.33  ? 84  ASP A CG  1 
ATOM   225  O OD1 . ASP A 1 41  ? 1.827   9.249   3.898   1.00 40.82  ? 84  ASP A OD1 1 
ATOM   226  O OD2 . ASP A 1 41  ? 0.821   9.001   1.964   1.00 41.48  ? 84  ASP A OD2 1 
ATOM   227  N N   . ARG A 1 42  ? 2.233   6.817   6.660   1.00 37.38  ? 85  ARG A N   1 
ATOM   228  C CA  . ARG A 1 42  ? 1.584   7.045   7.944   1.00 41.19  ? 85  ARG A CA  1 
ATOM   229  C C   . ARG A 1 42  ? 0.781   8.333   8.098   1.00 41.02  ? 85  ARG A C   1 
ATOM   230  O O   . ARG A 1 42  ? -0.244  8.338   8.780   1.00 41.84  ? 85  ARG A O   1 
ATOM   231  C CB  . ARG A 1 42  ? 2.618   6.942   9.073   1.00 43.76  ? 85  ARG A CB  1 
ATOM   232  C CG  . ARG A 1 42  ? 3.692   8.015   9.050   1.00 51.27  ? 85  ARG A CG  1 
ATOM   233  C CD  . ARG A 1 42  ? 4.747   7.775   10.132  1.00 54.72  ? 85  ARG A CD  1 
ATOM   234  N NE  . ARG A 1 42  ? 5.556   6.588   9.854   1.00 58.62  ? 85  ARG A NE  1 
ATOM   235  C CZ  . ARG A 1 42  ? 6.550   6.155   10.629  1.00 60.87  ? 85  ARG A CZ  1 
ATOM   236  N NH1 . ARG A 1 42  ? 6.871   6.804   11.741  1.00 60.18  ? 85  ARG A NH1 1 
ATOM   237  N NH2 . ARG A 1 42  ? 7.226   5.066   10.291  1.00 60.52  ? 85  ARG A NH2 1 
ATOM   238  N N   . ASN A 1 43  ? 1.227   9.416   7.471   1.00 41.65  ? 86  ASN A N   1 
ATOM   239  C CA  . ASN A 1 43  ? 0.529   10.699  7.577   1.00 41.74  ? 86  ASN A CA  1 
ATOM   240  C C   . ASN A 1 43  ? -0.411  10.973  6.391   1.00 42.25  ? 86  ASN A C   1 
ATOM   241  O O   . ASN A 1 43  ? -0.854  12.107  6.183   1.00 41.60  ? 86  ASN A O   1 
ATOM   242  C CB  . ASN A 1 43  ? 1.561   11.834  7.718   1.00 45.50  ? 86  ASN A CB  1 
ATOM   243  C CG  . ASN A 1 43  ? 0.926   13.170  8.090   1.00 50.83  ? 86  ASN A CG  1 
ATOM   244  O OD1 . ASN A 1 43  ? 0.051   13.235  8.955   1.00 53.71  ? 86  ASN A OD1 1 
ATOM   245  N ND2 . ASN A 1 43  ? 1.375   14.244  7.445   1.00 53.23  ? 86  ASN A ND2 1 
ATOM   246  N N   . PHE A 1 44  ? -0.732  9.922   5.637   1.00 41.12  ? 87  PHE A N   1 
ATOM   247  C CA  . PHE A 1 44  ? -1.602  10.030  4.462   1.00 40.80  ? 87  PHE A CA  1 
ATOM   248  C C   . PHE A 1 44  ? -2.832  10.921  4.592   1.00 41.81  ? 87  PHE A C   1 
ATOM   249  O O   . PHE A 1 44  ? -3.115  11.737  3.716   1.00 42.56  ? 87  PHE A O   1 
ATOM   250  C CB  . PHE A 1 44  ? -2.092  8.649   4.019   1.00 40.49  ? 87  PHE A CB  1 
ATOM   251  C CG  . PHE A 1 44  ? -3.104  8.704   2.897   1.00 37.98  ? 87  PHE A CG  1 
ATOM   252  C CD1 . PHE A 1 44  ? -2.699  8.977   1.591   1.00 36.14  ? 87  PHE A CD1 1 
ATOM   253  C CD2 . PHE A 1 44  ? -4.456  8.528   3.156   1.00 33.92  ? 87  PHE A CD2 1 
ATOM   254  C CE1 . PHE A 1 44  ? -3.636  9.079   0.555   1.00 36.56  ? 87  PHE A CE1 1 
ATOM   255  C CE2 . PHE A 1 44  ? -5.403  8.628   2.128   1.00 35.71  ? 87  PHE A CE2 1 
ATOM   256  C CZ  . PHE A 1 44  ? -4.991  8.905   0.827   1.00 35.77  ? 87  PHE A CZ  1 
ATOM   257  N N   . TRP A 1 45  ? -3.586  10.736  5.668   1.00 41.21  ? 88  TRP A N   1 
ATOM   258  C CA  . TRP A 1 45  ? -4.800  11.500  5.861   1.00 43.10  ? 88  TRP A CA  1 
ATOM   259  C C   . TRP A 1 45  ? -4.601  12.993  6.109   1.00 44.52  ? 88  TRP A C   1 
ATOM   260  O O   . TRP A 1 45  ? -5.566  13.746  6.085   1.00 44.01  ? 88  TRP A O   1 
ATOM   261  C CB  . TRP A 1 45  ? -5.611  10.894  7.010   1.00 43.05  ? 88  TRP A CB  1 
ATOM   262  C CG  . TRP A 1 45  ? -5.986  9.462   6.779   1.00 43.39  ? 88  TRP A CG  1 
ATOM   263  C CD1 . TRP A 1 45  ? -5.418  8.356   7.354   1.00 43.49  ? 88  TRP A CD1 1 
ATOM   264  C CD2 . TRP A 1 45  ? -6.994  8.976   5.886   1.00 43.10  ? 88  TRP A CD2 1 
ATOM   265  N NE1 . TRP A 1 45  ? -6.014  7.212   6.872   1.00 42.66  ? 88  TRP A NE1 1 
ATOM   266  C CE2 . TRP A 1 45  ? -6.983  7.564   5.970   1.00 43.33  ? 88  TRP A CE2 1 
ATOM   267  C CE3 . TRP A 1 45  ? -7.904  9.595   5.023   1.00 43.25  ? 88  TRP A CE3 1 
ATOM   268  C CZ2 . TRP A 1 45  ? -7.850  6.763   5.220   1.00 43.33  ? 88  TRP A CZ2 1 
ATOM   269  C CZ3 . TRP A 1 45  ? -8.767  8.793   4.274   1.00 43.20  ? 88  TRP A CZ3 1 
ATOM   270  C CH2 . TRP A 1 45  ? -8.731  7.395   4.381   1.00 41.87  ? 88  TRP A CH2 1 
ATOM   271  N N   . HIS A 1 46  ? -3.361  13.428  6.316   1.00 46.23  ? 89  HIS A N   1 
ATOM   272  C CA  . HIS A 1 46  ? -3.112  14.836  6.603   1.00 48.13  ? 89  HIS A CA  1 
ATOM   273  C C   . HIS A 1 46  ? -2.252  15.631  5.630   1.00 47.65  ? 89  HIS A C   1 
ATOM   274  O O   . HIS A 1 46  ? -2.409  16.844  5.531   1.00 49.09  ? 89  HIS A O   1 
ATOM   275  C CB  . HIS A 1 46  ? -2.509  14.984  8.003   1.00 50.24  ? 89  HIS A CB  1 
ATOM   276  C CG  . HIS A 1 46  ? -3.334  14.360  9.081   1.00 54.27  ? 89  HIS A CG  1 
ATOM   277  N ND1 . HIS A 1 46  ? -3.025  13.139  9.640   1.00 55.10  ? 89  HIS A ND1 1 
ATOM   278  C CD2 . HIS A 1 46  ? -4.475  14.772  9.680   1.00 54.94  ? 89  HIS A CD2 1 
ATOM   279  C CE1 . HIS A 1 46  ? -3.941  12.826  10.539  1.00 54.87  ? 89  HIS A CE1 1 
ATOM   280  N NE2 . HIS A 1 46  ? -4.832  13.801  10.582  1.00 56.21  ? 89  HIS A NE2 1 
ATOM   281  N N   . HIS A 1 47  ? -1.338  14.983  4.920   1.00 46.46  ? 90  HIS A N   1 
ATOM   282  C CA  . HIS A 1 47  ? -0.498  15.736  4.007   1.00 44.59  ? 90  HIS A CA  1 
ATOM   283  C C   . HIS A 1 47  ? -1.268  16.207  2.778   1.00 46.19  ? 90  HIS A C   1 
ATOM   284  O O   . HIS A 1 47  ? -2.455  15.913  2.627   1.00 45.34  ? 90  HIS A O   1 
ATOM   285  C CB  . HIS A 1 47  ? 0.745   14.926  3.621   1.00 44.12  ? 90  HIS A CB  1 
ATOM   286  C CG  . HIS A 1 47  ? 0.454   13.650  2.894   1.00 44.68  ? 90  HIS A CG  1 
ATOM   287  N ND1 . HIS A 1 47  ? -0.051  13.620  1.611   1.00 44.56  ? 90  HIS A ND1 1 
ATOM   288  C CD2 . HIS A 1 47  ? 0.651   12.358  3.251   1.00 45.20  ? 90  HIS A CD2 1 
ATOM   289  C CE1 . HIS A 1 47  ? -0.148  12.366  1.208   1.00 44.67  ? 90  HIS A CE1 1 
ATOM   290  N NE2 . HIS A 1 47  ? 0.271   11.580  2.185   1.00 44.17  ? 90  HIS A NE2 1 
ATOM   291  N N   . PHE A 1 48  ? -0.593  16.950  1.909   1.00 46.86  ? 91  PHE A N   1 
ATOM   292  C CA  . PHE A 1 48  ? -1.231  17.495  0.712   1.00 49.18  ? 91  PHE A CA  1 
ATOM   293  C C   . PHE A 1 48  ? -0.704  16.909  -0.593  1.00 48.60  ? 91  PHE A C   1 
ATOM   294  O O   . PHE A 1 48  ? -0.707  17.583  -1.622  1.00 48.56  ? 91  PHE A O   1 
ATOM   295  C CB  . PHE A 1 48  ? -1.053  19.018  0.681   1.00 51.14  ? 91  PHE A CB  1 
ATOM   296  C CG  . PHE A 1 48  ? 0.381   19.455  0.757   1.00 54.24  ? 91  PHE A CG  1 
ATOM   297  C CD1 . PHE A 1 48  ? 1.066   19.431  1.970   1.00 56.42  ? 91  PHE A CD1 1 
ATOM   298  C CD2 . PHE A 1 48  ? 1.063   19.846  -0.391  1.00 55.47  ? 91  PHE A CD2 1 
ATOM   299  C CE1 . PHE A 1 48  ? 2.416   19.790  2.039   1.00 57.79  ? 91  PHE A CE1 1 
ATOM   300  C CE2 . PHE A 1 48  ? 2.413   20.206  -0.338  1.00 57.82  ? 91  PHE A CE2 1 
ATOM   301  C CZ  . PHE A 1 48  ? 3.092   20.178  0.880   1.00 58.26  ? 91  PHE A CZ  1 
ATOM   302  N N   . GLY A 1 49  ? -0.257  15.658  -0.560  1.00 47.56  ? 92  GLY A N   1 
ATOM   303  C CA  . GLY A 1 49  ? 0.258   15.043  -1.770  1.00 48.22  ? 92  GLY A CA  1 
ATOM   304  C C   . GLY A 1 49  ? 1.702   14.625  -1.602  1.00 48.77  ? 92  GLY A C   1 
ATOM   305  O O   . GLY A 1 49  ? 2.139   13.622  -2.168  1.00 46.34  ? 92  GLY A O   1 
ATOM   306  N N   . ILE A 1 50  ? 2.444   15.422  -0.839  1.00 50.10  ? 93  ILE A N   1 
ATOM   307  C CA  . ILE A 1 50  ? 3.845   15.144  -0.532  1.00 53.06  ? 93  ILE A CA  1 
ATOM   308  C C   . ILE A 1 50  ? 3.989   15.404  0.963   1.00 53.44  ? 93  ILE A C   1 
ATOM   309  O O   . ILE A 1 50  ? 3.270   16.228  1.525   1.00 51.58  ? 93  ILE A O   1 
ATOM   310  C CB  . ILE A 1 50  ? 4.821   16.063  -1.306  1.00 54.33  ? 93  ILE A CB  1 
ATOM   311  C CG1 . ILE A 1 50  ? 4.562   17.521  -0.941  1.00 56.44  ? 93  ILE A CG1 1 
ATOM   312  C CG2 . ILE A 1 50  ? 4.677   15.836  -2.806  1.00 54.16  ? 93  ILE A CG2 1 
ATOM   313  C CD1 . ILE A 1 50  ? 5.530   18.488  -1.585  1.00 59.01  ? 93  ILE A CD1 1 
ATOM   314  N N   . ASP A 1 51  ? 4.911   14.700  1.605   1.00 54.78  ? 94  ASP A N   1 
ATOM   315  C CA  . ASP A 1 51  ? 5.104   14.848  3.040   1.00 58.51  ? 94  ASP A CA  1 
ATOM   316  C C   . ASP A 1 51  ? 6.507   15.350  3.372   1.00 60.28  ? 94  ASP A C   1 
ATOM   317  O O   . ASP A 1 51  ? 7.431   14.556  3.548   1.00 58.36  ? 94  ASP A O   1 
ATOM   318  C CB  . ASP A 1 51  ? 4.870   13.505  3.727   1.00 60.03  ? 94  ASP A CB  1 
ATOM   319  C CG  . ASP A 1 51  ? 4.667   13.645  5.217   1.00 61.77  ? 94  ASP A CG  1 
ATOM   320  O OD1 . ASP A 1 51  ? 5.352   14.493  5.830   1.00 62.72  ? 94  ASP A OD1 1 
ATOM   321  O OD2 . ASP A 1 51  ? 3.827   12.905  5.771   1.00 61.06  ? 94  ASP A OD2 1 
ATOM   322  N N   . PRO A 1 52  ? 6.681   16.678  3.467   1.00 62.64  ? 95  PRO A N   1 
ATOM   323  C CA  . PRO A 1 52  ? 7.985   17.273  3.779   1.00 65.07  ? 95  PRO A CA  1 
ATOM   324  C C   . PRO A 1 52  ? 8.639   16.635  5.001   1.00 66.36  ? 95  PRO A C   1 
ATOM   325  O O   . PRO A 1 52  ? 9.777   16.165  4.937   1.00 66.47  ? 95  PRO A O   1 
ATOM   326  C CB  . PRO A 1 52  ? 7.642   18.741  4.011   1.00 65.32  ? 95  PRO A CB  1 
ATOM   327  C CG  . PRO A 1 52  ? 6.487   18.960  3.079   1.00 65.42  ? 95  PRO A CG  1 
ATOM   328  C CD  . PRO A 1 52  ? 5.652   17.721  3.309   1.00 63.13  ? 95  PRO A CD  1 
ATOM   329  N N   . VAL A 1 53  ? 7.904   16.615  6.109   1.00 67.15  ? 96  VAL A N   1 
ATOM   330  C CA  . VAL A 1 53  ? 8.396   16.048  7.358   1.00 68.27  ? 96  VAL A CA  1 
ATOM   331  C C   . VAL A 1 53  ? 8.826   14.595  7.183   1.00 68.96  ? 96  VAL A C   1 
ATOM   332  O O   . VAL A 1 53  ? 9.831   14.165  7.749   1.00 69.05  ? 96  VAL A O   1 
ATOM   333  C CB  . VAL A 1 53  ? 7.313   16.130  8.463   1.00 69.19  ? 96  VAL A CB  1 
ATOM   334  C CG1 . VAL A 1 53  ? 7.875   15.643  9.788   1.00 69.01  ? 96  VAL A CG1 1 
ATOM   335  C CG2 . VAL A 1 53  ? 6.818   17.563  8.597   1.00 68.94  ? 96  VAL A CG2 1 
ATOM   336  N N   . ALA A 1 54  ? 8.062   13.841  6.400   1.00 70.26  ? 97  ALA A N   1 
ATOM   337  C CA  . ALA A 1 54  ? 8.378   12.440  6.154   1.00 71.13  ? 97  ALA A CA  1 
ATOM   338  C C   . ALA A 1 54  ? 9.671   12.328  5.360   1.00 72.59  ? 97  ALA A C   1 
ATOM   339  O O   . ALA A 1 54  ? 10.427  11.370  5.520   1.00 72.46  ? 97  ALA A O   1 
ATOM   340  C CB  . ALA A 1 54  ? 7.243   11.770  5.394   1.00 71.58  ? 97  ALA A CB  1 
ATOM   341  N N   . ILE A 1 55  ? 9.919   13.311  4.500   1.00 73.97  ? 98  ILE A N   1 
ATOM   342  C CA  . ILE A 1 55  ? 11.127  13.322  3.684   1.00 76.29  ? 98  ILE A CA  1 
ATOM   343  C C   . ILE A 1 55  ? 12.341  13.618  4.563   1.00 78.20  ? 98  ILE A C   1 
ATOM   344  O O   . ILE A 1 55  ? 13.441  13.121  4.311   1.00 78.24  ? 98  ILE A O   1 
ATOM   345  C CB  . ILE A 1 55  ? 11.035  14.383  2.561   1.00 75.10  ? 98  ILE A CB  1 
ATOM   346  C CG1 . ILE A 1 55  ? 9.847   14.068  1.647   1.00 73.85  ? 98  ILE A CG1 1 
ATOM   347  C CG2 . ILE A 1 55  ? 12.321  14.394  1.749   1.00 75.41  ? 98  ILE A CG2 1 
ATOM   348  C CD1 . ILE A 1 55  ? 9.608   15.097  0.563   1.00 72.10  ? 98  ILE A CD1 1 
ATOM   349  N N   . VAL A 1 56  ? 12.132  14.426  5.598   1.00 80.25  ? 99  VAL A N   1 
ATOM   350  C CA  . VAL A 1 56  ? 13.204  14.774  6.522   1.00 82.53  ? 99  VAL A CA  1 
ATOM   351  C C   . VAL A 1 56  ? 13.432  13.618  7.492   1.00 84.78  ? 99  VAL A C   1 
ATOM   352  O O   . VAL A 1 56  ? 14.570  13.238  7.762   1.00 85.46  ? 99  VAL A O   1 
ATOM   353  C CB  . VAL A 1 56  ? 12.860  16.039  7.328   1.00 81.54  ? 99  VAL A CB  1 
ATOM   354  C CG1 . VAL A 1 56  ? 13.949  16.314  8.348   1.00 81.01  ? 99  VAL A CG1 1 
ATOM   355  C CG2 . VAL A 1 56  ? 12.697  17.222  6.390   1.00 80.67  ? 99  VAL A CG2 1 
ATOM   356  N N   . ARG A 1 57  ? 12.340  13.066  8.012   1.00 87.00  ? 100 ARG A N   1 
ATOM   357  C CA  . ARG A 1 57  ? 12.418  11.943  8.939   1.00 89.17  ? 100 ARG A CA  1 
ATOM   358  C C   . ARG A 1 57  ? 13.195  10.820  8.264   1.00 90.34  ? 100 ARG A C   1 
ATOM   359  O O   . ARG A 1 57  ? 14.053  10.187  8.876   1.00 90.66  ? 100 ARG A O   1 
ATOM   360  C CB  . ARG A 1 57  ? 11.013  11.449  9.292   1.00 89.99  ? 100 ARG A CB  1 
ATOM   361  C CG  . ARG A 1 57  ? 10.972  10.296  10.290  1.00 90.75  ? 100 ARG A CG  1 
ATOM   362  C CD  . ARG A 1 57  ? 9.885   9.296   9.918   1.00 92.06  ? 100 ARG A CD  1 
ATOM   363  N NE  . ARG A 1 57  ? 8.587   9.937   9.716   1.00 93.87  ? 100 ARG A NE  1 
ATOM   364  C CZ  . ARG A 1 57  ? 7.575   9.388   9.050   1.00 93.58  ? 100 ARG A CZ  1 
ATOM   365  N NH1 . ARG A 1 57  ? 7.706   8.180   8.517   1.00 93.22  ? 100 ARG A NH1 1 
ATOM   366  N NH2 . ARG A 1 57  ? 6.433   10.047  8.908   1.00 93.12  ? 100 ARG A NH2 1 
ATOM   367  N N   . ALA A 1 58  ? 12.885  10.583  6.993   1.00 91.91  ? 101 ALA A N   1 
ATOM   368  C CA  . ALA A 1 58  ? 13.543  9.540   6.218   1.00 94.18  ? 101 ALA A CA  1 
ATOM   369  C C   . ALA A 1 58  ? 14.984  9.925   5.910   1.00 95.85  ? 101 ALA A C   1 
ATOM   370  O O   . ALA A 1 58  ? 15.878  9.079   5.917   1.00 96.10  ? 101 ALA A O   1 
ATOM   371  C CB  . ALA A 1 58  ? 12.780  9.294   4.921   1.00 93.86  ? 101 ALA A CB  1 
ATOM   372  N N   . ALA A 1 59  ? 15.206  11.206  5.635   1.00 97.74  ? 102 ALA A N   1 
ATOM   373  C CA  . ALA A 1 59  ? 16.545  11.694  5.330   1.00 99.95  ? 102 ALA A CA  1 
ATOM   374  C C   . ALA A 1 59  ? 17.481  11.401  6.498   1.00 101.87 ? 102 ALA A C   1 
ATOM   375  O O   . ALA A 1 59  ? 18.473  10.684  6.348   1.00 101.69 ? 102 ALA A O   1 
ATOM   376  C CB  . ALA A 1 59  ? 16.504  13.191  5.051   1.00 99.32  ? 102 ALA A CB  1 
ATOM   377  N N   . ILE A 1 60  ? 17.154  11.953  7.664   1.00 104.01 ? 103 ILE A N   1 
ATOM   378  C CA  . ILE A 1 60  ? 17.966  11.751  8.858   1.00 106.21 ? 103 ILE A CA  1 
ATOM   379  C C   . ILE A 1 60  ? 17.881  10.314  9.371   1.00 107.57 ? 103 ILE A C   1 
ATOM   380  O O   . ILE A 1 60  ? 17.291  10.044  10.417  1.00 107.68 ? 103 ILE A O   1 
ATOM   381  C CB  . ILE A 1 60  ? 17.553  12.729  9.990   1.00 106.01 ? 103 ILE A CB  1 
ATOM   382  C CG1 . ILE A 1 60  ? 16.060  12.591  10.295  1.00 106.21 ? 103 ILE A CG1 1 
ATOM   383  C CG2 . ILE A 1 60  ? 17.880  14.159  9.582   1.00 106.31 ? 103 ILE A CG2 1 
ATOM   384  C CD1 . ILE A 1 60  ? 15.579  13.484  11.422  1.00 105.88 ? 103 ILE A CD1 1 
ATOM   385  N N   . VAL A 1 61  ? 18.478  9.395   8.617   1.00 109.29 ? 104 VAL A N   1 
ATOM   386  C CA  . VAL A 1 61  ? 18.489  7.985   8.986   1.00 111.21 ? 104 VAL A CA  1 
ATOM   387  C C   . VAL A 1 61  ? 19.866  7.383   8.725   1.00 112.42 ? 104 VAL A C   1 
ATOM   388  O O   . VAL A 1 61  ? 20.256  7.167   7.575   1.00 112.73 ? 104 VAL A O   1 
ATOM   389  C CB  . VAL A 1 61  ? 17.427  7.190   8.196   1.00 111.06 ? 104 VAL A CB  1 
ATOM   390  C CG1 . VAL A 1 61  ? 17.554  5.705   8.497   1.00 111.06 ? 104 VAL A CG1 1 
ATOM   391  C CG2 . VAL A 1 61  ? 16.038  7.679   8.569   1.00 111.23 ? 104 VAL A CG2 1 
ATOM   392  N N   . ASN A 1 62  ? 20.597  7.116   9.804   1.00 113.41 ? 105 ASN A N   1 
ATOM   393  C CA  . ASN A 1 62  ? 21.935  6.548   9.714   1.00 114.22 ? 105 ASN A CA  1 
ATOM   394  C C   . ASN A 1 62  ? 21.882  5.024   9.658   1.00 114.64 ? 105 ASN A C   1 
ATOM   395  O O   . ASN A 1 62  ? 22.192  4.344   10.635  1.00 114.79 ? 105 ASN A O   1 
ATOM   396  C CB  . ASN A 1 62  ? 22.771  6.996   10.916  1.00 114.51 ? 105 ASN A CB  1 
ATOM   397  C CG  . ASN A 1 62  ? 22.802  8.506   11.075  1.00 114.66 ? 105 ASN A CG  1 
ATOM   398  O OD1 . ASN A 1 62  ? 23.272  9.227   10.193  1.00 114.23 ? 105 ASN A OD1 1 
ATOM   399  N ND2 . ASN A 1 62  ? 22.295  8.993   12.204  1.00 114.41 ? 105 ASN A ND2 1 
ATOM   400  N N   . VAL A 1 69  ? 16.869  3.047   3.455   1.00 97.85  ? 112 VAL A N   1 
ATOM   401  C CA  . VAL A 1 69  ? 15.993  2.180   4.238   1.00 97.03  ? 112 VAL A CA  1 
ATOM   402  C C   . VAL A 1 69  ? 14.572  2.738   4.291   1.00 96.23  ? 112 VAL A C   1 
ATOM   403  O O   . VAL A 1 69  ? 13.603  2.024   4.026   1.00 96.83  ? 112 VAL A O   1 
ATOM   404  C CB  . VAL A 1 69  ? 16.516  2.021   5.684   1.00 97.33  ? 112 VAL A CB  1 
ATOM   405  C CG1 . VAL A 1 69  ? 15.611  1.080   6.464   1.00 97.61  ? 112 VAL A CG1 1 
ATOM   406  C CG2 . VAL A 1 69  ? 17.943  1.496   5.666   1.00 97.27  ? 112 VAL A CG2 1 
ATOM   407  N N   . GLN A 1 70  ? 14.457  4.018   4.633   1.00 94.37  ? 113 GLN A N   1 
ATOM   408  C CA  . GLN A 1 70  ? 13.158  4.674   4.726   1.00 92.16  ? 113 GLN A CA  1 
ATOM   409  C C   . GLN A 1 70  ? 12.788  5.390   3.434   1.00 89.98  ? 113 GLN A C   1 
ATOM   410  O O   . GLN A 1 70  ? 13.631  6.021   2.797   1.00 89.91  ? 113 GLN A O   1 
ATOM   411  C CB  . GLN A 1 70  ? 13.159  5.683   5.878   1.00 92.70  ? 113 GLN A CB  1 
ATOM   412  C CG  . GLN A 1 70  ? 13.256  5.054   7.255   1.00 93.66  ? 113 GLN A CG  1 
ATOM   413  C CD  . GLN A 1 70  ? 12.027  4.241   7.608   1.00 94.22  ? 113 GLN A CD  1 
ATOM   414  O OE1 . GLN A 1 70  ? 10.926  4.779   7.721   1.00 94.70  ? 113 GLN A OE1 1 
ATOM   415  N NE2 . GLN A 1 70  ? 12.210  2.936   7.783   1.00 94.56  ? 113 GLN A NE2 1 
ATOM   416  N N   . GLY A 1 71  ? 11.519  5.278   3.051   1.00 87.10  ? 114 GLY A N   1 
ATOM   417  C CA  . GLY A 1 71  ? 11.043  5.937   1.851   1.00 82.27  ? 114 GLY A CA  1 
ATOM   418  C C   . GLY A 1 71  ? 10.318  7.199   2.269   1.00 79.74  ? 114 GLY A C   1 
ATOM   419  O O   . GLY A 1 71  ? 9.705   7.234   3.339   1.00 80.21  ? 114 GLY A O   1 
ATOM   420  N N   . GLY A 1 72  ? 10.382  8.240   1.442   1.00 75.62  ? 115 GLY A N   1 
ATOM   421  C CA  . GLY A 1 72  ? 9.717   9.481   1.791   1.00 70.11  ? 115 GLY A CA  1 
ATOM   422  C C   . GLY A 1 72  ? 8.505   9.804   0.937   1.00 66.42  ? 115 GLY A C   1 
ATOM   423  O O   . GLY A 1 72  ? 7.850   10.825  1.153   1.00 65.80  ? 115 GLY A O   1 
ATOM   424  N N   . SER A 1 73  ? 8.202   8.938   -0.027  1.00 62.58  ? 116 SER A N   1 
ATOM   425  C CA  . SER A 1 73  ? 7.064   9.157   -0.914  1.00 59.76  ? 116 SER A CA  1 
ATOM   426  C C   . SER A 1 73  ? 5.727   8.825   -0.254  1.00 56.70  ? 116 SER A C   1 
ATOM   427  O O   . SER A 1 73  ? 5.659   8.020   0.673   1.00 57.16  ? 116 SER A O   1 
ATOM   428  C CB  . SER A 1 73  ? 7.222   8.331   -2.190  1.00 59.65  ? 116 SER A CB  1 
ATOM   429  O OG  . SER A 1 73  ? 7.209   6.947   -1.897  1.00 65.63  ? 116 SER A OG  1 
ATOM   430  N N   . THR A 1 74  ? 4.665   9.456   -0.746  1.00 51.82  ? 117 THR A N   1 
ATOM   431  C CA  . THR A 1 74  ? 3.327   9.249   -0.215  1.00 46.29  ? 117 THR A CA  1 
ATOM   432  C C   . THR A 1 74  ? 2.519   8.283   -1.088  1.00 44.05  ? 117 THR A C   1 
ATOM   433  O O   . THR A 1 74  ? 2.960   7.873   -2.159  1.00 41.39  ? 117 THR A O   1 
ATOM   434  C CB  . THR A 1 74  ? 2.552   10.581  -0.144  1.00 45.01  ? 117 THR A CB  1 
ATOM   435  O OG1 . THR A 1 74  ? 2.371   11.091  -1.470  1.00 43.58  ? 117 THR A OG1 1 
ATOM   436  C CG2 . THR A 1 74  ? 3.310   11.610  0.685   1.00 43.35  ? 117 THR A CG2 1 
ATOM   437  N N   . ILE A 1 75  ? 1.331   7.926   -0.612  1.00 42.22  ? 118 ILE A N   1 
ATOM   438  C CA  . ILE A 1 75  ? 0.438   7.040   -1.349  1.00 41.19  ? 118 ILE A CA  1 
ATOM   439  C C   . ILE A 1 75  ? 0.050   7.760   -2.641  1.00 40.16  ? 118 ILE A C   1 
ATOM   440  O O   . ILE A 1 75  ? -0.017  7.158   -3.718  1.00 38.21  ? 118 ILE A O   1 
ATOM   441  C CB  . ILE A 1 75  ? -0.850  6.751   -0.529  1.00 41.16  ? 118 ILE A CB  1 
ATOM   442  C CG1 . ILE A 1 75  ? -0.548  5.763   0.599   1.00 43.18  ? 118 ILE A CG1 1 
ATOM   443  C CG2 . ILE A 1 75  ? -1.955  6.247   -1.430  1.00 38.19  ? 118 ILE A CG2 1 
ATOM   444  C CD1 . ILE A 1 75  ? 0.077   4.502   0.148   1.00 44.12  ? 118 ILE A CD1 1 
ATOM   445  N N   . THR A 1 76  ? -0.202  9.059   -2.520  1.00 38.81  ? 119 THR A N   1 
ATOM   446  C CA  . THR A 1 76  ? -0.589  9.872   -3.667  1.00 38.73  ? 119 THR A CA  1 
ATOM   447  C C   . THR A 1 76  ? 0.509   9.867   -4.726  1.00 38.12  ? 119 THR A C   1 
ATOM   448  O O   . THR A 1 76  ? 0.230   9.774   -5.922  1.00 38.14  ? 119 THR A O   1 
ATOM   449  C CB  . THR A 1 76  ? -0.877  11.313  -3.242  1.00 39.24  ? 119 THR A CB  1 
ATOM   450  O OG1 . THR A 1 76  ? -1.728  11.302  -2.088  1.00 41.06  ? 119 THR A OG1 1 
ATOM   451  C CG2 . THR A 1 76  ? -1.587  12.059  -4.368  1.00 39.39  ? 119 THR A CG2 1 
ATOM   452  N N   . GLN A 1 77  ? 1.759   9.960   -4.284  1.00 37.65  ? 120 GLN A N   1 
ATOM   453  C CA  . GLN A 1 77  ? 2.891   9.935   -5.202  1.00 39.54  ? 120 GLN A CA  1 
ATOM   454  C C   . GLN A 1 77  ? 3.031   8.582   -5.898  1.00 39.53  ? 120 GLN A C   1 
ATOM   455  O O   . GLN A 1 77  ? 3.424   8.522   -7.063  1.00 39.59  ? 120 GLN A O   1 
ATOM   456  C CB  . GLN A 1 77  ? 4.192   10.265  -4.456  1.00 41.02  ? 120 GLN A CB  1 
ATOM   457  C CG  . GLN A 1 77  ? 4.435   11.758  -4.251  1.00 43.11  ? 120 GLN A CG  1 
ATOM   458  C CD  . GLN A 1 77  ? 5.612   12.033  -3.334  1.00 44.90  ? 120 GLN A CD  1 
ATOM   459  O OE1 . GLN A 1 77  ? 5.496   11.950  -2.110  1.00 44.54  ? 120 GLN A OE1 1 
ATOM   460  N NE2 . GLN A 1 77  ? 6.763   12.350  -3.924  1.00 45.70  ? 120 GLN A NE2 1 
ATOM   461  N N   . GLN A 1 78  ? 2.724   7.495   -5.189  1.00 40.34  ? 121 GLN A N   1 
ATOM   462  C CA  . GLN A 1 78  ? 2.826   6.154   -5.781  1.00 40.98  ? 121 GLN A CA  1 
ATOM   463  C C   . GLN A 1 78  ? 1.755   6.012   -6.860  1.00 39.36  ? 121 GLN A C   1 
ATOM   464  O O   . GLN A 1 78  ? 1.961   5.356   -7.878  1.00 39.56  ? 121 GLN A O   1 
ATOM   465  C CB  . GLN A 1 78  ? 2.632   5.069   -4.711  1.00 43.07  ? 121 GLN A CB  1 
ATOM   466  C CG  . GLN A 1 78  ? 3.633   5.127   -3.565  1.00 48.92  ? 121 GLN A CG  1 
ATOM   467  C CD  . GLN A 1 78  ? 5.050   4.766   -3.985  1.00 54.69  ? 121 GLN A CD  1 
ATOM   468  O OE1 . GLN A 1 78  ? 6.000   4.938   -3.214  1.00 60.76  ? 121 GLN A OE1 1 
ATOM   469  N NE2 . GLN A 1 78  ? 5.201   4.256   -5.202  1.00 54.75  ? 121 GLN A NE2 1 
ATOM   470  N N   . LEU A 1 79  ? 0.601   6.624   -6.619  1.00 38.89  ? 122 LEU A N   1 
ATOM   471  C CA  . LEU A 1 79  ? -0.489  6.583   -7.580  1.00 39.93  ? 122 LEU A CA  1 
ATOM   472  C C   . LEU A 1 79  ? -0.056  7.354   -8.834  1.00 40.27  ? 122 LEU A C   1 
ATOM   473  O O   . LEU A 1 79  ? -0.138  6.844   -9.954  1.00 40.42  ? 122 LEU A O   1 
ATOM   474  C CB  . LEU A 1 79  ? -1.753  7.216   -6.973  1.00 39.33  ? 122 LEU A CB  1 
ATOM   475  C CG  . LEU A 1 79  ? -2.922  7.439   -7.944  1.00 40.99  ? 122 LEU A CG  1 
ATOM   476  C CD1 . LEU A 1 79  ? -3.378  6.100   -8.536  1.00 41.07  ? 122 LEU A CD1 1 
ATOM   477  C CD2 . LEU A 1 79  ? -4.065  8.123   -7.216  1.00 39.49  ? 122 LEU A CD2 1 
ATOM   478  N N   . ALA A 1 80  ? 0.418   8.578   -8.633  1.00 40.72  ? 123 ALA A N   1 
ATOM   479  C CA  . ALA A 1 80  ? 0.863   9.416   -9.742  1.00 42.44  ? 123 ALA A CA  1 
ATOM   480  C C   . ALA A 1 80  ? 1.911   8.688   -10.576 1.00 42.49  ? 123 ALA A C   1 
ATOM   481  O O   . ALA A 1 80  ? 1.875   8.723   -11.806 1.00 43.42  ? 123 ALA A O   1 
ATOM   482  C CB  . ALA A 1 80  ? 1.440   10.734  -9.207  1.00 41.19  ? 123 ALA A CB  1 
ATOM   483  N N   . LYS A 1 81  ? 2.837   8.022   -9.899  1.00 43.55  ? 124 LYS A N   1 
ATOM   484  C CA  . LYS A 1 81  ? 3.901   7.285   -10.568 1.00 45.43  ? 124 LYS A CA  1 
ATOM   485  C C   . LYS A 1 81  ? 3.386   6.291   -11.606 1.00 46.70  ? 124 LYS A C   1 
ATOM   486  O O   . LYS A 1 81  ? 4.011   6.093   -12.648 1.00 46.24  ? 124 LYS A O   1 
ATOM   487  C CB  . LYS A 1 81  ? 4.736   6.529   -9.536  1.00 47.51  ? 124 LYS A CB  1 
ATOM   488  C CG  . LYS A 1 81  ? 5.815   5.646   -10.143 1.00 52.91  ? 124 LYS A CG  1 
ATOM   489  C CD  . LYS A 1 81  ? 6.382   4.670   -9.120  1.00 57.76  ? 124 LYS A CD  1 
ATOM   490  C CE  . LYS A 1 81  ? 6.851   5.387   -7.867  1.00 60.58  ? 124 LYS A CE  1 
ATOM   491  N NZ  . LYS A 1 81  ? 7.361   4.431   -6.842  1.00 65.64  ? 124 LYS A NZ  1 
ATOM   492  N N   . ASN A 1 82  ? 2.253   5.658   -11.316 1.00 46.99  ? 125 ASN A N   1 
ATOM   493  C CA  . ASN A 1 82  ? 1.683   4.670   -12.227 1.00 49.85  ? 125 ASN A CA  1 
ATOM   494  C C   . ASN A 1 82  ? 0.784   5.268   -13.307 1.00 50.30  ? 125 ASN A C   1 
ATOM   495  O O   . ASN A 1 82  ? 0.286   4.547   -14.168 1.00 49.72  ? 125 ASN A O   1 
ATOM   496  C CB  . ASN A 1 82  ? 0.908   3.610   -11.434 1.00 52.36  ? 125 ASN A CB  1 
ATOM   497  C CG  . ASN A 1 82  ? 1.824   2.693   -10.627 1.00 57.69  ? 125 ASN A CG  1 
ATOM   498  O OD1 . ASN A 1 82  ? 1.380   2.009   -9.698  1.00 59.25  ? 125 ASN A OD1 1 
ATOM   499  N ND2 . ASN A 1 82  ? 3.107   2.668   -10.987 1.00 56.33  ? 125 ASN A ND2 1 
ATOM   500  N N   . LEU A 1 83  ? 0.571   6.579   -13.265 1.00 52.51  ? 126 LEU A N   1 
ATOM   501  C CA  . LEU A 1 83  ? -0.262  7.223   -14.277 1.00 55.22  ? 126 LEU A CA  1 
ATOM   502  C C   . LEU A 1 83  ? 0.576   7.614   -15.493 1.00 56.82  ? 126 LEU A C   1 
ATOM   503  O O   . LEU A 1 83  ? 0.058   8.153   -16.468 1.00 58.33  ? 126 LEU A O   1 
ATOM   504  C CB  . LEU A 1 83  ? -0.967  8.455   -13.700 1.00 53.62  ? 126 LEU A CB  1 
ATOM   505  C CG  . LEU A 1 83  ? -1.972  8.169   -12.577 1.00 54.43  ? 126 LEU A CG  1 
ATOM   506  C CD1 . LEU A 1 83  ? -2.652  9.461   -12.160 1.00 53.88  ? 126 LEU A CD1 1 
ATOM   507  C CD2 . LEU A 1 83  ? -3.003  7.151   -13.050 1.00 54.60  ? 126 LEU A CD2 1 
ATOM   508  N N   . PHE A 1 84  ? 1.872   7.331   -15.427 1.00 58.99  ? 127 PHE A N   1 
ATOM   509  C CA  . PHE A 1 84  ? 2.781   7.633   -16.528 1.00 62.20  ? 127 PHE A CA  1 
ATOM   510  C C   . PHE A 1 84  ? 2.969   6.391   -17.391 1.00 64.18  ? 127 PHE A C   1 
ATOM   511  O O   . PHE A 1 84  ? 3.290   5.312   -16.889 1.00 64.43  ? 127 PHE A O   1 
ATOM   512  C CB  . PHE A 1 84  ? 4.130   8.111   -15.989 1.00 62.26  ? 127 PHE A CB  1 
ATOM   513  C CG  . PHE A 1 84  ? 4.080   9.475   -15.371 1.00 63.01  ? 127 PHE A CG  1 
ATOM   514  C CD1 . PHE A 1 84  ? 3.886   10.603  -16.162 1.00 64.34  ? 127 PHE A CD1 1 
ATOM   515  C CD2 . PHE A 1 84  ? 4.202   9.635   -13.994 1.00 62.78  ? 127 PHE A CD2 1 
ATOM   516  C CE1 . PHE A 1 84  ? 3.811   11.872  -15.591 1.00 64.55  ? 127 PHE A CE1 1 
ATOM   517  C CE2 . PHE A 1 84  ? 4.127   10.899  -13.414 1.00 63.36  ? 127 PHE A CE2 1 
ATOM   518  C CZ  . PHE A 1 84  ? 3.931   12.019  -14.214 1.00 64.53  ? 127 PHE A CZ  1 
ATOM   519  N N   . LEU A 1 85  ? 2.773   6.553   -18.694 1.00 66.80  ? 128 LEU A N   1 
ATOM   520  C CA  . LEU A 1 85  ? 2.892   5.449   -19.634 1.00 69.50  ? 128 LEU A CA  1 
ATOM   521  C C   . LEU A 1 85  ? 4.266   4.789   -19.599 1.00 71.90  ? 128 LEU A C   1 
ATOM   522  O O   . LEU A 1 85  ? 4.375   3.569   -19.697 1.00 73.30  ? 128 LEU A O   1 
ATOM   523  C CB  . LEU A 1 85  ? 2.580   5.940   -21.049 1.00 67.64  ? 128 LEU A CB  1 
ATOM   524  C CG  . LEU A 1 85  ? 2.292   4.862   -22.093 1.00 66.52  ? 128 LEU A CG  1 
ATOM   525  C CD1 . LEU A 1 85  ? 1.110   4.018   -21.648 1.00 65.48  ? 128 LEU A CD1 1 
ATOM   526  C CD2 . LEU A 1 85  ? 2.001   5.517   -23.428 1.00 66.98  ? 128 LEU A CD2 1 
ATOM   527  N N   . THR A 1 86  ? 5.311   5.597   -19.451 1.00 75.43  ? 129 THR A N   1 
ATOM   528  C CA  . THR A 1 86  ? 6.679   5.086   -19.407 1.00 78.25  ? 129 THR A CA  1 
ATOM   529  C C   . THR A 1 86  ? 7.190   4.975   -17.970 1.00 79.90  ? 129 THR A C   1 
ATOM   530  O O   . THR A 1 86  ? 6.582   5.514   -17.046 1.00 80.28  ? 129 THR A O   1 
ATOM   531  C CB  . THR A 1 86  ? 7.627   5.995   -20.212 1.00 79.54  ? 129 THR A CB  1 
ATOM   532  O OG1 . THR A 1 86  ? 7.559   7.332   -19.701 1.00 80.84  ? 129 THR A OG1 1 
ATOM   533  C CG2 . THR A 1 86  ? 7.228   6.008   -21.683 1.00 79.63  ? 129 THR A CG2 1 
ATOM   534  N N   . ARG A 1 87  ? 8.311   4.282   -17.786 1.00 82.03  ? 130 ARG A N   1 
ATOM   535  C CA  . ARG A 1 87  ? 8.886   4.094   -16.455 1.00 83.55  ? 130 ARG A CA  1 
ATOM   536  C C   . ARG A 1 87  ? 10.318  4.611   -16.356 1.00 84.14  ? 130 ARG A C   1 
ATOM   537  O O   . ARG A 1 87  ? 11.264  3.890   -16.670 1.00 84.72  ? 130 ARG A O   1 
ATOM   538  C CB  . ARG A 1 87  ? 8.885   2.610   -16.072 1.00 84.74  ? 130 ARG A CB  1 
ATOM   539  C CG  . ARG A 1 87  ? 7.884   1.742   -16.823 1.00 87.31  ? 130 ARG A CG  1 
ATOM   540  C CD  . ARG A 1 87  ? 8.273   1.586   -18.288 1.00 88.74  ? 130 ARG A CD  1 
ATOM   541  N NE  . ARG A 1 87  ? 9.664   1.166   -18.437 1.00 89.89  ? 130 ARG A NE  1 
ATOM   542  C CZ  . ARG A 1 87  ? 10.264  0.969   -19.605 1.00 90.75  ? 130 ARG A CZ  1 
ATOM   543  N NH1 . ARG A 1 87  ? 11.535  0.588   -19.644 1.00 91.37  ? 130 ARG A NH1 1 
ATOM   544  N NH2 . ARG A 1 87  ? 9.595   1.151   -20.738 1.00 91.55  ? 130 ARG A NH2 1 
ATOM   545  N N   . GLU A 1 88  ? 10.480  5.853   -15.913 1.00 84.57  ? 131 GLU A N   1 
ATOM   546  C CA  . GLU A 1 88  ? 11.808  6.436   -15.766 1.00 85.28  ? 131 GLU A CA  1 
ATOM   547  C C   . GLU A 1 88  ? 11.956  6.965   -14.346 1.00 84.66  ? 131 GLU A C   1 
ATOM   548  O O   . GLU A 1 88  ? 11.013  7.521   -13.785 1.00 85.44  ? 131 GLU A O   1 
ATOM   549  C CB  . GLU A 1 88  ? 12.010  7.567   -16.782 1.00 86.73  ? 131 GLU A CB  1 
ATOM   550  C CG  . GLU A 1 88  ? 11.112  8.777   -16.574 1.00 89.55  ? 131 GLU A CG  1 
ATOM   551  C CD  . GLU A 1 88  ? 11.212  9.783   -17.710 1.00 91.34  ? 131 GLU A CD  1 
ATOM   552  O OE1 . GLU A 1 88  ? 10.776  9.454   -18.836 1.00 92.07  ? 131 GLU A OE1 1 
ATOM   553  O OE2 . GLU A 1 88  ? 11.729  10.899  -17.482 1.00 91.44  ? 131 GLU A OE2 1 
ATOM   554  N N   . ARG A 1 89  ? 13.133  6.785   -13.755 1.00 83.65  ? 132 ARG A N   1 
ATOM   555  C CA  . ARG A 1 89  ? 13.349  7.253   -12.394 1.00 83.16  ? 132 ARG A CA  1 
ATOM   556  C C   . ARG A 1 89  ? 14.284  8.455   -12.327 1.00 82.14  ? 132 ARG A C   1 
ATOM   557  O O   . ARG A 1 89  ? 15.064  8.600   -11.386 1.00 81.74  ? 132 ARG A O   1 
ATOM   558  C CB  . ARG A 1 89  ? 13.880  6.115   -11.513 1.00 83.94  ? 132 ARG A CB  1 
ATOM   559  C CG  . ARG A 1 89  ? 12.974  4.879   -11.471 1.00 84.44  ? 132 ARG A CG  1 
ATOM   560  C CD  . ARG A 1 89  ? 11.497  5.257   -11.344 1.00 84.73  ? 132 ARG A CD  1 
ATOM   561  N NE  . ARG A 1 89  ? 11.195  5.977   -10.109 1.00 84.86  ? 132 ARG A NE  1 
ATOM   562  C CZ  . ARG A 1 89  ? 10.121  6.742   -9.937  1.00 84.73  ? 132 ARG A CZ  1 
ATOM   563  N NH1 . ARG A 1 89  ? 9.918   7.359   -8.779  1.00 84.26  ? 132 ARG A NH1 1 
ATOM   564  N NH2 . ARG A 1 89  ? 9.254   6.905   -10.929 1.00 84.69  ? 132 ARG A NH2 1 
ATOM   565  N N   . THR A 1 90  ? 14.191  9.316   -13.334 1.00 80.96  ? 133 THR A N   1 
ATOM   566  C CA  . THR A 1 90  ? 15.004  10.523  -13.391 1.00 79.55  ? 133 THR A CA  1 
ATOM   567  C C   . THR A 1 90  ? 14.433  11.506  -12.375 1.00 78.92  ? 133 THR A C   1 
ATOM   568  O O   . THR A 1 90  ? 13.247  11.447  -12.052 1.00 79.20  ? 133 THR A O   1 
ATOM   569  C CB  . THR A 1 90  ? 14.943  11.168  -14.783 1.00 79.56  ? 133 THR A CB  1 
ATOM   570  O OG1 . THR A 1 90  ? 13.617  11.653  -15.026 1.00 78.81  ? 133 THR A OG1 1 
ATOM   571  C CG2 . THR A 1 90  ? 15.304  10.151  -15.853 1.00 80.45  ? 133 THR A CG2 1 
ATOM   572  N N   . LEU A 1 91  ? 15.269  12.406  -11.872 1.00 77.63  ? 134 LEU A N   1 
ATOM   573  C CA  . LEU A 1 91  ? 14.806  13.379  -10.892 1.00 76.20  ? 134 LEU A CA  1 
ATOM   574  C C   . LEU A 1 91  ? 13.673  14.210  -11.481 1.00 74.47  ? 134 LEU A C   1 
ATOM   575  O O   . LEU A 1 91  ? 12.780  14.661  -10.764 1.00 74.05  ? 134 LEU A O   1 
ATOM   576  C CB  . LEU A 1 91  ? 15.960  14.285  -10.455 1.00 77.14  ? 134 LEU A CB  1 
ATOM   577  C CG  . LEU A 1 91  ? 15.668  15.203  -9.264  1.00 77.56  ? 134 LEU A CG  1 
ATOM   578  C CD1 . LEU A 1 91  ? 16.967  15.549  -8.556  1.00 79.02  ? 134 LEU A CD1 1 
ATOM   579  C CD2 . LEU A 1 91  ? 14.947  16.455  -9.733  1.00 78.27  ? 134 LEU A CD2 1 
ATOM   580  N N   . GLU A 1 92  ? 13.709  14.397  -12.795 1.00 72.73  ? 135 GLU A N   1 
ATOM   581  C CA  . GLU A 1 92  ? 12.681  15.166  -13.477 1.00 72.16  ? 135 GLU A CA  1 
ATOM   582  C C   . GLU A 1 92  ? 11.336  14.462  -13.346 1.00 70.81  ? 135 GLU A C   1 
ATOM   583  O O   . GLU A 1 92  ? 10.312  15.098  -13.095 1.00 70.59  ? 135 GLU A O   1 
ATOM   584  C CB  . GLU A 1 92  ? 13.042  15.328  -14.953 1.00 73.46  ? 135 GLU A CB  1 
ATOM   585  C CG  . GLU A 1 92  ? 12.062  16.174  -15.735 1.00 76.48  ? 135 GLU A CG  1 
ATOM   586  C CD  . GLU A 1 92  ? 12.588  16.540  -17.107 1.00 78.74  ? 135 GLU A CD  1 
ATOM   587  O OE1 . GLU A 1 92  ? 13.723  17.055  -17.179 1.00 79.69  ? 135 GLU A OE1 1 
ATOM   588  O OE2 . GLU A 1 92  ? 11.869  16.322  -18.108 1.00 79.81  ? 135 GLU A OE2 1 
ATOM   589  N N   . ARG A 1 93  ? 11.345  13.143  -13.516 1.00 69.10  ? 136 ARG A N   1 
ATOM   590  C CA  . ARG A 1 93  ? 10.126  12.355  -13.400 1.00 66.41  ? 136 ARG A CA  1 
ATOM   591  C C   . ARG A 1 93  ? 9.613   12.434  -11.966 1.00 63.87  ? 136 ARG A C   1 
ATOM   592  O O   . ARG A 1 93  ? 8.412   12.553  -11.738 1.00 62.81  ? 136 ARG A O   1 
ATOM   593  C CB  . ARG A 1 93  ? 10.390  10.898  -13.799 1.00 67.14  ? 136 ARG A CB  1 
ATOM   594  C CG  . ARG A 1 93  ? 9.212   9.956   -13.566 1.00 69.69  ? 136 ARG A CG  1 
ATOM   595  C CD  . ARG A 1 93  ? 7.932   10.465  -14.221 1.00 70.48  ? 136 ARG A CD  1 
ATOM   596  N NE  . ARG A 1 93  ? 7.940   10.338  -15.677 1.00 71.59  ? 136 ARG A NE  1 
ATOM   597  C CZ  . ARG A 1 93  ? 7.712   9.204   -16.334 1.00 72.84  ? 136 ARG A CZ  1 
ATOM   598  N NH1 . ARG A 1 93  ? 7.738   9.187   -17.659 1.00 72.49  ? 136 ARG A NH1 1 
ATOM   599  N NH2 . ARG A 1 93  ? 7.452   8.087   -15.668 1.00 71.73  ? 136 ARG A NH2 1 
ATOM   600  N N   . LYS A 1 94  ? 10.531  12.382  -11.004 1.00 62.13  ? 137 LYS A N   1 
ATOM   601  C CA  . LYS A 1 94  ? 10.161  12.462  -9.595  1.00 61.42  ? 137 LYS A CA  1 
ATOM   602  C C   . LYS A 1 94  ? 9.394   13.746  -9.309  1.00 60.46  ? 137 LYS A C   1 
ATOM   603  O O   . LYS A 1 94  ? 8.432   13.748  -8.538  1.00 59.46  ? 137 LYS A O   1 
ATOM   604  C CB  . LYS A 1 94  ? 11.403  12.416  -8.702  1.00 64.62  ? 137 LYS A CB  1 
ATOM   605  C CG  . LYS A 1 94  ? 11.918  11.021  -8.376  1.00 69.41  ? 137 LYS A CG  1 
ATOM   606  C CD  . LYS A 1 94  ? 12.405  10.282  -9.610  1.00 72.61  ? 137 LYS A CD  1 
ATOM   607  C CE  . LYS A 1 94  ? 13.065  8.963   -9.235  1.00 74.92  ? 137 LYS A CE  1 
ATOM   608  N NZ  . LYS A 1 94  ? 14.269  9.168   -8.376  1.00 75.21  ? 137 LYS A NZ  1 
ATOM   609  N N   . ILE A 1 95  ? 9.830   14.841  -9.930  1.00 58.56  ? 138 ILE A N   1 
ATOM   610  C CA  . ILE A 1 95  ? 9.181   16.130  -9.742  1.00 55.61  ? 138 ILE A CA  1 
ATOM   611  C C   . ILE A 1 95  ? 7.812   16.148  -10.411 1.00 52.65  ? 138 ILE A C   1 
ATOM   612  O O   . ILE A 1 95  ? 6.843   16.649  -9.840  1.00 51.91  ? 138 ILE A O   1 
ATOM   613  C CB  . ILE A 1 95  ? 10.055  17.277  -10.303 1.00 58.15  ? 138 ILE A CB  1 
ATOM   614  C CG1 . ILE A 1 95  ? 11.275  17.475  -9.399  1.00 60.61  ? 138 ILE A CG1 1 
ATOM   615  C CG2 . ILE A 1 95  ? 9.252   18.567  -10.396 1.00 57.98  ? 138 ILE A CG2 1 
ATOM   616  C CD1 . ILE A 1 95  ? 12.249  18.525  -9.898  1.00 64.15  ? 138 ILE A CD1 1 
ATOM   617  N N   . LYS A 1 96  ? 7.732   15.603  -11.620 1.00 50.40  ? 139 LYS A N   1 
ATOM   618  C CA  . LYS A 1 96  ? 6.464   15.558  -12.335 1.00 50.85  ? 139 LYS A CA  1 
ATOM   619  C C   . LYS A 1 96  ? 5.442   14.762  -11.520 1.00 50.62  ? 139 LYS A C   1 
ATOM   620  O O   . LYS A 1 96  ? 4.281   15.163  -11.398 1.00 46.36  ? 139 LYS A O   1 
ATOM   621  C CB  . LYS A 1 96  ? 6.638   14.897  -13.704 1.00 53.07  ? 139 LYS A CB  1 
ATOM   622  C CG  . LYS A 1 96  ? 7.530   15.649  -14.671 1.00 58.97  ? 139 LYS A CG  1 
ATOM   623  C CD  . LYS A 1 96  ? 7.482   15.009  -16.052 1.00 61.68  ? 139 LYS A CD  1 
ATOM   624  C CE  . LYS A 1 96  ? 8.280   15.812  -17.066 1.00 64.78  ? 139 LYS A CE  1 
ATOM   625  N NZ  . LYS A 1 96  ? 8.147   15.253  -18.442 1.00 66.83  ? 139 LYS A NZ  1 
ATOM   626  N N   . GLU A 1 97  ? 5.885   13.636  -10.964 1.00 48.63  ? 140 GLU A N   1 
ATOM   627  C CA  . GLU A 1 97  ? 5.011   12.786  -10.164 1.00 48.43  ? 140 GLU A CA  1 
ATOM   628  C C   . GLU A 1 97  ? 4.490   13.545  -8.953  1.00 45.81  ? 140 GLU A C   1 
ATOM   629  O O   . GLU A 1 97  ? 3.302   13.482  -8.639  1.00 43.96  ? 140 GLU A O   1 
ATOM   630  C CB  . GLU A 1 97  ? 5.760   11.517  -9.725  1.00 48.55  ? 140 GLU A CB  1 
ATOM   631  C CG  . GLU A 1 97  ? 6.297   10.712  -10.898 1.00 51.25  ? 140 GLU A CG  1 
ATOM   632  C CD  . GLU A 1 97  ? 7.085   9.483   -10.481 1.00 54.31  ? 140 GLU A CD  1 
ATOM   633  O OE1 . GLU A 1 97  ? 7.658   9.481   -9.372  1.00 54.98  ? 140 GLU A OE1 1 
ATOM   634  O OE2 . GLU A 1 97  ? 7.144   8.521   -11.277 1.00 56.08  ? 140 GLU A OE2 1 
ATOM   635  N N   . ALA A 1 98  ? 5.373   14.284  -8.288  1.00 45.86  ? 141 ALA A N   1 
ATOM   636  C CA  . ALA A 1 98  ? 4.985   15.055  -7.107  1.00 45.38  ? 141 ALA A CA  1 
ATOM   637  C C   . ALA A 1 98  ? 3.980   16.166  -7.440  1.00 45.89  ? 141 ALA A C   1 
ATOM   638  O O   . ALA A 1 98  ? 3.035   16.407  -6.681  1.00 43.63  ? 141 ALA A O   1 
ATOM   639  C CB  . ALA A 1 98  ? 6.227   15.647  -6.441  1.00 45.04  ? 141 ALA A CB  1 
ATOM   640  N N   . LEU A 1 99  ? 4.185   16.844  -8.566  1.00 46.35  ? 142 LEU A N   1 
ATOM   641  C CA  . LEU A 1 99  ? 3.284   17.919  -8.986  1.00 47.57  ? 142 LEU A CA  1 
ATOM   642  C C   . LEU A 1 99  ? 1.919   17.330  -9.323  1.00 47.44  ? 142 LEU A C   1 
ATOM   643  O O   . LEU A 1 99  ? 0.879   17.934  -9.041  1.00 48.84  ? 142 LEU A O   1 
ATOM   644  C CB  . LEU A 1 99  ? 3.855   18.655  -10.206 1.00 48.24  ? 142 LEU A CB  1 
ATOM   645  C CG  . LEU A 1 99  ? 5.173   19.412  -9.982  1.00 50.05  ? 142 LEU A CG  1 
ATOM   646  C CD1 . LEU A 1 99  ? 5.652   20.038  -11.290 1.00 50.45  ? 142 LEU A CD1 1 
ATOM   647  C CD2 . LEU A 1 99  ? 4.965   20.485  -8.928  1.00 49.96  ? 142 LEU A CD2 1 
ATOM   648  N N   . LEU A 1 100 ? 1.932   16.150  -9.934  1.00 45.00  ? 143 LEU A N   1 
ATOM   649  C CA  . LEU A 1 100 ? 0.701   15.460  -10.291 1.00 44.35  ? 143 LEU A CA  1 
ATOM   650  C C   . LEU A 1 100 ? -0.035  15.064  -9.004  1.00 43.31  ? 143 LEU A C   1 
ATOM   651  O O   . LEU A 1 100 ? -1.252  15.218  -8.902  1.00 42.67  ? 143 LEU A O   1 
ATOM   652  C CB  . LEU A 1 100 ? 1.031   14.215  -11.127 1.00 45.66  ? 143 LEU A CB  1 
ATOM   653  C CG  . LEU A 1 100 ? -0.124  13.301  -11.548 1.00 48.75  ? 143 LEU A CG  1 
ATOM   654  C CD1 . LEU A 1 100 ? -1.148  14.090  -12.341 1.00 51.63  ? 143 LEU A CD1 1 
ATOM   655  C CD2 . LEU A 1 100 ? 0.415   12.156  -12.380 1.00 50.55  ? 143 LEU A CD2 1 
ATOM   656  N N   . ALA A 1 101 ? 0.713   14.563  -8.020  1.00 41.43  ? 144 ALA A N   1 
ATOM   657  C CA  . ALA A 1 101 ? 0.120   14.163  -6.743  1.00 41.32  ? 144 ALA A CA  1 
ATOM   658  C C   . ALA A 1 101 ? -0.549  15.363  -6.086  1.00 41.56  ? 144 ALA A C   1 
ATOM   659  O O   . ALA A 1 101 ? -1.662  15.269  -5.564  1.00 41.74  ? 144 ALA A O   1 
ATOM   660  C CB  . ALA A 1 101 ? 1.195   13.591  -5.818  1.00 38.53  ? 144 ALA A CB  1 
ATOM   661  N N   . ILE A 1 102 ? 0.144   16.497  -6.110  1.00 42.79  ? 145 ILE A N   1 
ATOM   662  C CA  . ILE A 1 102 ? -0.380  17.721  -5.525  1.00 42.63  ? 145 ILE A CA  1 
ATOM   663  C C   . ILE A 1 102 ? -1.689  18.144  -6.185  1.00 41.86  ? 145 ILE A C   1 
ATOM   664  O O   . ILE A 1 102 ? -2.633  18.521  -5.499  1.00 42.13  ? 145 ILE A O   1 
ATOM   665  C CB  . ILE A 1 102 ? 0.652   18.861  -5.635  1.00 45.39  ? 145 ILE A CB  1 
ATOM   666  C CG1 . ILE A 1 102 ? 1.819   18.568  -4.690  1.00 45.67  ? 145 ILE A CG1 1 
ATOM   667  C CG2 . ILE A 1 102 ? 0.001   20.205  -5.313  1.00 44.33  ? 145 ILE A CG2 1 
ATOM   668  C CD1 . ILE A 1 102 ? 3.036   19.416  -4.934  1.00 46.40  ? 145 ILE A CD1 1 
ATOM   669  N N   . LYS A 1 103 ? -1.750  18.078  -7.511  1.00 42.11  ? 146 LYS A N   1 
ATOM   670  C CA  . LYS A 1 103 ? -2.976  18.467  -8.208  1.00 42.08  ? 146 LYS A CA  1 
ATOM   671  C C   . LYS A 1 103 ? -4.083  17.463  -7.902  1.00 41.71  ? 146 LYS A C   1 
ATOM   672  O O   . LYS A 1 103 ? -5.234  17.839  -7.670  1.00 42.69  ? 146 LYS A O   1 
ATOM   673  C CB  . LYS A 1 103 ? -2.730  18.535  -9.719  1.00 43.40  ? 146 LYS A CB  1 
ATOM   674  C CG  . LYS A 1 103 ? -3.910  19.086  -10.527 1.00 46.10  ? 146 LYS A CG  1 
ATOM   675  C CD  . LYS A 1 103 ? -4.226  20.530  -10.150 1.00 48.04  ? 146 LYS A CD  1 
ATOM   676  C CE  . LYS A 1 103 ? -5.234  21.163  -11.119 1.00 50.34  ? 146 LYS A CE  1 
ATOM   677  N NZ  . LYS A 1 103 ? -6.562  20.497  -11.066 1.00 52.20  ? 146 LYS A NZ  1 
ATOM   678  N N   . ILE A 1 104 ? -3.735  16.180  -7.891  1.00 42.11  ? 147 ILE A N   1 
ATOM   679  C CA  . ILE A 1 104 ? -4.716  15.143  -7.592  1.00 40.87  ? 147 ILE A CA  1 
ATOM   680  C C   . ILE A 1 104 ? -5.352  15.412  -6.231  1.00 39.57  ? 147 ILE A C   1 
ATOM   681  O O   . ILE A 1 104 ? -6.568  15.296  -6.075  1.00 39.75  ? 147 ILE A O   1 
ATOM   682  C CB  . ILE A 1 104 ? -4.060  13.731  -7.613  1.00 40.26  ? 147 ILE A CB  1 
ATOM   683  C CG1 . ILE A 1 104 ? -3.816  13.314  -9.068  1.00 38.33  ? 147 ILE A CG1 1 
ATOM   684  C CG2 . ILE A 1 104 ? -4.949  12.719  -6.876  1.00 36.57  ? 147 ILE A CG2 1 
ATOM   685  C CD1 . ILE A 1 104 ? -3.033  12.024  -9.235  1.00 39.65  ? 147 ILE A CD1 1 
ATOM   686  N N   . GLU A 1 105 ? -4.525  15.790  -5.259  1.00 38.47  ? 148 GLU A N   1 
ATOM   687  C CA  . GLU A 1 105 ? -4.994  16.095  -3.909  1.00 40.47  ? 148 GLU A CA  1 
ATOM   688  C C   . GLU A 1 105 ? -5.950  17.289  -3.863  1.00 42.40  ? 148 GLU A C   1 
ATOM   689  O O   . GLU A 1 105 ? -6.815  17.368  -2.990  1.00 41.19  ? 148 GLU A O   1 
ATOM   690  C CB  . GLU A 1 105 ? -3.795  16.359  -2.994  1.00 40.41  ? 148 GLU A CB  1 
ATOM   691  C CG  . GLU A 1 105 ? -2.986  15.112  -2.668  1.00 41.85  ? 148 GLU A CG  1 
ATOM   692  C CD  . GLU A 1 105 ? -3.505  14.381  -1.445  1.00 44.39  ? 148 GLU A CD  1 
ATOM   693  O OE1 . GLU A 1 105 ? -4.529  14.816  -0.875  1.00 44.81  ? 148 GLU A OE1 1 
ATOM   694  O OE2 . GLU A 1 105 ? -2.886  13.368  -1.049  1.00 46.21  ? 148 GLU A OE2 1 
ATOM   695  N N   . ARG A 1 106 ? -5.794  18.226  -4.789  1.00 43.01  ? 149 ARG A N   1 
ATOM   696  C CA  . ARG A 1 106 ? -6.686  19.387  -4.817  1.00 45.83  ? 149 ARG A CA  1 
ATOM   697  C C   . ARG A 1 106 ? -7.985  19.043  -5.542  1.00 44.27  ? 149 ARG A C   1 
ATOM   698  O O   . ARG A 1 106 ? -8.980  19.747  -5.410  1.00 43.72  ? 149 ARG A O   1 
ATOM   699  C CB  . ARG A 1 106 ? -6.029  20.562  -5.548  1.00 48.22  ? 149 ARG A CB  1 
ATOM   700  C CG  . ARG A 1 106 ? -4.741  21.059  -4.936  1.00 53.32  ? 149 ARG A CG  1 
ATOM   701  C CD  . ARG A 1 106 ? -4.201  22.227  -5.737  1.00 57.91  ? 149 ARG A CD  1 
ATOM   702  N NE  . ARG A 1 106 ? -2.920  22.697  -5.225  1.00 63.17  ? 149 ARG A NE  1 
ATOM   703  C CZ  . ARG A 1 106 ? -2.233  23.710  -5.743  1.00 64.51  ? 149 ARG A CZ  1 
ATOM   704  N NH1 . ARG A 1 106 ? -2.707  24.366  -6.794  1.00 65.38  ? 149 ARG A NH1 1 
ATOM   705  N NH2 . ARG A 1 106 ? -1.070  24.063  -5.211  1.00 65.94  ? 149 ARG A NH2 1 
ATOM   706  N N   . THR A 1 107 ? -7.973  17.949  -6.298  1.00 43.41  ? 150 THR A N   1 
ATOM   707  C CA  . THR A 1 107 ? -9.137  17.557  -7.085  1.00 42.05  ? 150 THR A CA  1 
ATOM   708  C C   . THR A 1 107 ? -10.064 16.529  -6.447  1.00 42.57  ? 150 THR A C   1 
ATOM   709  O O   . THR A 1 107 ? -11.284 16.633  -6.555  1.00 42.47  ? 150 THR A O   1 
ATOM   710  C CB  . THR A 1 107 ? -8.677  17.013  -8.454  1.00 44.21  ? 150 THR A CB  1 
ATOM   711  O OG1 . THR A 1 107 ? -7.661  17.874  -8.990  1.00 42.20  ? 150 THR A OG1 1 
ATOM   712  C CG2 . THR A 1 107 ? -9.852  16.939  -9.433  1.00 41.63  ? 150 THR A CG2 1 
ATOM   713  N N   . PHE A 1 108 ? -9.482  15.539  -5.780  1.00 43.13  ? 151 PHE A N   1 
ATOM   714  C CA  . PHE A 1 108 ? -10.255 14.467  -5.167  1.00 40.36  ? 151 PHE A CA  1 
ATOM   715  C C   . PHE A 1 108 ? -9.883  14.342  -3.697  1.00 41.31  ? 151 PHE A C   1 
ATOM   716  O O   . PHE A 1 108 ? -8.747  14.628  -3.317  1.00 41.12  ? 151 PHE A O   1 
ATOM   717  C CB  . PHE A 1 108 ? -9.958  13.150  -5.900  1.00 39.94  ? 151 PHE A CB  1 
ATOM   718  C CG  . PHE A 1 108 ? -10.227 13.205  -7.390  1.00 39.85  ? 151 PHE A CG  1 
ATOM   719  C CD1 . PHE A 1 108 ? -11.526 13.311  -7.874  1.00 40.30  ? 151 PHE A CD1 1 
ATOM   720  C CD2 . PHE A 1 108 ? -9.178  13.167  -8.302  1.00 40.97  ? 151 PHE A CD2 1 
ATOM   721  C CE1 . PHE A 1 108 ? -11.781 13.382  -9.244  1.00 41.25  ? 151 PHE A CE1 1 
ATOM   722  C CE2 . PHE A 1 108 ? -9.419  13.236  -9.685  1.00 40.87  ? 151 PHE A CE2 1 
ATOM   723  C CZ  . PHE A 1 108 ? -10.720 13.344  -10.153 1.00 42.45  ? 151 PHE A CZ  1 
ATOM   724  N N   . ASP A 1 109 ? -10.830 13.906  -2.868  1.00 40.00  ? 152 ASP A N   1 
ATOM   725  C CA  . ASP A 1 109 ? -10.550 13.769  -1.445  1.00 41.35  ? 152 ASP A CA  1 
ATOM   726  C C   . ASP A 1 109 ? -9.748  12.504  -1.123  1.00 39.56  ? 152 ASP A C   1 
ATOM   727  O O   . ASP A 1 109 ? -9.543  11.630  -1.977  1.00 40.03  ? 152 ASP A O   1 
ATOM   728  C CB  . ASP A 1 109 ? -11.849 13.823  -0.627  1.00 44.06  ? 152 ASP A CB  1 
ATOM   729  C CG  . ASP A 1 109 ? -12.729 12.607  -0.826  1.00 49.82  ? 152 ASP A CG  1 
ATOM   730  O OD1 . ASP A 1 109 ? -13.841 12.600  -0.263  1.00 55.63  ? 152 ASP A OD1 1 
ATOM   731  O OD2 . ASP A 1 109 ? -12.324 11.659  -1.528  1.00 51.54  ? 152 ASP A OD2 1 
ATOM   732  N N   . LYS A 1 110 ? -9.293  12.419  0.118   1.00 37.75  ? 153 LYS A N   1 
ATOM   733  C CA  . LYS A 1 110 ? -8.470  11.309  0.571   1.00 37.87  ? 153 LYS A CA  1 
ATOM   734  C C   . LYS A 1 110 ? -9.042  9.909   0.360   1.00 38.08  ? 153 LYS A C   1 
ATOM   735  O O   . LYS A 1 110 ? -8.340  9.025   -0.122  1.00 37.14  ? 153 LYS A O   1 
ATOM   736  C CB  . LYS A 1 110 ? -8.120  11.519  2.044   1.00 39.07  ? 153 LYS A CB  1 
ATOM   737  C CG  . LYS A 1 110 ? -7.241  12.732  2.288   1.00 38.02  ? 153 LYS A CG  1 
ATOM   738  C CD  . LYS A 1 110 ? -5.842  12.503  1.730   1.00 40.27  ? 153 LYS A CD  1 
ATOM   739  C CE  . LYS A 1 110 ? -4.908  13.673  2.055   1.00 40.32  ? 153 LYS A CE  1 
ATOM   740  N NZ  . LYS A 1 110 ? -3.509  13.393  1.593   1.00 44.42  ? 153 LYS A NZ  1 
ATOM   741  N N   . LYS A 1 111 ? -10.304 9.703   0.718   1.00 39.43  ? 154 LYS A N   1 
ATOM   742  C CA  . LYS A 1 111 ? -10.912 8.392   0.543   1.00 42.83  ? 154 LYS A CA  1 
ATOM   743  C C   . LYS A 1 111 ? -10.928 7.977   -0.921  1.00 42.61  ? 154 LYS A C   1 
ATOM   744  O O   . LYS A 1 111 ? -10.735 6.802   -1.235  1.00 43.19  ? 154 LYS A O   1 
ATOM   745  C CB  . LYS A 1 111 ? -12.330 8.382   1.122   1.00 45.68  ? 154 LYS A CB  1 
ATOM   746  C CG  . LYS A 1 111 ? -12.345 8.548   2.638   1.00 52.65  ? 154 LYS A CG  1 
ATOM   747  C CD  . LYS A 1 111 ? -13.754 8.663   3.207   1.00 58.24  ? 154 LYS A CD  1 
ATOM   748  C CE  . LYS A 1 111 ? -14.551 7.376   3.028   1.00 61.67  ? 154 LYS A CE  1 
ATOM   749  N NZ  . LYS A 1 111 ? -15.937 7.506   3.579   1.00 65.45  ? 154 LYS A NZ  1 
ATOM   750  N N   . LYS A 1 112 ? -11.137 8.940   -1.817  1.00 40.61  ? 155 LYS A N   1 
ATOM   751  C CA  . LYS A 1 112 ? -11.163 8.646   -3.250  1.00 39.92  ? 155 LYS A CA  1 
ATOM   752  C C   . LYS A 1 112 ? -9.760  8.289   -3.747  1.00 38.06  ? 155 LYS A C   1 
ATOM   753  O O   . LYS A 1 112 ? -9.580  7.352   -4.532  1.00 37.38  ? 155 LYS A O   1 
ATOM   754  C CB  . LYS A 1 112 ? -11.707 9.849   -4.034  1.00 41.38  ? 155 LYS A CB  1 
ATOM   755  C CG  . LYS A 1 112 ? -11.710 9.649   -5.548  1.00 43.07  ? 155 LYS A CG  1 
ATOM   756  C CD  . LYS A 1 112 ? -12.443 8.363   -5.956  1.00 45.63  ? 155 LYS A CD  1 
ATOM   757  C CE  . LYS A 1 112 ? -13.891 8.355   -5.453  1.00 46.09  ? 155 LYS A CE  1 
ATOM   758  N NZ  . LYS A 1 112 ? -14.620 7.111   -5.835  1.00 47.81  ? 155 LYS A NZ  1 
ATOM   759  N N   . ILE A 1 113 ? -8.767  9.044   -3.293  1.00 35.97  ? 156 ILE A N   1 
ATOM   760  C CA  . ILE A 1 113 ? -7.391  8.779   -3.678  1.00 35.92  ? 156 ILE A CA  1 
ATOM   761  C C   . ILE A 1 113 ? -6.994  7.389   -3.159  1.00 35.48  ? 156 ILE A C   1 
ATOM   762  O O   . ILE A 1 113 ? -6.374  6.605   -3.875  1.00 34.45  ? 156 ILE A O   1 
ATOM   763  C CB  . ILE A 1 113 ? -6.433  9.847   -3.095  1.00 35.98  ? 156 ILE A CB  1 
ATOM   764  C CG1 . ILE A 1 113 ? -6.708  11.198  -3.770  1.00 36.96  ? 156 ILE A CG1 1 
ATOM   765  C CG2 . ILE A 1 113 ? -4.979  9.419   -3.297  1.00 32.12  ? 156 ILE A CG2 1 
ATOM   766  C CD1 . ILE A 1 113 ? -5.929  12.377  -3.168  1.00 37.67  ? 156 ILE A CD1 1 
ATOM   767  N N   . MET A 1 114 ? -7.370  7.093   -1.919  1.00 35.50  ? 157 MET A N   1 
ATOM   768  C CA  . MET A 1 114 ? -7.060  5.801   -1.314  1.00 37.14  ? 157 MET A CA  1 
ATOM   769  C C   . MET A 1 114 ? -7.731  4.702   -2.132  1.00 36.49  ? 157 MET A C   1 
ATOM   770  O O   . MET A 1 114 ? -7.145  3.654   -2.388  1.00 35.10  ? 157 MET A O   1 
ATOM   771  C CB  . MET A 1 114 ? -7.550  5.763   0.142   1.00 36.93  ? 157 MET A CB  1 
ATOM   772  C CG  . MET A 1 114 ? -7.317  4.427   0.877   1.00 38.64  ? 157 MET A CG  1 
ATOM   773  S SD  . MET A 1 114 ? -5.589  3.816   0.894   1.00 39.93  ? 157 MET A SD  1 
ATOM   774  C CE  . MET A 1 114 ? -4.808  5.061   1.922   1.00 39.05  ? 157 MET A CE  1 
ATOM   775  N N   . GLU A 1 115 ? -8.959  4.954   -2.564  1.00 37.05  ? 158 GLU A N   1 
ATOM   776  C CA  . GLU A 1 115 ? -9.681  3.971   -3.359  1.00 38.61  ? 158 GLU A CA  1 
ATOM   777  C C   . GLU A 1 115 ? -8.960  3.666   -4.665  1.00 36.75  ? 158 GLU A C   1 
ATOM   778  O O   . GLU A 1 115 ? -8.764  2.506   -5.035  1.00 38.55  ? 158 GLU A O   1 
ATOM   779  C CB  . GLU A 1 115 ? -11.091 4.472   -3.673  1.00 40.73  ? 158 GLU A CB  1 
ATOM   780  C CG  . GLU A 1 115 ? -11.972 3.402   -4.284  1.00 44.18  ? 158 GLU A CG  1 
ATOM   781  C CD  . GLU A 1 115 ? -13.344 3.923   -4.657  1.00 47.30  ? 158 GLU A CD  1 
ATOM   782  O OE1 . GLU A 1 115 ? -13.477 4.529   -5.745  1.00 45.47  ? 158 GLU A OE1 1 
ATOM   783  O OE2 . GLU A 1 115 ? -14.278 3.729   -3.852  1.00 45.61  ? 158 GLU A OE2 1 
ATOM   784  N N   . LEU A 1 116 ? -8.567  4.716   -5.373  1.00 37.18  ? 159 LEU A N   1 
ATOM   785  C CA  . LEU A 1 116 ? -7.879  4.548   -6.646  1.00 35.92  ? 159 LEU A CA  1 
ATOM   786  C C   . LEU A 1 116 ? -6.561  3.810   -6.458  1.00 34.30  ? 159 LEU A C   1 
ATOM   787  O O   . LEU A 1 116 ? -6.230  2.901   -7.218  1.00 35.11  ? 159 LEU A O   1 
ATOM   788  C CB  . LEU A 1 116 ? -7.626  5.913   -7.295  1.00 35.71  ? 159 LEU A CB  1 
ATOM   789  C CG  . LEU A 1 116 ? -8.873  6.674   -7.760  1.00 36.00  ? 159 LEU A CG  1 
ATOM   790  C CD1 . LEU A 1 116 ? -8.478  8.080   -8.181  1.00 34.18  ? 159 LEU A CD1 1 
ATOM   791  C CD2 . LEU A 1 116 ? -9.539  5.919   -8.921  1.00 31.78  ? 159 LEU A CD2 1 
ATOM   792  N N   . TYR A 1 117 ? -5.810  4.208   -5.440  1.00 33.66  ? 160 TYR A N   1 
ATOM   793  C CA  . TYR A 1 117 ? -4.526  3.584   -5.163  1.00 32.66  ? 160 TYR A CA  1 
ATOM   794  C C   . TYR A 1 117 ? -4.656  2.079   -4.883  1.00 32.90  ? 160 TYR A C   1 
ATOM   795  O O   . TYR A 1 117 ? -3.953  1.264   -5.477  1.00 31.10  ? 160 TYR A O   1 
ATOM   796  C CB  . TYR A 1 117 ? -3.872  4.274   -3.960  1.00 33.20  ? 160 TYR A CB  1 
ATOM   797  C CG  . TYR A 1 117 ? -2.676  3.533   -3.397  1.00 33.96  ? 160 TYR A CG  1 
ATOM   798  C CD1 . TYR A 1 117 ? -1.432  3.571   -4.039  1.00 34.10  ? 160 TYR A CD1 1 
ATOM   799  C CD2 . TYR A 1 117 ? -2.797  2.780   -2.225  1.00 35.97  ? 160 TYR A CD2 1 
ATOM   800  C CE1 . TYR A 1 117 ? -0.328  2.874   -3.522  1.00 34.27  ? 160 TYR A CE1 1 
ATOM   801  C CE2 . TYR A 1 117 ? -1.707  2.082   -1.696  1.00 37.77  ? 160 TYR A CE2 1 
ATOM   802  C CZ  . TYR A 1 117 ? -0.476  2.131   -2.345  1.00 39.91  ? 160 TYR A CZ  1 
ATOM   803  O OH  . TYR A 1 117 ? 0.596   1.447   -1.808  1.00 38.02  ? 160 TYR A OH  1 
ATOM   804  N N   . LEU A 1 118 ? -5.559  1.724   -3.973  1.00 34.32  ? 161 LEU A N   1 
ATOM   805  C CA  . LEU A 1 118 ? -5.761  0.329   -3.578  1.00 36.27  ? 161 LEU A CA  1 
ATOM   806  C C   . LEU A 1 118 ? -6.223  -0.591  -4.711  1.00 37.05  ? 161 LEU A C   1 
ATOM   807  O O   . LEU A 1 118 ? -5.957  -1.788  -4.679  1.00 37.13  ? 161 LEU A O   1 
ATOM   808  C CB  . LEU A 1 118 ? -6.747  0.271   -2.398  1.00 35.92  ? 161 LEU A CB  1 
ATOM   809  C CG  . LEU A 1 118 ? -6.226  0.026   -0.968  1.00 38.18  ? 161 LEU A CG  1 
ATOM   810  C CD1 . LEU A 1 118 ? -4.730  0.331   -0.847  1.00 34.63  ? 161 LEU A CD1 1 
ATOM   811  C CD2 . LEU A 1 118 ? -7.041  0.848   0.016   1.00 32.09  ? 161 LEU A CD2 1 
ATOM   812  N N   . ASN A 1 119 ? -6.896  -0.029  -5.716  1.00 36.86  ? 162 ASN A N   1 
ATOM   813  C CA  . ASN A 1 119 ? -7.379  -0.809  -6.853  1.00 35.83  ? 162 ASN A CA  1 
ATOM   814  C C   . ASN A 1 119 ? -6.374  -0.948  -7.999  1.00 36.00  ? 162 ASN A C   1 
ATOM   815  O O   . ASN A 1 119 ? -6.528  -1.819  -8.849  1.00 36.52  ? 162 ASN A O   1 
ATOM   816  C CB  . ASN A 1 119 ? -8.686  -0.199  -7.390  1.00 37.11  ? 162 ASN A CB  1 
ATOM   817  C CG  . ASN A 1 119 ? -9.898  -0.605  -6.562  1.00 37.68  ? 162 ASN A CG  1 
ATOM   818  O OD1 . ASN A 1 119 ? -10.358 -1.743  -6.650  1.00 39.74  ? 162 ASN A OD1 1 
ATOM   819  N ND2 . ASN A 1 119 ? -10.405 0.313   -5.740  1.00 36.30  ? 162 ASN A ND2 1 
ATOM   820  N N   . GLN A 1 120 ? -5.342  -0.112  -8.023  1.00 35.60  ? 163 GLN A N   1 
ATOM   821  C CA  . GLN A 1 120 ? -4.359  -0.180  -9.101  1.00 36.00  ? 163 GLN A CA  1 
ATOM   822  C C   . GLN A 1 120 ? -2.983  -0.705  -8.695  1.00 36.77  ? 163 GLN A C   1 
ATOM   823  O O   . GLN A 1 120 ? -2.188  -1.071  -9.555  1.00 37.01  ? 163 GLN A O   1 
ATOM   824  C CB  . GLN A 1 120 ? -4.201  1.206   -9.753  1.00 39.01  ? 163 GLN A CB  1 
ATOM   825  C CG  . GLN A 1 120 ? -3.739  2.323   -8.807  1.00 39.87  ? 163 GLN A CG  1 
ATOM   826  C CD  . GLN A 1 120 ? -2.255  2.256   -8.486  1.00 43.25  ? 163 GLN A CD  1 
ATOM   827  O OE1 . GLN A 1 120 ? -1.852  2.295   -7.317  1.00 45.05  ? 163 GLN A OE1 1 
ATOM   828  N NE2 . GLN A 1 120 ? -1.433  2.156   -9.523  1.00 39.58  ? 163 GLN A NE2 1 
ATOM   829  N N   . ILE A 1 121 ? -2.709  -0.758  -7.394  1.00 36.31  ? 164 ILE A N   1 
ATOM   830  C CA  . ILE A 1 121 ? -1.405  -1.208  -6.900  1.00 35.99  ? 164 ILE A CA  1 
ATOM   831  C C   . ILE A 1 121 ? -1.010  -2.636  -7.301  1.00 36.88  ? 164 ILE A C   1 
ATOM   832  O O   . ILE A 1 121 ? -1.736  -3.594  -7.038  1.00 37.33  ? 164 ILE A O   1 
ATOM   833  C CB  . ILE A 1 121 ? -1.334  -1.061  -5.350  1.00 37.38  ? 164 ILE A CB  1 
ATOM   834  C CG1 . ILE A 1 121 ? 0.057   -1.444  -4.840  1.00 39.36  ? 164 ILE A CG1 1 
ATOM   835  C CG2 . ILE A 1 121 ? -2.404  -1.917  -4.684  1.00 37.30  ? 164 ILE A CG2 1 
ATOM   836  C CD1 . ILE A 1 121 ? 1.156   -0.521  -5.306  1.00 38.77  ? 164 ILE A CD1 1 
ATOM   837  N N   . TYR A 1 122 ? 0.141   -2.782  -7.952  1.00 35.74  ? 165 TYR A N   1 
ATOM   838  C CA  . TYR A 1 122 ? 0.589   -4.111  -8.343  1.00 36.95  ? 165 TYR A CA  1 
ATOM   839  C C   . TYR A 1 122 ? 1.059   -4.836  -7.088  1.00 37.87  ? 165 TYR A C   1 
ATOM   840  O O   . TYR A 1 122 ? 1.916   -4.342  -6.356  1.00 36.95  ? 165 TYR A O   1 
ATOM   841  C CB  . TYR A 1 122 ? 1.725   -4.047  -9.365  1.00 37.33  ? 165 TYR A CB  1 
ATOM   842  C CG  . TYR A 1 122 ? 2.118   -5.423  -9.870  1.00 39.16  ? 165 TYR A CG  1 
ATOM   843  C CD1 . TYR A 1 122 ? 1.182   -6.242  -10.506 1.00 38.94  ? 165 TYR A CD1 1 
ATOM   844  C CD2 . TYR A 1 122 ? 3.400   -5.925  -9.667  1.00 38.95  ? 165 TYR A CD2 1 
ATOM   845  C CE1 . TYR A 1 122 ? 1.506   -7.529  -10.921 1.00 39.84  ? 165 TYR A CE1 1 
ATOM   846  C CE2 . TYR A 1 122 ? 3.740   -7.220  -10.079 1.00 41.04  ? 165 TYR A CE2 1 
ATOM   847  C CZ  . TYR A 1 122 ? 2.785   -8.013  -10.703 1.00 41.07  ? 165 TYR A CZ  1 
ATOM   848  O OH  . TYR A 1 122 ? 3.104   -9.286  -11.109 1.00 42.87  ? 165 TYR A OH  1 
ATOM   849  N N   . LEU A 1 123 ? 0.486   -6.009  -6.837  1.00 38.44  ? 166 LEU A N   1 
ATOM   850  C CA  . LEU A 1 123 ? 0.820   -6.776  -5.647  1.00 37.62  ? 166 LEU A CA  1 
ATOM   851  C C   . LEU A 1 123 ? 1.460   -8.122  -5.963  1.00 38.16  ? 166 LEU A C   1 
ATOM   852  O O   . LEU A 1 123 ? 1.455   -9.035  -5.137  1.00 38.10  ? 166 LEU A O   1 
ATOM   853  C CB  . LEU A 1 123 ? -0.442  -6.950  -4.799  1.00 36.24  ? 166 LEU A CB  1 
ATOM   854  C CG  . LEU A 1 123 ? -1.000  -5.602  -4.310  1.00 37.63  ? 166 LEU A CG  1 
ATOM   855  C CD1 . LEU A 1 123 ? -2.405  -5.770  -3.734  1.00 36.33  ? 166 LEU A CD1 1 
ATOM   856  C CD2 . LEU A 1 123 ? -0.054  -5.012  -3.257  1.00 36.22  ? 166 LEU A CD2 1 
ATOM   857  N N   . GLY A 1 124 ? 2.024   -8.229  -7.161  1.00 38.25  ? 167 GLY A N   1 
ATOM   858  C CA  . GLY A 1 124 ? 2.681   -9.459  -7.563  1.00 39.84  ? 167 GLY A CA  1 
ATOM   859  C C   . GLY A 1 124 ? 1.748   -10.536 -8.075  1.00 39.35  ? 167 GLY A C   1 
ATOM   860  O O   . GLY A 1 124 ? 0.531   -10.449 -7.907  1.00 39.61  ? 167 GLY A O   1 
ATOM   861  N N   . SER A 1 125 ? 2.330   -11.553 -8.704  1.00 41.65  ? 168 SER A N   1 
ATOM   862  C CA  . SER A 1 125 ? 1.569   -12.676 -9.241  1.00 41.38  ? 168 SER A CA  1 
ATOM   863  C C   . SER A 1 125 ? 0.473   -12.207 -10.189 1.00 41.87  ? 168 SER A C   1 
ATOM   864  O O   . SER A 1 125 ? -0.625  -12.768 -10.208 1.00 40.88  ? 168 SER A O   1 
ATOM   865  C CB  . SER A 1 125 ? 0.945   -13.482 -8.093  1.00 43.84  ? 168 SER A CB  1 
ATOM   866  O OG  . SER A 1 125 ? 1.942   -13.950 -7.200  1.00 48.63  ? 168 SER A OG  1 
ATOM   867  N N   . GLY A 1 126 ? 0.770   -11.170 -10.965 1.00 39.85  ? 169 GLY A N   1 
ATOM   868  C CA  . GLY A 1 126 ? -0.199  -10.652 -11.912 1.00 40.19  ? 169 GLY A CA  1 
ATOM   869  C C   . GLY A 1 126 ? -1.436  -10.019 -11.301 1.00 40.03  ? 169 GLY A C   1 
ATOM   870  O O   . GLY A 1 126 ? -2.403  -9.763  -12.011 1.00 42.49  ? 169 GLY A O   1 
ATOM   871  N N   . ALA A 1 127 ? -1.414  -9.742  -10.000 1.00 38.74  ? 170 ALA A N   1 
ATOM   872  C CA  . ALA A 1 127 ? -2.575  -9.147  -9.343  1.00 38.12  ? 170 ALA A CA  1 
ATOM   873  C C   . ALA A 1 127 ? -2.480  -7.631  -9.160  1.00 39.19  ? 170 ALA A C   1 
ATOM   874  O O   . ALA A 1 127 ? -1.585  -7.136  -8.473  1.00 37.76  ? 170 ALA A O   1 
ATOM   875  C CB  . ALA A 1 127 ? -2.796  -9.801  -7.994  1.00 38.35  ? 170 ALA A CB  1 
ATOM   876  N N   . TYR A 1 128 ? -3.408  -6.908  -9.777  1.00 38.27  ? 171 TYR A N   1 
ATOM   877  C CA  . TYR A 1 128 ? -3.461  -5.454  -9.665  1.00 38.97  ? 171 TYR A CA  1 
ATOM   878  C C   . TYR A 1 128 ? -4.644  -5.099  -8.786  1.00 37.51  ? 171 TYR A C   1 
ATOM   879  O O   . TYR A 1 128 ? -5.778  -5.420  -9.127  1.00 36.07  ? 171 TYR A O   1 
ATOM   880  C CB  . TYR A 1 128 ? -3.642  -4.798  -11.036 1.00 39.88  ? 171 TYR A CB  1 
ATOM   881  C CG  . TYR A 1 128 ? -2.408  -4.853  -11.898 1.00 42.57  ? 171 TYR A CG  1 
ATOM   882  C CD1 . TYR A 1 128 ? -2.115  -5.979  -12.667 1.00 44.15  ? 171 TYR A CD1 1 
ATOM   883  C CD2 . TYR A 1 128 ? -1.505  -3.787  -11.913 1.00 42.94  ? 171 TYR A CD2 1 
ATOM   884  C CE1 . TYR A 1 128 ? -0.955  -6.043  -13.429 1.00 44.15  ? 171 TYR A CE1 1 
ATOM   885  C CE2 . TYR A 1 128 ? -0.349  -3.841  -12.665 1.00 43.56  ? 171 TYR A CE2 1 
ATOM   886  C CZ  . TYR A 1 128 ? -0.077  -4.970  -13.421 1.00 45.96  ? 171 TYR A CZ  1 
ATOM   887  O OH  . TYR A 1 128 ? 1.078   -5.021  -14.171 1.00 49.65  ? 171 TYR A OH  1 
ATOM   888  N N   . GLY A 1 129 ? -4.378  -4.434  -7.665  1.00 36.72  ? 172 GLY A N   1 
ATOM   889  C CA  . GLY A 1 129 ? -5.446  -4.058  -6.753  1.00 37.09  ? 172 GLY A CA  1 
ATOM   890  C C   . GLY A 1 129 ? -5.638  -5.102  -5.666  1.00 37.90  ? 172 GLY A C   1 
ATOM   891  O O   . GLY A 1 129 ? -5.413  -6.287  -5.898  1.00 37.04  ? 172 GLY A O   1 
ATOM   892  N N   . VAL A 1 130 ? -6.071  -4.664  -4.490  1.00 37.76  ? 173 VAL A N   1 
ATOM   893  C CA  . VAL A 1 130 ? -6.272  -5.560  -3.356  1.00 40.14  ? 173 VAL A CA  1 
ATOM   894  C C   . VAL A 1 130 ? -7.276  -6.699  -3.572  1.00 42.28  ? 173 VAL A C   1 
ATOM   895  O O   . VAL A 1 130 ? -7.084  -7.794  -3.044  1.00 42.81  ? 173 VAL A O   1 
ATOM   896  C CB  . VAL A 1 130 ? -6.675  -4.769  -2.086  1.00 38.79  ? 173 VAL A CB  1 
ATOM   897  C CG1 . VAL A 1 130 ? -5.523  -3.861  -1.656  1.00 38.80  ? 173 VAL A CG1 1 
ATOM   898  C CG2 . VAL A 1 130 ? -7.928  -3.944  -2.351  1.00 39.39  ? 173 VAL A CG2 1 
ATOM   899  N N   . GLU A 1 131 ? -8.339  -6.453  -4.335  1.00 44.03  ? 174 GLU A N   1 
ATOM   900  C CA  . GLU A 1 131 ? -9.331  -7.501  -4.594  1.00 44.39  ? 174 GLU A CA  1 
ATOM   901  C C   . GLU A 1 131 ? -8.694  -8.648  -5.375  1.00 44.18  ? 174 GLU A C   1 
ATOM   902  O O   . GLU A 1 131 ? -8.829  -9.817  -4.999  1.00 44.18  ? 174 GLU A O   1 
ATOM   903  C CB  . GLU A 1 131 ? -10.524 -6.931  -5.368  1.00 46.71  ? 174 GLU A CB  1 
ATOM   904  C CG  . GLU A 1 131 ? -11.528 -7.966  -5.896  1.00 50.33  ? 174 GLU A CG  1 
ATOM   905  C CD  . GLU A 1 131 ? -12.156 -8.834  -4.810  1.00 53.85  ? 174 GLU A CD  1 
ATOM   906  O OE1 . GLU A 1 131 ? -12.233 -8.399  -3.641  1.00 55.07  ? 174 GLU A OE1 1 
ATOM   907  O OE2 . GLU A 1 131 ? -12.596 -9.958  -5.136  1.00 55.55  ? 174 GLU A OE2 1 
ATOM   908  N N   . ALA A 1 132 ? -7.997  -8.318  -6.458  1.00 41.36  ? 175 ALA A N   1 
ATOM   909  C CA  . ALA A 1 132 ? -7.336  -9.341  -7.257  1.00 40.19  ? 175 ALA A CA  1 
ATOM   910  C C   . ALA A 1 132 ? -6.266  -10.054 -6.433  1.00 42.19  ? 175 ALA A C   1 
ATOM   911  O O   . ALA A 1 132 ? -6.008  -11.248 -6.625  1.00 41.66  ? 175 ALA A O   1 
ATOM   912  C CB  . ALA A 1 132 ? -6.708  -8.719  -8.496  1.00 37.85  ? 175 ALA A CB  1 
ATOM   913  N N   . ALA A 1 133 ? -5.635  -9.319  -5.520  1.00 40.07  ? 176 ALA A N   1 
ATOM   914  C CA  . ALA A 1 133 ? -4.592  -9.892  -4.674  1.00 39.62  ? 176 ALA A CA  1 
ATOM   915  C C   . ALA A 1 133 ? -5.217  -10.863 -3.675  1.00 39.05  ? 176 ALA A C   1 
ATOM   916  O O   . ALA A 1 133 ? -4.696  -11.950 -3.436  1.00 39.37  ? 176 ALA A O   1 
ATOM   917  C CB  . ALA A 1 133 ? -3.843  -8.771  -3.930  1.00 35.47  ? 176 ALA A CB  1 
ATOM   918  N N   . ALA A 1 134 ? -6.332  -10.460 -3.086  1.00 38.84  ? 177 ALA A N   1 
ATOM   919  C CA  . ALA A 1 134 ? -7.023  -11.301 -2.121  1.00 42.62  ? 177 ALA A CA  1 
ATOM   920  C C   . ALA A 1 134 ? -7.373  -12.654 -2.753  1.00 44.80  ? 177 ALA A C   1 
ATOM   921  O O   . ALA A 1 134 ? -7.214  -13.705 -2.129  1.00 45.45  ? 177 ALA A O   1 
ATOM   922  C CB  . ALA A 1 134 ? -8.290  -10.593 -1.631  1.00 40.69  ? 177 ALA A CB  1 
ATOM   923  N N   . GLN A 1 135 ? -7.841  -12.620 -3.996  1.00 46.17  ? 178 GLN A N   1 
ATOM   924  C CA  . GLN A 1 135 ? -8.207  -13.837 -4.711  1.00 47.36  ? 178 GLN A CA  1 
ATOM   925  C C   . GLN A 1 135 ? -7.008  -14.715 -5.035  1.00 46.82  ? 178 GLN A C   1 
ATOM   926  O O   . GLN A 1 135 ? -7.030  -15.917 -4.789  1.00 47.52  ? 178 GLN A O   1 
ATOM   927  C CB  . GLN A 1 135 ? -8.947  -13.484 -6.007  1.00 47.95  ? 178 GLN A CB  1 
ATOM   928  C CG  . GLN A 1 135 ? -10.351 -12.937 -5.765  1.00 53.65  ? 178 GLN A CG  1 
ATOM   929  C CD  . GLN A 1 135 ? -11.090 -12.628 -7.052  1.00 58.53  ? 178 GLN A CD  1 
ATOM   930  O OE1 . GLN A 1 135 ? -11.055 -13.407 -8.007  1.00 60.94  ? 178 GLN A OE1 1 
ATOM   931  N NE2 . GLN A 1 135 ? -11.777 -11.492 -7.080  1.00 60.93  ? 178 GLN A NE2 1 
ATOM   932  N N   . VAL A 1 136 ? -5.956  -14.114 -5.578  1.00 45.57  ? 179 VAL A N   1 
ATOM   933  C CA  . VAL A 1 136 ? -4.773  -14.870 -5.940  1.00 45.95  ? 179 VAL A CA  1 
ATOM   934  C C   . VAL A 1 136 ? -4.021  -15.459 -4.752  1.00 47.69  ? 179 VAL A C   1 
ATOM   935  O O   . VAL A 1 136 ? -3.557  -16.599 -4.811  1.00 48.46  ? 179 VAL A O   1 
ATOM   936  C CB  . VAL A 1 136 ? -3.793  -14.009 -6.766  1.00 43.97  ? 179 VAL A CB  1 
ATOM   937  C CG1 . VAL A 1 136 ? -2.545  -14.796 -7.069  1.00 42.34  ? 179 VAL A CG1 1 
ATOM   938  C CG2 . VAL A 1 136 ? -4.451  -13.586 -8.067  1.00 46.86  ? 179 VAL A CG2 1 
ATOM   939  N N   . TYR A 1 137 ? -3.908  -14.695 -3.669  1.00 46.99  ? 180 TYR A N   1 
ATOM   940  C CA  . TYR A 1 137 ? -3.177  -15.160 -2.495  1.00 45.95  ? 180 TYR A CA  1 
ATOM   941  C C   . TYR A 1 137 ? -4.001  -15.908 -1.447  1.00 46.88  ? 180 TYR A C   1 
ATOM   942  O O   . TYR A 1 137 ? -3.483  -16.795 -0.777  1.00 48.41  ? 180 TYR A O   1 
ATOM   943  C CB  . TYR A 1 137 ? -2.457  -13.974 -1.828  1.00 43.15  ? 180 TYR A CB  1 
ATOM   944  C CG  . TYR A 1 137 ? -1.347  -13.372 -2.677  1.00 40.25  ? 180 TYR A CG  1 
ATOM   945  C CD1 . TYR A 1 137 ? -1.400  -12.036 -3.095  1.00 40.80  ? 180 TYR A CD1 1 
ATOM   946  C CD2 . TYR A 1 137 ? -0.252  -14.139 -3.071  1.00 38.50  ? 180 TYR A CD2 1 
ATOM   947  C CE1 . TYR A 1 137 ? -0.382  -11.478 -3.889  1.00 36.57  ? 180 TYR A CE1 1 
ATOM   948  C CE2 . TYR A 1 137 ? 0.763   -13.598 -3.859  1.00 38.32  ? 180 TYR A CE2 1 
ATOM   949  C CZ  . TYR A 1 137 ? 0.692   -12.266 -4.265  1.00 38.17  ? 180 TYR A CZ  1 
ATOM   950  O OH  . TYR A 1 137 ? 1.695   -11.741 -5.052  1.00 35.76  ? 180 TYR A OH  1 
ATOM   951  N N   . PHE A 1 138 ? -5.277  -15.570 -1.303  1.00 47.78  ? 181 PHE A N   1 
ATOM   952  C CA  . PHE A 1 138 ? -6.101  -16.218 -0.286  1.00 49.78  ? 181 PHE A CA  1 
ATOM   953  C C   . PHE A 1 138 ? -7.414  -16.811 -0.802  1.00 50.88  ? 181 PHE A C   1 
ATOM   954  O O   . PHE A 1 138 ? -8.219  -17.318 -0.019  1.00 51.15  ? 181 PHE A O   1 
ATOM   955  C CB  . PHE A 1 138 ? -6.394  -15.212 0.833   1.00 49.19  ? 181 PHE A CB  1 
ATOM   956  C CG  . PHE A 1 138 ? -5.163  -14.507 1.345   1.00 51.85  ? 181 PHE A CG  1 
ATOM   957  C CD1 . PHE A 1 138 ? -4.207  -15.195 2.088   1.00 51.00  ? 181 PHE A CD1 1 
ATOM   958  C CD2 . PHE A 1 138 ? -4.939  -13.167 1.042   1.00 51.02  ? 181 PHE A CD2 1 
ATOM   959  C CE1 . PHE A 1 138 ? -3.042  -14.559 2.520   1.00 52.98  ? 181 PHE A CE1 1 
ATOM   960  C CE2 . PHE A 1 138 ? -3.778  -12.521 1.468   1.00 52.37  ? 181 PHE A CE2 1 
ATOM   961  C CZ  . PHE A 1 138 ? -2.829  -13.219 2.207   1.00 52.22  ? 181 PHE A CZ  1 
ATOM   962  N N   . GLY A 1 139 ? -7.628  -16.746 -2.112  1.00 51.43  ? 182 GLY A N   1 
ATOM   963  C CA  . GLY A 1 139 ? -8.848  -17.283 -2.685  1.00 52.58  ? 182 GLY A CA  1 
ATOM   964  C C   . GLY A 1 139 ? -10.084 -16.729 -2.008  1.00 53.20  ? 182 GLY A C   1 
ATOM   965  O O   . GLY A 1 139 ? -11.052 -17.448 -1.789  1.00 53.98  ? 182 GLY A O   1 
ATOM   966  N N   . LYS A 1 140 ? -10.048 -15.442 -1.678  1.00 54.01  ? 183 LYS A N   1 
ATOM   967  C CA  . LYS A 1 140 ? -11.168 -14.780 -1.017  1.00 53.40  ? 183 LYS A CA  1 
ATOM   968  C C   . LYS A 1 140 ? -11.317 -13.360 -1.532  1.00 53.09  ? 183 LYS A C   1 
ATOM   969  O O   . LYS A 1 140 ? -10.465 -12.858 -2.267  1.00 52.71  ? 183 LYS A O   1 
ATOM   970  C CB  . LYS A 1 140 ? -10.933 -14.719 0.494   1.00 55.33  ? 183 LYS A CB  1 
ATOM   971  C CG  . LYS A 1 140 ? -10.855 -16.064 1.182   1.00 58.71  ? 183 LYS A CG  1 
ATOM   972  C CD  . LYS A 1 140 ? -10.158 -15.955 2.534   1.00 60.32  ? 183 LYS A CD  1 
ATOM   973  C CE  . LYS A 1 140 ? -10.814 -14.922 3.427   1.00 61.17  ? 183 LYS A CE  1 
ATOM   974  N NZ  . LYS A 1 140 ? -10.206 -14.921 4.788   1.00 64.85  ? 183 LYS A NZ  1 
ATOM   975  N N   . HIS A 1 141 ? -12.409 -12.718 -1.137  1.00 51.66  ? 184 HIS A N   1 
ATOM   976  C CA  . HIS A 1 141 ? -12.666 -11.341 -1.514  1.00 52.14  ? 184 HIS A CA  1 
ATOM   977  C C   . HIS A 1 141 ? -11.965 -10.481 -0.474  1.00 51.30  ? 184 HIS A C   1 
ATOM   978  O O   . HIS A 1 141 ? -11.795 -10.904 0.671   1.00 51.12  ? 184 HIS A O   1 
ATOM   979  C CB  . HIS A 1 141 ? -14.166 -11.063 -1.510  1.00 54.49  ? 184 HIS A CB  1 
ATOM   980  C CG  . HIS A 1 141 ? -14.911 -11.802 -2.574  1.00 57.56  ? 184 HIS A CG  1 
ATOM   981  N ND1 . HIS A 1 141 ? -14.616 -11.671 -3.915  1.00 58.47  ? 184 HIS A ND1 1 
ATOM   982  C CD2 . HIS A 1 141 ? -15.921 -12.700 -2.497  1.00 56.59  ? 184 HIS A CD2 1 
ATOM   983  C CE1 . HIS A 1 141 ? -15.411 -12.457 -4.616  1.00 59.32  ? 184 HIS A CE1 1 
ATOM   984  N NE2 . HIS A 1 141 ? -16.211 -13.093 -3.781  1.00 59.27  ? 184 HIS A NE2 1 
ATOM   985  N N   . VAL A 1 142 ? -11.561 -9.278  -0.864  1.00 48.69  ? 185 VAL A N   1 
ATOM   986  C CA  . VAL A 1 142 ? -10.854 -8.403  0.058   1.00 46.86  ? 185 VAL A CA  1 
ATOM   987  C C   . VAL A 1 142 ? -11.633 -8.154  1.341   1.00 46.42  ? 185 VAL A C   1 
ATOM   988  O O   . VAL A 1 142 ? -11.042 -8.095  2.418   1.00 45.94  ? 185 VAL A O   1 
ATOM   989  C CB  . VAL A 1 142 ? -10.488 -7.049  -0.609  1.00 45.75  ? 185 VAL A CB  1 
ATOM   990  C CG1 . VAL A 1 142 ? -11.745 -6.275  -0.972  1.00 45.92  ? 185 VAL A CG1 1 
ATOM   991  C CG2 . VAL A 1 142 ? -9.588  -6.242  0.319   1.00 42.00  ? 185 VAL A CG2 1 
ATOM   992  N N   . TRP A 1 143 ? -12.954 -8.032  1.239   1.00 48.49  ? 186 TRP A N   1 
ATOM   993  C CA  . TRP A 1 143 ? -13.770 -7.786  2.425   1.00 49.88  ? 186 TRP A CA  1 
ATOM   994  C C   . TRP A 1 143 ? -13.857 -8.981  3.377   1.00 49.59  ? 186 TRP A C   1 
ATOM   995  O O   . TRP A 1 143 ? -14.377 -8.860  4.484   1.00 50.90  ? 186 TRP A O   1 
ATOM   996  C CB  . TRP A 1 143 ? -15.176 -7.306  2.023   1.00 52.90  ? 186 TRP A CB  1 
ATOM   997  C CG  . TRP A 1 143 ? -15.913 -8.206  1.074   1.00 56.51  ? 186 TRP A CG  1 
ATOM   998  C CD1 . TRP A 1 143 ? -16.609 -9.340  1.388   1.00 57.42  ? 186 TRP A CD1 1 
ATOM   999  C CD2 . TRP A 1 143 ? -16.016 -8.054  -0.350  1.00 57.98  ? 186 TRP A CD2 1 
ATOM   1000 N NE1 . TRP A 1 143 ? -17.140 -9.901  0.248   1.00 59.54  ? 186 TRP A NE1 1 
ATOM   1001 C CE2 . TRP A 1 143 ? -16.792 -9.133  -0.830  1.00 58.83  ? 186 TRP A CE2 1 
ATOM   1002 C CE3 . TRP A 1 143 ? -15.527 -7.110  -1.265  1.00 58.39  ? 186 TRP A CE3 1 
ATOM   1003 C CZ2 . TRP A 1 143 ? -17.091 -9.295  -2.188  1.00 58.93  ? 186 TRP A CZ2 1 
ATOM   1004 C CZ3 . TRP A 1 143 ? -15.824 -7.271  -2.618  1.00 58.61  ? 186 TRP A CZ3 1 
ATOM   1005 C CH2 . TRP A 1 143 ? -16.601 -8.358  -3.063  1.00 60.04  ? 186 TRP A CH2 1 
ATOM   1006 N N   . GLU A 1 144 ? -13.328 -10.125 2.961   1.00 48.52  ? 187 GLU A N   1 
ATOM   1007 C CA  . GLU A 1 144 ? -13.344 -11.315 3.808   1.00 51.46  ? 187 GLU A CA  1 
ATOM   1008 C C   . GLU A 1 144 ? -11.978 -11.563 4.449   1.00 51.95  ? 187 GLU A C   1 
ATOM   1009 O O   . GLU A 1 144 ? -11.790 -12.561 5.143   1.00 53.48  ? 187 GLU A O   1 
ATOM   1010 C CB  . GLU A 1 144 ? -13.730 -12.553 2.991   1.00 52.40  ? 187 GLU A CB  1 
ATOM   1011 C CG  . GLU A 1 144 ? -15.049 -12.434 2.252   1.00 56.07  ? 187 GLU A CG  1 
ATOM   1012 C CD  . GLU A 1 144 ? -15.371 -13.671 1.443   1.00 57.18  ? 187 GLU A CD  1 
ATOM   1013 O OE1 . GLU A 1 144 ? -14.535 -14.082 0.611   1.00 58.67  ? 187 GLU A OE1 1 
ATOM   1014 O OE2 . GLU A 1 144 ? -16.465 -14.236 1.636   1.00 62.74  ? 187 GLU A OE2 1 
ATOM   1015 N N   . LEU A 1 145 ? -11.026 -10.661 4.223   1.00 50.53  ? 188 LEU A N   1 
ATOM   1016 C CA  . LEU A 1 145 ? -9.681  -10.835 4.768   1.00 48.52  ? 188 LEU A CA  1 
ATOM   1017 C C   . LEU A 1 145 ? -9.542  -10.602 6.266   1.00 47.55  ? 188 LEU A C   1 
ATOM   1018 O O   . LEU A 1 145 ? -10.216 -9.749  6.846   1.00 47.28  ? 188 LEU A O   1 
ATOM   1019 C CB  . LEU A 1 145 ? -8.687  -9.930  4.030   1.00 47.14  ? 188 LEU A CB  1 
ATOM   1020 C CG  . LEU A 1 145 ? -8.465  -10.205 2.541   1.00 46.44  ? 188 LEU A CG  1 
ATOM   1021 C CD1 . LEU A 1 145 ? -7.388  -9.272  2.006   1.00 45.14  ? 188 LEU A CD1 1 
ATOM   1022 C CD2 . LEU A 1 145 ? -8.057  -11.655 2.336   1.00 44.21  ? 188 LEU A CD2 1 
ATOM   1023 N N   . SER A 1 146 ? -8.669  -11.386 6.892   1.00 46.20  ? 189 SER A N   1 
ATOM   1024 C CA  . SER A 1 146 ? -8.414  -11.240 8.317   1.00 46.54  ? 189 SER A CA  1 
ATOM   1025 C C   . SER A 1 146 ? -7.280  -10.221 8.456   1.00 46.61  ? 189 SER A C   1 
ATOM   1026 O O   . SER A 1 146 ? -6.690  -9.806  7.454   1.00 46.85  ? 189 SER A O   1 
ATOM   1027 C CB  . SER A 1 146 ? -7.986  -12.577 8.926   1.00 44.89  ? 189 SER A CB  1 
ATOM   1028 O OG  . SER A 1 146 ? -6.775  -13.038 8.352   1.00 49.09  ? 189 SER A OG  1 
ATOM   1029 N N   . LEU A 1 147 ? -6.972  -9.830  9.689   1.00 44.94  ? 190 LEU A N   1 
ATOM   1030 C CA  . LEU A 1 147 ? -5.904  -8.871  9.950   1.00 43.38  ? 190 LEU A CA  1 
ATOM   1031 C C   . LEU A 1 147 ? -4.556  -9.339  9.412   1.00 42.66  ? 190 LEU A C   1 
ATOM   1032 O O   . LEU A 1 147 ? -3.868  -8.587  8.729   1.00 43.29  ? 190 LEU A O   1 
ATOM   1033 C CB  . LEU A 1 147 ? -5.783  -8.601  11.456  1.00 42.90  ? 190 LEU A CB  1 
ATOM   1034 C CG  . LEU A 1 147 ? -4.565  -7.792  11.934  1.00 42.49  ? 190 LEU A CG  1 
ATOM   1035 C CD1 . LEU A 1 147 ? -4.497  -6.466  11.181  1.00 41.03  ? 190 LEU A CD1 1 
ATOM   1036 C CD2 . LEU A 1 147 ? -4.657  -7.556  13.445  1.00 39.62  ? 190 LEU A CD2 1 
ATOM   1037 N N   . ASP A 1 148 ? -4.178  -10.578 9.714   1.00 42.41  ? 191 ASP A N   1 
ATOM   1038 C CA  . ASP A 1 148 ? -2.895  -11.109 9.256   1.00 41.40  ? 191 ASP A CA  1 
ATOM   1039 C C   . ASP A 1 148 ? -2.813  -11.212 7.725   1.00 41.94  ? 191 ASP A C   1 
ATOM   1040 O O   . ASP A 1 148 ? -1.724  -11.143 7.153   1.00 41.58  ? 191 ASP A O   1 
ATOM   1041 C CB  . ASP A 1 148 ? -2.625  -12.483 9.890   1.00 43.46  ? 191 ASP A CB  1 
ATOM   1042 C CG  . ASP A 1 148 ? -3.641  -13.529 9.474   1.00 46.79  ? 191 ASP A CG  1 
ATOM   1043 O OD1 . ASP A 1 148 ? -4.792  -13.470 9.955   1.00 48.39  ? 191 ASP A OD1 1 
ATOM   1044 O OD2 . ASP A 1 148 ? -3.293  -14.400 8.648   1.00 47.22  ? 191 ASP A OD2 1 
ATOM   1045 N N   . GLU A 1 149 ? -3.957  -11.376 7.064   1.00 40.68  ? 192 GLU A N   1 
ATOM   1046 C CA  . GLU A 1 149 ? -3.978  -11.466 5.602   1.00 41.50  ? 192 GLU A CA  1 
ATOM   1047 C C   . GLU A 1 149 ? -3.842  -10.070 4.986   1.00 39.72  ? 192 GLU A C   1 
ATOM   1048 O O   . GLU A 1 149 ? -3.178  -9.892  3.966   1.00 37.87  ? 192 GLU A O   1 
ATOM   1049 C CB  . GLU A 1 149 ? -5.277  -12.131 5.127   1.00 43.56  ? 192 GLU A CB  1 
ATOM   1050 C CG  . GLU A 1 149 ? -5.285  -13.647 5.328   1.00 49.60  ? 192 GLU A CG  1 
ATOM   1051 C CD  . GLU A 1 149 ? -6.668  -14.263 5.182   1.00 51.72  ? 192 GLU A CD  1 
ATOM   1052 O OE1 . GLU A 1 149 ? -6.747  -15.498 4.994   1.00 54.95  ? 192 GLU A OE1 1 
ATOM   1053 O OE2 . GLU A 1 149 ? -7.671  -13.520 5.266   1.00 52.52  ? 192 GLU A OE2 1 
ATOM   1054 N N   . ALA A 1 150 ? -4.466  -9.086  5.626   1.00 38.45  ? 193 ALA A N   1 
ATOM   1055 C CA  . ALA A 1 150 ? -4.411  -7.704  5.170   1.00 38.91  ? 193 ALA A CA  1 
ATOM   1056 C C   . ALA A 1 150 ? -2.973  -7.194  5.269   1.00 38.60  ? 193 ALA A C   1 
ATOM   1057 O O   . ALA A 1 150 ? -2.471  -6.519  4.368   1.00 36.42  ? 193 ALA A O   1 
ATOM   1058 C CB  . ALA A 1 150 ? -5.342  -6.834  6.025   1.00 36.58  ? 193 ALA A CB  1 
ATOM   1059 N N   . ALA A 1 151 ? -2.317  -7.529  6.374   1.00 37.76  ? 194 ALA A N   1 
ATOM   1060 C CA  . ALA A 1 151 ? -0.943  -7.117  6.606   1.00 38.02  ? 194 ALA A CA  1 
ATOM   1061 C C   . ALA A 1 151 ? -0.029  -7.712  5.549   1.00 39.45  ? 194 ALA A C   1 
ATOM   1062 O O   . ALA A 1 151 ? 0.951   -7.083  5.135   1.00 39.97  ? 194 ALA A O   1 
ATOM   1063 C CB  . ALA A 1 151 ? -0.497  -7.554  7.996   1.00 38.09  ? 194 ALA A CB  1 
ATOM   1064 N N   . LEU A 1 152 ? -0.345  -8.924  5.100   1.00 38.12  ? 195 LEU A N   1 
ATOM   1065 C CA  . LEU A 1 152 ? 0.471   -9.560  4.075   1.00 37.96  ? 195 LEU A CA  1 
ATOM   1066 C C   . LEU A 1 152 ? 0.410   -8.771  2.765   1.00 36.72  ? 195 LEU A C   1 
ATOM   1067 O O   . LEU A 1 152 ? 1.425   -8.593  2.104   1.00 39.45  ? 195 LEU A O   1 
ATOM   1068 C CB  . LEU A 1 152 ? 0.016   -10.999 3.843   1.00 42.01  ? 195 LEU A CB  1 
ATOM   1069 C CG  . LEU A 1 152 ? 0.831   -11.833 2.851   1.00 45.08  ? 195 LEU A CG  1 
ATOM   1070 C CD1 . LEU A 1 152 ? 2.321   -11.730 3.148   1.00 48.97  ? 195 LEU A CD1 1 
ATOM   1071 C CD2 . LEU A 1 152 ? 0.383   -13.276 2.954   1.00 49.82  ? 195 LEU A CD2 1 
ATOM   1072 N N   . LEU A 1 153 ? -0.771  -8.297  2.387   1.00 35.08  ? 196 LEU A N   1 
ATOM   1073 C CA  . LEU A 1 153 ? -0.898  -7.523  1.153   1.00 37.63  ? 196 LEU A CA  1 
ATOM   1074 C C   . LEU A 1 153 ? -0.112  -6.220  1.246   1.00 36.62  ? 196 LEU A C   1 
ATOM   1075 O O   . LEU A 1 153 ? 0.558   -5.836  0.290   1.00 35.05  ? 196 LEU A O   1 
ATOM   1076 C CB  . LEU A 1 153 ? -2.370  -7.199  0.847   1.00 36.90  ? 196 LEU A CB  1 
ATOM   1077 C CG  . LEU A 1 153 ? -3.328  -8.366  0.593   1.00 39.28  ? 196 LEU A CG  1 
ATOM   1078 C CD1 . LEU A 1 153 ? -4.651  -7.816  0.058   1.00 37.97  ? 196 LEU A CD1 1 
ATOM   1079 C CD2 . LEU A 1 153 ? -2.714  -9.344  -0.408  1.00 37.52  ? 196 LEU A CD2 1 
ATOM   1080 N N   . ALA A 1 154 ? -0.194  -5.548  2.397   1.00 35.06  ? 197 ALA A N   1 
ATOM   1081 C CA  . ALA A 1 154 ? 0.515   -4.287  2.601   1.00 35.75  ? 197 ALA A CA  1 
ATOM   1082 C C   . ALA A 1 154 ? 2.041   -4.445  2.577   1.00 35.38  ? 197 ALA A C   1 
ATOM   1083 O O   . ALA A 1 154 ? 2.777   -3.470  2.402   1.00 32.86  ? 197 ALA A O   1 
ATOM   1084 C CB  . ALA A 1 154 ? 0.081   -3.641  3.917   1.00 32.01  ? 197 ALA A CB  1 
ATOM   1085 N N   . ALA A 1 155 ? 2.512   -5.670  2.752   1.00 36.17  ? 198 ALA A N   1 
ATOM   1086 C CA  . ALA A 1 155 ? 3.948   -5.923  2.744   1.00 38.39  ? 198 ALA A CA  1 
ATOM   1087 C C   . ALA A 1 155 ? 4.498   -5.974  1.322   1.00 39.15  ? 198 ALA A C   1 
ATOM   1088 O O   . ALA A 1 155 ? 5.686   -5.741  1.098   1.00 40.06  ? 198 ALA A O   1 
ATOM   1089 C CB  . ALA A 1 155 ? 4.246   -7.252  3.457   1.00 35.47  ? 198 ALA A CB  1 
ATOM   1090 N N   . LEU A 1 156 ? 3.623   -6.255  0.360   1.00 40.47  ? 199 LEU A N   1 
ATOM   1091 C CA  . LEU A 1 156 ? 4.045   -6.406  -1.028  1.00 40.11  ? 199 LEU A CA  1 
ATOM   1092 C C   . LEU A 1 156 ? 4.508   -5.204  -1.855  1.00 39.77  ? 199 LEU A C   1 
ATOM   1093 O O   . LEU A 1 156 ? 5.486   -5.318  -2.591  1.00 40.63  ? 199 LEU A O   1 
ATOM   1094 C CB  . LEU A 1 156 ? 2.962   -7.185  -1.787  1.00 40.19  ? 199 LEU A CB  1 
ATOM   1095 C CG  . LEU A 1 156 ? 2.685   -8.536  -1.096  1.00 43.41  ? 199 LEU A CG  1 
ATOM   1096 C CD1 . LEU A 1 156 ? 1.557   -9.298  -1.779  1.00 40.60  ? 199 LEU A CD1 1 
ATOM   1097 C CD2 . LEU A 1 156 ? 3.963   -9.358  -1.102  1.00 43.26  ? 199 LEU A CD2 1 
ATOM   1098 N N   . PRO A 1 157 ? 3.837   -4.044  -1.744  1.00 40.06  ? 200 PRO A N   1 
ATOM   1099 C CA  . PRO A 1 157 ? 4.255   -2.874  -2.536  1.00 43.19  ? 200 PRO A CA  1 
ATOM   1100 C C   . PRO A 1 157 ? 5.759   -2.571  -2.553  1.00 45.45  ? 200 PRO A C   1 
ATOM   1101 O O   . PRO A 1 157 ? 6.299   -2.169  -3.580  1.00 46.30  ? 200 PRO A O   1 
ATOM   1102 C CB  . PRO A 1 157 ? 3.434   -1.737  -1.931  1.00 42.62  ? 200 PRO A CB  1 
ATOM   1103 C CG  . PRO A 1 157 ? 2.166   -2.442  -1.525  1.00 43.52  ? 200 PRO A CG  1 
ATOM   1104 C CD  . PRO A 1 157 ? 2.685   -3.713  -0.886  1.00 37.63  ? 200 PRO A CD  1 
ATOM   1105 N N   . LYS A 1 158 ? 6.439   -2.769  -1.428  1.00 47.94  ? 201 LYS A N   1 
ATOM   1106 C CA  . LYS A 1 158 ? 7.880   -2.504  -1.367  1.00 50.23  ? 201 LYS A CA  1 
ATOM   1107 C C   . LYS A 1 158 ? 8.624   -3.163  -2.531  1.00 50.30  ? 201 LYS A C   1 
ATOM   1108 O O   . LYS A 1 158 ? 9.476   -2.541  -3.165  1.00 52.10  ? 201 LYS A O   1 
ATOM   1109 C CB  . LYS A 1 158 ? 8.463   -3.009  -0.044  1.00 51.86  ? 201 LYS A CB  1 
ATOM   1110 C CG  . LYS A 1 158 ? 9.958   -2.758  0.103   1.00 55.40  ? 201 LYS A CG  1 
ATOM   1111 C CD  . LYS A 1 158 ? 10.510  -3.425  1.354   1.00 60.62  ? 201 LYS A CD  1 
ATOM   1112 C CE  . LYS A 1 158 ? 11.986  -3.128  1.543   1.00 62.68  ? 201 LYS A CE  1 
ATOM   1113 N NZ  . LYS A 1 158 ? 12.220  -1.664  1.721   1.00 66.04  ? 201 LYS A NZ  1 
ATOM   1114 N N   . ALA A 1 159 ? 8.302   -4.424  -2.799  1.00 47.12  ? 202 ALA A N   1 
ATOM   1115 C CA  . ALA A 1 159 ? 8.923   -5.181  -3.883  1.00 47.29  ? 202 ALA A CA  1 
ATOM   1116 C C   . ALA A 1 159 ? 8.184   -6.516  -3.970  1.00 46.50  ? 202 ALA A C   1 
ATOM   1117 O O   . ALA A 1 159 ? 8.591   -7.504  -3.358  1.00 45.82  ? 202 ALA A O   1 
ATOM   1118 C CB  . ALA A 1 159 ? 10.400  -5.411  -3.588  1.00 47.00  ? 202 ALA A CB  1 
ATOM   1119 N N   . PRO A 1 160 ? 7.084   -6.553  -4.741  1.00 45.94  ? 203 PRO A N   1 
ATOM   1120 C CA  . PRO A 1 160 ? 6.242   -7.736  -4.935  1.00 45.33  ? 203 PRO A CA  1 
ATOM   1121 C C   . PRO A 1 160 ? 6.969   -9.052  -5.187  1.00 45.50  ? 203 PRO A C   1 
ATOM   1122 O O   . PRO A 1 160 ? 6.639   -10.058 -4.569  1.00 45.00  ? 203 PRO A O   1 
ATOM   1123 C CB  . PRO A 1 160 ? 5.346   -7.327  -6.100  1.00 44.88  ? 203 PRO A CB  1 
ATOM   1124 C CG  . PRO A 1 160 ? 5.203   -5.856  -5.899  1.00 44.84  ? 203 PRO A CG  1 
ATOM   1125 C CD  . PRO A 1 160 ? 6.617   -5.444  -5.592  1.00 44.59  ? 203 PRO A CD  1 
ATOM   1126 N N   . ALA A 1 161 ? 7.960   -9.049  -6.076  1.00 45.94  ? 204 ALA A N   1 
ATOM   1127 C CA  . ALA A 1 161 ? 8.693   -10.273 -6.394  1.00 47.68  ? 204 ALA A CA  1 
ATOM   1128 C C   . ALA A 1 161 ? 9.596   -10.753 -5.264  1.00 49.73  ? 204 ALA A C   1 
ATOM   1129 O O   . ALA A 1 161 ? 9.758   -11.957 -5.056  1.00 51.96  ? 204 ALA A O   1 
ATOM   1130 C CB  . ALA A 1 161 ? 9.511   -10.073 -7.660  1.00 46.40  ? 204 ALA A CB  1 
ATOM   1131 N N   . LYS A 1 162 ? 10.180  -9.814  -4.530  1.00 51.17  ? 205 LYS A N   1 
ATOM   1132 C CA  . LYS A 1 162 ? 11.076  -10.156 -3.433  1.00 50.72  ? 205 LYS A CA  1 
ATOM   1133 C C   . LYS A 1 162 ? 10.336  -10.653 -2.193  1.00 50.55  ? 205 LYS A C   1 
ATOM   1134 O O   . LYS A 1 162 ? 10.883  -11.431 -1.413  1.00 49.45  ? 205 LYS A O   1 
ATOM   1135 C CB  . LYS A 1 162 ? 11.937  -8.942  -3.078  1.00 52.94  ? 205 LYS A CB  1 
ATOM   1136 C CG  . LYS A 1 162 ? 12.874  -9.150  -1.902  1.00 56.57  ? 205 LYS A CG  1 
ATOM   1137 C CD  . LYS A 1 162 ? 13.690  -7.893  -1.637  1.00 59.71  ? 205 LYS A CD  1 
ATOM   1138 C CE  . LYS A 1 162 ? 14.514  -8.026  -0.366  1.00 63.11  ? 205 LYS A CE  1 
ATOM   1139 N NZ  . LYS A 1 162 ? 15.254  -6.765  -0.055  1.00 65.84  ? 205 LYS A NZ  1 
ATOM   1140 N N   . TYR A 1 163 ? 9.087   -10.228 -2.020  1.00 49.11  ? 206 TYR A N   1 
ATOM   1141 C CA  . TYR A 1 163 ? 8.311   -10.640 -0.852  1.00 47.80  ? 206 TYR A CA  1 
ATOM   1142 C C   . TYR A 1 163 ? 7.117   -11.530 -1.174  1.00 48.04  ? 206 TYR A C   1 
ATOM   1143 O O   . TYR A 1 163 ? 6.285   -11.793 -0.304  1.00 48.93  ? 206 TYR A O   1 
ATOM   1144 C CB  . TYR A 1 163 ? 7.828   -9.404  -0.092  1.00 47.69  ? 206 TYR A CB  1 
ATOM   1145 C CG  . TYR A 1 163 ? 8.953   -8.554  0.442   1.00 49.61  ? 206 TYR A CG  1 
ATOM   1146 C CD1 . TYR A 1 163 ? 9.695   -8.966  1.546   1.00 50.97  ? 206 TYR A CD1 1 
ATOM   1147 C CD2 . TYR A 1 163 ? 9.305   -7.359  -0.182  1.00 51.02  ? 206 TYR A CD2 1 
ATOM   1148 C CE1 . TYR A 1 163 ? 10.766  -8.209  2.017   1.00 52.36  ? 206 TYR A CE1 1 
ATOM   1149 C CE2 . TYR A 1 163 ? 10.376  -6.594  0.279   1.00 52.60  ? 206 TYR A CE2 1 
ATOM   1150 C CZ  . TYR A 1 163 ? 11.100  -7.027  1.381   1.00 53.14  ? 206 TYR A CZ  1 
ATOM   1151 O OH  . TYR A 1 163 ? 12.154  -6.277  1.856   1.00 56.50  ? 206 TYR A OH  1 
ATOM   1152 N N   . ASN A 1 164 ? 7.031   -11.996 -2.414  1.00 48.75  ? 207 ASN A N   1 
ATOM   1153 C CA  . ASN A 1 164 ? 5.921   -12.849 -2.825  1.00 50.69  ? 207 ASN A CA  1 
ATOM   1154 C C   . ASN A 1 164 ? 5.844   -14.091 -1.936  1.00 49.57  ? 207 ASN A C   1 
ATOM   1155 O O   . ASN A 1 164 ? 6.824   -14.809 -1.776  1.00 50.35  ? 207 ASN A O   1 
ATOM   1156 C CB  . ASN A 1 164 ? 6.086   -13.258 -4.293  1.00 52.75  ? 207 ASN A CB  1 
ATOM   1157 C CG  . ASN A 1 164 ? 4.841   -13.926 -4.859  1.00 56.06  ? 207 ASN A CG  1 
ATOM   1158 O OD1 . ASN A 1 164 ? 4.431   -14.991 -4.400  1.00 58.82  ? 207 ASN A OD1 1 
ATOM   1159 N ND2 . ASN A 1 164 ? 4.232   -13.296 -5.861  1.00 58.52  ? 207 ASN A ND2 1 
ATOM   1160 N N   . PRO A 1 165 ? 4.671   -14.355 -1.341  1.00 50.33  ? 208 PRO A N   1 
ATOM   1161 C CA  . PRO A 1 165 ? 4.520   -15.526 -0.471  1.00 51.38  ? 208 PRO A CA  1 
ATOM   1162 C C   . PRO A 1 165 ? 4.595   -16.881 -1.184  1.00 53.40  ? 208 PRO A C   1 
ATOM   1163 O O   . PRO A 1 165 ? 4.839   -17.907 -0.547  1.00 53.66  ? 208 PRO A O   1 
ATOM   1164 C CB  . PRO A 1 165 ? 3.161   -15.286 0.191   1.00 49.48  ? 208 PRO A CB  1 
ATOM   1165 C CG  . PRO A 1 165 ? 2.402   -14.551 -0.857  1.00 47.87  ? 208 PRO A CG  1 
ATOM   1166 C CD  . PRO A 1 165 ? 3.428   -13.563 -1.374  1.00 49.73  ? 208 PRO A CD  1 
ATOM   1167 N N   . PHE A 1 166 ? 4.394   -16.885 -2.499  1.00 53.15  ? 209 PHE A N   1 
ATOM   1168 C CA  . PHE A 1 166 ? 4.431   -18.129 -3.266  1.00 54.22  ? 209 PHE A CA  1 
ATOM   1169 C C   . PHE A 1 166 ? 5.822   -18.747 -3.434  1.00 55.89  ? 209 PHE A C   1 
ATOM   1170 O O   . PHE A 1 166 ? 5.936   -19.953 -3.642  1.00 57.68  ? 209 PHE A O   1 
ATOM   1171 C CB  . PHE A 1 166 ? 3.803   -17.915 -4.646  1.00 52.22  ? 209 PHE A CB  1 
ATOM   1172 C CG  . PHE A 1 166 ? 2.308   -17.744 -4.617  1.00 52.09  ? 209 PHE A CG  1 
ATOM   1173 C CD1 . PHE A 1 166 ? 1.629   -17.284 -5.743  1.00 50.00  ? 209 PHE A CD1 1 
ATOM   1174 C CD2 . PHE A 1 166 ? 1.574   -18.061 -3.475  1.00 49.23  ? 209 PHE A CD2 1 
ATOM   1175 C CE1 . PHE A 1 166 ? 0.243   -17.141 -5.736  1.00 50.08  ? 209 PHE A CE1 1 
ATOM   1176 C CE2 . PHE A 1 166 ? 0.184   -17.922 -3.458  1.00 50.43  ? 209 PHE A CE2 1 
ATOM   1177 C CZ  . PHE A 1 166 ? -0.484  -17.460 -4.591  1.00 50.65  ? 209 PHE A CZ  1 
ATOM   1178 N N   . TYR A 1 167 ? 6.877   -17.938 -3.346  1.00 56.67  ? 210 TYR A N   1 
ATOM   1179 C CA  . TYR A 1 167 ? 8.230   -18.474 -3.501  1.00 56.55  ? 210 TYR A CA  1 
ATOM   1180 C C   . TYR A 1 167 ? 9.296   -17.851 -2.604  1.00 56.46  ? 210 TYR A C   1 
ATOM   1181 O O   . TYR A 1 167 ? 10.475  -18.192 -2.702  1.00 55.53  ? 210 TYR A O   1 
ATOM   1182 C CB  . TYR A 1 167 ? 8.664   -18.400 -4.968  1.00 55.94  ? 210 TYR A CB  1 
ATOM   1183 C CG  . TYR A 1 167 ? 8.399   -17.078 -5.644  1.00 56.95  ? 210 TYR A CG  1 
ATOM   1184 C CD1 . TYR A 1 167 ? 9.217   -15.975 -5.412  1.00 56.13  ? 210 TYR A CD1 1 
ATOM   1185 C CD2 . TYR A 1 167 ? 7.345   -16.941 -6.546  1.00 55.71  ? 210 TYR A CD2 1 
ATOM   1186 C CE1 . TYR A 1 167 ? 8.995   -14.768 -6.070  1.00 57.19  ? 210 TYR A CE1 1 
ATOM   1187 C CE2 . TYR A 1 167 ? 7.113   -15.745 -7.204  1.00 56.87  ? 210 TYR A CE2 1 
ATOM   1188 C CZ  . TYR A 1 167 ? 7.942   -14.663 -6.966  1.00 57.17  ? 210 TYR A CZ  1 
ATOM   1189 O OH  . TYR A 1 167 ? 7.727   -13.491 -7.648  1.00 57.21  ? 210 TYR A OH  1 
ATOM   1190 N N   . HIS A 1 168 ? 8.873   -16.935 -1.740  1.00 55.70  ? 211 HIS A N   1 
ATOM   1191 C CA  . HIS A 1 168 ? 9.758   -16.290 -0.771  1.00 55.11  ? 211 HIS A CA  1 
ATOM   1192 C C   . HIS A 1 168 ? 8.928   -16.151 0.502   1.00 55.44  ? 211 HIS A C   1 
ATOM   1193 O O   . HIS A 1 168 ? 8.928   -15.100 1.141   1.00 53.97  ? 211 HIS A O   1 
ATOM   1194 C CB  . HIS A 1 168 ? 10.187  -14.904 -1.251  1.00 54.84  ? 211 HIS A CB  1 
ATOM   1195 C CG  . HIS A 1 168 ? 11.251  -14.927 -2.301  1.00 57.00  ? 211 HIS A CG  1 
ATOM   1196 N ND1 . HIS A 1 168 ? 11.272  -14.040 -3.357  1.00 55.86  ? 211 HIS A ND1 1 
ATOM   1197 C CD2 . HIS A 1 168 ? 12.347  -15.710 -2.443  1.00 57.20  ? 211 HIS A CD2 1 
ATOM   1198 C CE1 . HIS A 1 168 ? 12.336  -14.277 -4.104  1.00 58.27  ? 211 HIS A CE1 1 
ATOM   1199 N NE2 . HIS A 1 168 ? 13.004  -15.285 -3.571  1.00 57.67  ? 211 HIS A NE2 1 
ATOM   1200 N N   . PRO A 1 169 ? 8.207   -17.221 0.882   1.00 55.68  ? 212 PRO A N   1 
ATOM   1201 C CA  . PRO A 1 169 ? 7.360   -17.221 2.079   1.00 55.58  ? 212 PRO A CA  1 
ATOM   1202 C C   . PRO A 1 169 ? 8.070   -16.792 3.354   1.00 57.24  ? 212 PRO A C   1 
ATOM   1203 O O   . PRO A 1 169 ? 7.434   -16.279 4.276   1.00 57.55  ? 212 PRO A O   1 
ATOM   1204 C CB  . PRO A 1 169 ? 6.857   -18.659 2.142   1.00 55.56  ? 212 PRO A CB  1 
ATOM   1205 C CG  . PRO A 1 169 ? 7.999   -19.432 1.557   1.00 55.66  ? 212 PRO A CG  1 
ATOM   1206 C CD  . PRO A 1 169 ? 8.352   -18.593 0.358   1.00 54.68  ? 212 PRO A CD  1 
ATOM   1207 N N   . GLU A 1 170 ? 9.382   -16.998 3.404   1.00 58.11  ? 213 GLU A N   1 
ATOM   1208 C CA  . GLU A 1 170 ? 10.170  -16.624 4.575   1.00 59.30  ? 213 GLU A CA  1 
ATOM   1209 C C   . GLU A 1 170 ? 10.199  -15.106 4.710   1.00 57.85  ? 213 GLU A C   1 
ATOM   1210 O O   . GLU A 1 170 ? 9.825   -14.563 5.749   1.00 56.08  ? 213 GLU A O   1 
ATOM   1211 C CB  . GLU A 1 170 ? 11.605  -17.159 4.465   1.00 61.92  ? 213 GLU A CB  1 
ATOM   1212 C CG  . GLU A 1 170 ? 11.876  -18.041 3.240   1.00 67.66  ? 213 GLU A CG  1 
ATOM   1213 C CD  . GLU A 1 170 ? 12.077  -17.245 1.955   1.00 68.03  ? 213 GLU A CD  1 
ATOM   1214 O OE1 . GLU A 1 170 ? 12.321  -17.874 0.902   1.00 71.98  ? 213 GLU A OE1 1 
ATOM   1215 O OE2 . GLU A 1 170 ? 12.001  -16.000 1.992   1.00 68.40  ? 213 GLU A OE2 1 
ATOM   1216 N N   . ARG A 1 171 ? 10.650  -14.428 3.657   1.00 55.54  ? 214 ARG A N   1 
ATOM   1217 C CA  . ARG A 1 171 ? 10.708  -12.975 3.659   1.00 55.00  ? 214 ARG A CA  1 
ATOM   1218 C C   . ARG A 1 171 ? 9.303   -12.381 3.760   1.00 51.84  ? 214 ARG A C   1 
ATOM   1219 O O   . ARG A 1 171 ? 9.093   -11.378 4.434   1.00 50.60  ? 214 ARG A O   1 
ATOM   1220 C CB  . ARG A 1 171 ? 11.399  -12.465 2.391   1.00 58.03  ? 214 ARG A CB  1 
ATOM   1221 C CG  . ARG A 1 171 ? 12.863  -12.842 2.308   1.00 62.64  ? 214 ARG A CG  1 
ATOM   1222 C CD  . ARG A 1 171 ? 13.690  -11.733 1.676   1.00 66.66  ? 214 ARG A CD  1 
ATOM   1223 N NE  . ARG A 1 171 ? 13.494  -11.618 0.233   1.00 69.33  ? 214 ARG A NE  1 
ATOM   1224 C CZ  . ARG A 1 171 ? 13.830  -12.556 -0.645  1.00 69.31  ? 214 ARG A CZ  1 
ATOM   1225 N NH1 . ARG A 1 171 ? 14.378  -13.691 -0.231  1.00 71.28  ? 214 ARG A NH1 1 
ATOM   1226 N NH2 . ARG A 1 171 ? 13.633  -12.355 -1.941  1.00 67.71  ? 214 ARG A NH2 1 
ATOM   1227 N N   . ALA A 1 172 ? 8.344   -13.018 3.098   1.00 48.99  ? 215 ALA A N   1 
ATOM   1228 C CA  . ALA A 1 172 ? 6.963   -12.554 3.114   1.00 48.56  ? 215 ALA A CA  1 
ATOM   1229 C C   . ALA A 1 172 ? 6.426   -12.478 4.541   1.00 48.59  ? 215 ALA A C   1 
ATOM   1230 O O   . ALA A 1 172 ? 5.871   -11.455 4.957   1.00 44.04  ? 215 ALA A O   1 
ATOM   1231 C CB  . ALA A 1 172 ? 6.092   -13.484 2.275   1.00 45.78  ? 215 ALA A CB  1 
ATOM   1232 N N   . LEU A 1 173 ? 6.591   -13.574 5.280   1.00 47.47  ? 216 LEU A N   1 
ATOM   1233 C CA  . LEU A 1 173 ? 6.129   -13.673 6.663   1.00 48.33  ? 216 LEU A CA  1 
ATOM   1234 C C   . LEU A 1 173 ? 6.815   -12.628 7.541   1.00 47.71  ? 216 LEU A C   1 
ATOM   1235 O O   . LEU A 1 173 ? 6.183   -11.972 8.373   1.00 46.12  ? 216 LEU A O   1 
ATOM   1236 C CB  . LEU A 1 173 ? 6.426   -15.075 7.209   1.00 51.39  ? 216 LEU A CB  1 
ATOM   1237 C CG  . LEU A 1 173 ? 6.099   -15.300 8.687   1.00 53.99  ? 216 LEU A CG  1 
ATOM   1238 C CD1 . LEU A 1 173 ? 4.613   -15.098 8.906   1.00 55.92  ? 216 LEU A CD1 1 
ATOM   1239 C CD2 . LEU A 1 173 ? 6.518   -16.707 9.111   1.00 57.11  ? 216 LEU A CD2 1 
ATOM   1240 N N   . GLN A 1 174 ? 8.121   -12.493 7.348   1.00 46.89  ? 217 GLN A N   1 
ATOM   1241 C CA  . GLN A 1 174 ? 8.917   -11.537 8.097   1.00 47.37  ? 217 GLN A CA  1 
ATOM   1242 C C   . GLN A 1 174 ? 8.418   -10.112 7.858   1.00 45.12  ? 217 GLN A C   1 
ATOM   1243 O O   . GLN A 1 174 ? 8.285   -9.325  8.792   1.00 43.34  ? 217 GLN A O   1 
ATOM   1244 C CB  . GLN A 1 174 ? 10.383  -11.660 7.678   1.00 52.09  ? 217 GLN A CB  1 
ATOM   1245 C CG  . GLN A 1 174 ? 11.319  -10.608 8.256   1.00 60.30  ? 217 GLN A CG  1 
ATOM   1246 C CD  . GLN A 1 174 ? 12.778  -10.872 7.895   1.00 66.66  ? 217 GLN A CD  1 
ATOM   1247 O OE1 . GLN A 1 174 ? 13.658  -10.042 8.143   1.00 68.82  ? 217 GLN A OE1 1 
ATOM   1248 N NE2 . GLN A 1 174 ? 13.040  -12.039 7.311   1.00 68.59  ? 217 GLN A NE2 1 
ATOM   1249 N N   . ARG A 1 175 ? 8.133   -9.774  6.605   1.00 42.63  ? 218 ARG A N   1 
ATOM   1250 C CA  . ARG A 1 175 ? 7.671   -8.430  6.327   1.00 41.82  ? 218 ARG A CA  1 
ATOM   1251 C C   . ARG A 1 175 ? 6.223   -8.242  6.774   1.00 40.85  ? 218 ARG A C   1 
ATOM   1252 O O   . ARG A 1 175 ? 5.843   -7.145  7.181   1.00 40.51  ? 218 ARG A O   1 
ATOM   1253 C CB  . ARG A 1 175 ? 7.861   -8.071  4.848   1.00 42.34  ? 218 ARG A CB  1 
ATOM   1254 C CG  . ARG A 1 175 ? 7.693   -6.571  4.612   1.00 40.42  ? 218 ARG A CG  1 
ATOM   1255 C CD  . ARG A 1 175 ? 8.105   -6.122  3.236   1.00 42.30  ? 218 ARG A CD  1 
ATOM   1256 N NE  . ARG A 1 175 ? 7.538   -4.808  2.935   1.00 42.87  ? 218 ARG A NE  1 
ATOM   1257 C CZ  . ARG A 1 175 ? 7.875   -3.681  3.555   1.00 43.83  ? 218 ARG A CZ  1 
ATOM   1258 N NH1 . ARG A 1 175 ? 8.790   -3.696  4.513   1.00 42.27  ? 218 ARG A NH1 1 
ATOM   1259 N NH2 . ARG A 1 175 ? 7.276   -2.540  3.234   1.00 42.20  ? 218 ARG A NH2 1 
ATOM   1260 N N   . ARG A 1 176 ? 5.422   -9.309  6.726   1.00 40.95  ? 219 ARG A N   1 
ATOM   1261 C CA  . ARG A 1 176 ? 4.031   -9.226  7.188   1.00 40.13  ? 219 ARG A CA  1 
ATOM   1262 C C   . ARG A 1 176 ? 4.003   -8.833  8.670   1.00 38.89  ? 219 ARG A C   1 
ATOM   1263 O O   . ARG A 1 176 ? 3.227   -7.974  9.083   1.00 39.71  ? 219 ARG A O   1 
ATOM   1264 C CB  . ARG A 1 176 ? 3.298   -10.567 7.038   1.00 39.30  ? 219 ARG A CB  1 
ATOM   1265 C CG  . ARG A 1 176 ? 1.881   -10.528 7.624   1.00 39.67  ? 219 ARG A CG  1 
ATOM   1266 C CD  . ARG A 1 176 ? 1.330   -11.903 7.967   1.00 40.78  ? 219 ARG A CD  1 
ATOM   1267 N NE  . ARG A 1 176 ? 1.981   -12.494 9.135   1.00 41.27  ? 219 ARG A NE  1 
ATOM   1268 C CZ  . ARG A 1 176 ? 1.733   -13.721 9.589   1.00 43.87  ? 219 ARG A CZ  1 
ATOM   1269 N NH1 . ARG A 1 176 ? 0.846   -14.497 8.972   1.00 43.96  ? 219 ARG A NH1 1 
ATOM   1270 N NH2 . ARG A 1 176 ? 2.361   -14.171 10.666  1.00 43.41  ? 219 ARG A NH2 1 
ATOM   1271 N N   . ASN A 1 177 ? 4.846   -9.472  9.476   1.00 39.78  ? 220 ASN A N   1 
ATOM   1272 C CA  . ASN A 1 177 ? 4.883   -9.159  10.902  1.00 40.33  ? 220 ASN A CA  1 
ATOM   1273 C C   . ASN A 1 177 ? 5.418   -7.750  11.152  1.00 37.82  ? 220 ASN A C   1 
ATOM   1274 O O   . ASN A 1 177 ? 5.105   -7.138  12.163  1.00 38.43  ? 220 ASN A O   1 
ATOM   1275 C CB  . ASN A 1 177 ? 5.722   -10.190 11.660  1.00 38.81  ? 220 ASN A CB  1 
ATOM   1276 C CG  . ASN A 1 177 ? 5.096   -11.561 11.639  1.00 42.86  ? 220 ASN A CG  1 
ATOM   1277 O OD1 . ASN A 1 177 ? 3.917   -11.709 11.301  1.00 41.16  ? 220 ASN A OD1 1 
ATOM   1278 N ND2 . ASN A 1 177 ? 5.874   -12.578 12.009  1.00 42.56  ? 220 ASN A ND2 1 
ATOM   1279 N N   . LEU A 1 178 ? 6.229   -7.245  10.230  1.00 39.05  ? 221 LEU A N   1 
ATOM   1280 C CA  . LEU A 1 178 ? 6.760   -5.890  10.345  1.00 39.21  ? 221 LEU A CA  1 
ATOM   1281 C C   . LEU A 1 178 ? 5.597   -4.916  10.107  1.00 37.98  ? 221 LEU A C   1 
ATOM   1282 O O   . LEU A 1 178 ? 5.473   -3.893  10.777  1.00 36.79  ? 221 LEU A O   1 
ATOM   1283 C CB  . LEU A 1 178 ? 7.864   -5.667  9.308   1.00 41.91  ? 221 LEU A CB  1 
ATOM   1284 C CG  . LEU A 1 178 ? 8.531   -4.292  9.344   1.00 47.09  ? 221 LEU A CG  1 
ATOM   1285 C CD1 . LEU A 1 178 ? 9.139   -4.061  10.729  1.00 50.64  ? 221 LEU A CD1 1 
ATOM   1286 C CD2 . LEU A 1 178 ? 9.604   -4.216  8.266   1.00 48.21  ? 221 LEU A CD2 1 
ATOM   1287 N N   . VAL A 1 179 ? 4.741   -5.250  9.146   1.00 35.80  ? 222 VAL A N   1 
ATOM   1288 C CA  . VAL A 1 179 ? 3.575   -4.424  8.852   1.00 35.17  ? 222 VAL A CA  1 
ATOM   1289 C C   . VAL A 1 179 ? 2.690   -4.392  10.099  1.00 34.53  ? 222 VAL A C   1 
ATOM   1290 O O   . VAL A 1 179 ? 2.237   -3.334  10.517  1.00 34.82  ? 222 VAL A O   1 
ATOM   1291 C CB  . VAL A 1 179 ? 2.765   -5.003  7.649   1.00 34.67  ? 222 VAL A CB  1 
ATOM   1292 C CG1 . VAL A 1 179 ? 1.398   -4.339  7.560   1.00 33.89  ? 222 VAL A CG1 1 
ATOM   1293 C CG2 . VAL A 1 179 ? 3.537   -4.786  6.353   1.00 32.36  ? 222 VAL A CG2 1 
ATOM   1294 N N   . LEU A 1 180 ? 2.456   -5.565  10.688  1.00 35.18  ? 223 LEU A N   1 
ATOM   1295 C CA  . LEU A 1 180 ? 1.639   -5.688  11.895  1.00 36.55  ? 223 LEU A CA  1 
ATOM   1296 C C   . LEU A 1 180 ? 2.210   -4.837  13.032  1.00 36.44  ? 223 LEU A C   1 
ATOM   1297 O O   . LEU A 1 180 ? 1.465   -4.234  13.806  1.00 37.32  ? 223 LEU A O   1 
ATOM   1298 C CB  . LEU A 1 180 ? 1.557   -7.167  12.313  1.00 37.18  ? 223 LEU A CB  1 
ATOM   1299 C CG  . LEU A 1 180 ? 0.691   -8.027  11.386  1.00 38.80  ? 223 LEU A CG  1 
ATOM   1300 C CD1 . LEU A 1 180 ? 0.852   -9.512  11.708  1.00 39.91  ? 223 LEU A CD1 1 
ATOM   1301 C CD2 . LEU A 1 180 ? -0.771  -7.591  11.541  1.00 36.54  ? 223 LEU A CD2 1 
ATOM   1302 N N   . LYS A 1 181 ? 3.532   -4.789  13.133  1.00 37.74  ? 224 LYS A N   1 
ATOM   1303 C CA  . LYS A 1 181 ? 4.169   -3.972  14.157  1.00 40.25  ? 224 LYS A CA  1 
ATOM   1304 C C   . LYS A 1 181 ? 3.879   -2.490  13.861  1.00 39.50  ? 224 LYS A C   1 
ATOM   1305 O O   . LYS A 1 181 ? 3.579   -1.715  14.767  1.00 39.91  ? 224 LYS A O   1 
ATOM   1306 C CB  . LYS A 1 181 ? 5.679   -4.209  14.174  1.00 41.81  ? 224 LYS A CB  1 
ATOM   1307 C CG  . LYS A 1 181 ? 6.395   -3.388  15.233  1.00 46.15  ? 224 LYS A CG  1 
ATOM   1308 C CD  . LYS A 1 181 ? 7.902   -3.482  15.100  1.00 51.61  ? 224 LYS A CD  1 
ATOM   1309 C CE  . LYS A 1 181 ? 8.603   -2.618  16.149  1.00 56.54  ? 224 LYS A CE  1 
ATOM   1310 N NZ  . LYS A 1 181 ? 10.083  -2.816  16.121  1.00 58.33  ? 224 LYS A NZ  1 
ATOM   1311 N N   . ARG A 1 182 ? 3.973   -2.098  12.593  1.00 38.78  ? 225 ARG A N   1 
ATOM   1312 C CA  . ARG A 1 182 ? 3.692   -0.711  12.217  1.00 39.86  ? 225 ARG A CA  1 
ATOM   1313 C C   . ARG A 1 182 ? 2.248   -0.359  12.586  1.00 37.97  ? 225 ARG A C   1 
ATOM   1314 O O   . ARG A 1 182 ? 1.974   0.731   13.083  1.00 35.93  ? 225 ARG A O   1 
ATOM   1315 C CB  . ARG A 1 182 ? 3.924   -0.507  10.714  1.00 41.08  ? 225 ARG A CB  1 
ATOM   1316 C CG  . ARG A 1 182 ? 5.403   -0.423  10.320  1.00 42.40  ? 225 ARG A CG  1 
ATOM   1317 C CD  . ARG A 1 182 ? 6.058   0.825   10.922  1.00 45.75  ? 225 ARG A CD  1 
ATOM   1318 N NE  . ARG A 1 182 ? 5.376   2.034   10.476  1.00 51.16  ? 225 ARG A NE  1 
ATOM   1319 C CZ  . ARG A 1 182 ? 4.937   3.002   11.278  1.00 51.78  ? 225 ARG A CZ  1 
ATOM   1320 N NH1 . ARG A 1 182 ? 4.324   4.059   10.759  1.00 51.16  ? 225 ARG A NH1 1 
ATOM   1321 N NH2 . ARG A 1 182 ? 5.104   2.917   12.593  1.00 52.26  ? 225 ARG A NH2 1 
ATOM   1322 N N   . MET A 1 183 ? 1.327   -1.291  12.355  1.00 37.55  ? 226 MET A N   1 
ATOM   1323 C CA  . MET A 1 183 ? -0.072  -1.060  12.693  1.00 37.79  ? 226 MET A CA  1 
ATOM   1324 C C   . MET A 1 183 ? -0.230  -0.883  14.206  1.00 38.43  ? 226 MET A C   1 
ATOM   1325 O O   . MET A 1 183 ? -1.005  -0.044  14.672  1.00 38.45  ? 226 MET A O   1 
ATOM   1326 C CB  . MET A 1 183 ? -0.934  -2.226  12.208  1.00 37.69  ? 226 MET A CB  1 
ATOM   1327 C CG  . MET A 1 183 ? -1.082  -2.296  10.694  1.00 39.01  ? 226 MET A CG  1 
ATOM   1328 S SD  . MET A 1 183 ? -2.063  -3.709  10.148  1.00 39.61  ? 226 MET A SD  1 
ATOM   1329 C CE  . MET A 1 183 ? -3.727  -3.080  10.354  1.00 37.10  ? 226 MET A CE  1 
ATOM   1330 N N   . LEU A 1 184 ? 0.508   -1.680  14.969  1.00 38.24  ? 227 LEU A N   1 
ATOM   1331 C CA  . LEU A 1 184 ? 0.455   -1.596  16.420  1.00 38.92  ? 227 LEU A CA  1 
ATOM   1332 C C   . LEU A 1 184 ? 0.939   -0.225  16.886  1.00 39.97  ? 227 LEU A C   1 
ATOM   1333 O O   . LEU A 1 184 ? 0.288   0.421   17.704  1.00 40.49  ? 227 LEU A O   1 
ATOM   1334 C CB  . LEU A 1 184 ? 1.337   -2.684  17.047  1.00 38.40  ? 227 LEU A CB  1 
ATOM   1335 C CG  . LEU A 1 184 ? 1.512   -2.600  18.569  1.00 40.26  ? 227 LEU A CG  1 
ATOM   1336 C CD1 . LEU A 1 184 ? 0.164   -2.808  19.246  1.00 41.94  ? 227 LEU A CD1 1 
ATOM   1337 C CD2 . LEU A 1 184 ? 2.518   -3.651  19.044  1.00 40.37  ? 227 LEU A CD2 1 
ATOM   1338 N N   . GLU A 1 185 ? 2.082   0.210   16.358  1.00 39.85  ? 228 GLU A N   1 
ATOM   1339 C CA  . GLU A 1 185 ? 2.669   1.494   16.731  1.00 41.13  ? 228 GLU A CA  1 
ATOM   1340 C C   . GLU A 1 185 ? 1.770   2.677   16.416  1.00 42.57  ? 228 GLU A C   1 
ATOM   1341 O O   . GLU A 1 185 ? 1.740   3.647   17.174  1.00 42.62  ? 228 GLU A O   1 
ATOM   1342 C CB  . GLU A 1 185 ? 4.014   1.686   16.036  1.00 40.79  ? 228 GLU A CB  1 
ATOM   1343 C CG  . GLU A 1 185 ? 5.009   0.586   16.322  1.00 43.94  ? 228 GLU A CG  1 
ATOM   1344 C CD  . GLU A 1 185 ? 6.332   0.816   15.636  1.00 45.81  ? 228 GLU A CD  1 
ATOM   1345 O OE1 . GLU A 1 185 ? 6.340   1.482   14.580  1.00 47.99  ? 228 GLU A OE1 1 
ATOM   1346 O OE2 . GLU A 1 185 ? 7.359   0.323   16.145  1.00 47.46  ? 228 GLU A OE2 1 
ATOM   1347 N N   . GLU A 1 186 ? 1.049   2.595   15.297  1.00 41.90  ? 229 GLU A N   1 
ATOM   1348 C CA  . GLU A 1 186 ? 0.133   3.652   14.876  1.00 43.37  ? 229 GLU A CA  1 
ATOM   1349 C C   . GLU A 1 186 ? -1.200  3.572   15.625  1.00 43.72  ? 229 GLU A C   1 
ATOM   1350 O O   . GLU A 1 186 ? -2.050  4.446   15.479  1.00 44.50  ? 229 GLU A O   1 
ATOM   1351 C CB  . GLU A 1 186 ? -0.135  3.552   13.366  1.00 43.02  ? 229 GLU A CB  1 
ATOM   1352 C CG  . GLU A 1 186 ? 1.083   3.802   12.497  1.00 44.31  ? 229 GLU A CG  1 
ATOM   1353 C CD  . GLU A 1 186 ? 1.649   5.198   12.694  1.00 46.92  ? 229 GLU A CD  1 
ATOM   1354 O OE1 . GLU A 1 186 ? 0.863   6.166   12.661  1.00 48.49  ? 229 GLU A OE1 1 
ATOM   1355 O OE2 . GLU A 1 186 ? 2.876   5.329   12.870  1.00 51.20  ? 229 GLU A OE2 1 
ATOM   1356 N N   . GLY A 1 187 ? -1.389  2.509   16.402  1.00 43.28  ? 230 GLY A N   1 
ATOM   1357 C CA  . GLY A 1 187 ? -2.621  2.361   17.160  1.00 42.28  ? 230 GLY A CA  1 
ATOM   1358 C C   . GLY A 1 187 ? -3.808  1.799   16.393  1.00 43.45  ? 230 GLY A C   1 
ATOM   1359 O O   . GLY A 1 187 ? -4.945  1.892   16.861  1.00 43.22  ? 230 GLY A O   1 
ATOM   1360 N N   . TYR A 1 188 ? -3.558  1.203   15.229  1.00 41.57  ? 231 TYR A N   1 
ATOM   1361 C CA  . TYR A 1 188 ? -4.639  0.641   14.427  1.00 42.18  ? 231 TYR A CA  1 
ATOM   1362 C C   . TYR A 1 188 ? -5.123  -0.712  14.932  1.00 42.22  ? 231 TYR A C   1 
ATOM   1363 O O   . TYR A 1 188 ? -6.229  -1.138  14.610  1.00 41.51  ? 231 TYR A O   1 
ATOM   1364 C CB  . TYR A 1 188 ? -4.222  0.532   12.960  1.00 41.07  ? 231 TYR A CB  1 
ATOM   1365 C CG  . TYR A 1 188 ? -4.013  1.875   12.300  1.00 40.81  ? 231 TYR A CG  1 
ATOM   1366 C CD1 . TYR A 1 188 ? -4.936  2.906   12.473  1.00 39.01  ? 231 TYR A CD1 1 
ATOM   1367 C CD2 . TYR A 1 188 ? -2.906  2.109   11.479  1.00 40.33  ? 231 TYR A CD2 1 
ATOM   1368 C CE1 . TYR A 1 188 ? -4.765  4.140   11.845  1.00 41.09  ? 231 TYR A CE1 1 
ATOM   1369 C CE2 . TYR A 1 188 ? -2.721  3.336   10.849  1.00 38.97  ? 231 TYR A CE2 1 
ATOM   1370 C CZ  . TYR A 1 188 ? -3.655  4.347   11.035  1.00 41.39  ? 231 TYR A CZ  1 
ATOM   1371 O OH  . TYR A 1 188 ? -3.479  5.562   10.414  1.00 43.21  ? 231 TYR A OH  1 
ATOM   1372 N N   . ILE A 1 189 ? -4.287  -1.394  15.709  1.00 41.53  ? 232 ILE A N   1 
ATOM   1373 C CA  . ILE A 1 189 ? -4.672  -2.678  16.282  1.00 40.93  ? 232 ILE A CA  1 
ATOM   1374 C C   . ILE A 1 189 ? -4.175  -2.700  17.726  1.00 42.33  ? 232 ILE A C   1 
ATOM   1375 O O   . ILE A 1 189 ? -3.265  -1.947  18.085  1.00 41.07  ? 232 ILE A O   1 
ATOM   1376 C CB  . ILE A 1 189 ? -4.059  -3.872  15.511  1.00 39.19  ? 232 ILE A CB  1 
ATOM   1377 C CG1 . ILE A 1 189 ? -2.532  -3.828  15.601  1.00 39.20  ? 232 ILE A CG1 1 
ATOM   1378 C CG2 . ILE A 1 189 ? -4.529  -3.849  14.052  1.00 38.71  ? 232 ILE A CG2 1 
ATOM   1379 C CD1 . ILE A 1 189 ? -1.856  -5.043  14.982  1.00 37.06  ? 232 ILE A CD1 1 
ATOM   1380 N N   . THR A 1 190 ? -4.778  -3.552  18.550  1.00 42.17  ? 233 THR A N   1 
ATOM   1381 C CA  . THR A 1 190 ? -4.392  -3.666  19.955  1.00 44.73  ? 233 THR A CA  1 
ATOM   1382 C C   . THR A 1 190 ? -3.257  -4.674  20.141  1.00 45.54  ? 233 THR A C   1 
ATOM   1383 O O   . THR A 1 190 ? -2.930  -5.435  19.229  1.00 44.69  ? 233 THR A O   1 
ATOM   1384 C CB  . THR A 1 190 ? -5.576  -4.145  20.827  1.00 45.55  ? 233 THR A CB  1 
ATOM   1385 O OG1 . THR A 1 190 ? -5.950  -5.472  20.429  1.00 46.28  ? 233 THR A OG1 1 
ATOM   1386 C CG2 . THR A 1 190 ? -6.778  -3.211  20.675  1.00 43.97  ? 233 THR A CG2 1 
ATOM   1387 N N   . PRO A 1 191 ? -2.627  -4.673  21.326  1.00 46.42  ? 234 PRO A N   1 
ATOM   1388 C CA  . PRO A 1 191 ? -1.538  -5.611  21.603  1.00 46.20  ? 234 PRO A CA  1 
ATOM   1389 C C   . PRO A 1 191 ? -2.038  -7.045  21.395  1.00 46.78  ? 234 PRO A C   1 
ATOM   1390 O O   . PRO A 1 191 ? -1.348  -7.875  20.806  1.00 46.51  ? 234 PRO A O   1 
ATOM   1391 C CB  . PRO A 1 191 ? -1.206  -5.316  23.061  1.00 44.68  ? 234 PRO A CB  1 
ATOM   1392 C CG  . PRO A 1 191 ? -1.406  -3.842  23.140  1.00 45.11  ? 234 PRO A CG  1 
ATOM   1393 C CD  . PRO A 1 191 ? -2.713  -3.646  22.384  1.00 46.01  ? 234 PRO A CD  1 
ATOM   1394 N N   . GLU A 1 192 ? -3.250  -7.316  21.875  1.00 47.29  ? 235 GLU A N   1 
ATOM   1395 C CA  . GLU A 1 192 ? -3.865  -8.636  21.748  1.00 49.12  ? 235 GLU A CA  1 
ATOM   1396 C C   . GLU A 1 192 ? -3.969  -9.047  20.284  1.00 48.46  ? 235 GLU A C   1 
ATOM   1397 O O   . GLU A 1 192 ? -3.549  -10.139 19.903  1.00 50.32  ? 235 GLU A O   1 
ATOM   1398 C CB  . GLU A 1 192 ? -5.271  -8.635  22.365  1.00 51.95  ? 235 GLU A CB  1 
ATOM   1399 C CG  . GLU A 1 192 ? -5.338  -8.339  23.862  1.00 57.44  ? 235 GLU A CG  1 
ATOM   1400 C CD  . GLU A 1 192 ? -4.878  -6.936  24.213  1.00 61.08  ? 235 GLU A CD  1 
ATOM   1401 O OE1 . GLU A 1 192 ? -5.374  -5.968  23.597  1.00 63.08  ? 235 GLU A OE1 1 
ATOM   1402 O OE2 . GLU A 1 192 ? -4.024  -6.800  25.116  1.00 65.54  ? 235 GLU A OE2 1 
ATOM   1403 N N   . GLN A 1 193 ? -4.546  -8.173  19.464  1.00 47.37  ? 236 GLN A N   1 
ATOM   1404 C CA  . GLN A 1 193 ? -4.696  -8.453  18.042  1.00 45.77  ? 236 GLN A CA  1 
ATOM   1405 C C   . GLN A 1 193 ? -3.331  -8.715  17.420  1.00 43.72  ? 236 GLN A C   1 
ATOM   1406 O O   . GLN A 1 193 ? -3.175  -9.631  16.612  1.00 44.87  ? 236 GLN A O   1 
ATOM   1407 C CB  . GLN A 1 193 ? -5.375  -7.276  17.340  1.00 46.66  ? 236 GLN A CB  1 
ATOM   1408 C CG  . GLN A 1 193 ? -6.812  -7.055  17.786  1.00 49.19  ? 236 GLN A CG  1 
ATOM   1409 C CD  . GLN A 1 193 ? -7.461  -5.862  17.116  1.00 48.28  ? 236 GLN A CD  1 
ATOM   1410 O OE1 . GLN A 1 193 ? -7.004  -4.731  17.258  1.00 48.09  ? 236 GLN A OE1 1 
ATOM   1411 N NE2 . GLN A 1 193 ? -8.533  -6.112  16.379  1.00 51.51  ? 236 GLN A NE2 1 
ATOM   1412 N N   . TYR A 1 194 ? -2.348  -7.911  17.815  1.00 41.69  ? 237 TYR A N   1 
ATOM   1413 C CA  . TYR A 1 194 ? -0.983  -8.047  17.313  1.00 41.90  ? 237 TYR A CA  1 
ATOM   1414 C C   . TYR A 1 194 ? -0.394  -9.420  17.646  1.00 44.26  ? 237 TYR A C   1 
ATOM   1415 O O   . TYR A 1 194 ? 0.095   -10.125 16.759  1.00 42.76  ? 237 TYR A O   1 
ATOM   1416 C CB  . TYR A 1 194 ? -0.094  -6.951  17.907  1.00 39.61  ? 237 TYR A CB  1 
ATOM   1417 C CG  . TYR A 1 194 ? 1.385   -7.139  17.633  1.00 40.09  ? 237 TYR A CG  1 
ATOM   1418 C CD1 . TYR A 1 194 ? 1.940   -6.814  16.392  1.00 38.38  ? 237 TYR A CD1 1 
ATOM   1419 C CD2 . TYR A 1 194 ? 2.222   -7.669  18.609  1.00 37.60  ? 237 TYR A CD2 1 
ATOM   1420 C CE1 . TYR A 1 194 ? 3.303   -7.017  16.139  1.00 39.90  ? 237 TYR A CE1 1 
ATOM   1421 C CE2 . TYR A 1 194 ? 3.576   -7.880  18.366  1.00 38.44  ? 237 TYR A CE2 1 
ATOM   1422 C CZ  . TYR A 1 194 ? 4.113   -7.552  17.136  1.00 39.10  ? 237 TYR A CZ  1 
ATOM   1423 O OH  . TYR A 1 194 ? 5.463   -7.751  16.921  1.00 39.91  ? 237 TYR A OH  1 
ATOM   1424 N N   . GLU A 1 195 ? -0.431  -9.788  18.927  1.00 45.54  ? 238 GLU A N   1 
ATOM   1425 C CA  . GLU A 1 195 ? 0.096   -11.080 19.373  1.00 46.29  ? 238 GLU A CA  1 
ATOM   1426 C C   . GLU A 1 195 ? -0.511  -12.240 18.601  1.00 45.10  ? 238 GLU A C   1 
ATOM   1427 O O   . GLU A 1 195 ? 0.189   -13.169 18.206  1.00 45.27  ? 238 GLU A O   1 
ATOM   1428 C CB  . GLU A 1 195 ? -0.174  -11.292 20.868  1.00 48.14  ? 238 GLU A CB  1 
ATOM   1429 C CG  . GLU A 1 195 ? 1.034   -11.089 21.758  1.00 51.32  ? 238 GLU A CG  1 
ATOM   1430 C CD  . GLU A 1 195 ? 2.180   -12.036 21.429  1.00 51.44  ? 238 GLU A CD  1 
ATOM   1431 O OE1 . GLU A 1 195 ? 2.013   -13.266 21.575  1.00 52.29  ? 238 GLU A OE1 1 
ATOM   1432 O OE2 . GLU A 1 195 ? 3.254   -11.543 21.025  1.00 51.92  ? 238 GLU A OE2 1 
ATOM   1433 N N   . GLU A 1 196 ? -1.820  -12.182 18.390  1.00 45.86  ? 239 GLU A N   1 
ATOM   1434 C CA  . GLU A 1 196 ? -2.521  -13.237 17.667  1.00 45.85  ? 239 GLU A CA  1 
ATOM   1435 C C   . GLU A 1 196 ? -2.169  -13.265 16.180  1.00 43.24  ? 239 GLU A C   1 
ATOM   1436 O O   . GLU A 1 196 ? -1.927  -14.327 15.616  1.00 43.21  ? 239 GLU A O   1 
ATOM   1437 C CB  . GLU A 1 196 ? -4.036  -13.066 17.822  1.00 49.95  ? 239 GLU A CB  1 
ATOM   1438 C CG  . GLU A 1 196 ? -4.853  -14.166 17.160  1.00 57.98  ? 239 GLU A CG  1 
ATOM   1439 C CD  . GLU A 1 196 ? -6.351  -13.909 17.224  1.00 63.19  ? 239 GLU A CD  1 
ATOM   1440 O OE1 . GLU A 1 196 ? -6.865  -13.618 18.328  1.00 65.91  ? 239 GLU A OE1 1 
ATOM   1441 O OE2 . GLU A 1 196 ? -7.016  -14.008 16.168  1.00 66.47  ? 239 GLU A OE2 1 
ATOM   1442 N N   . ALA A 1 197 ? -2.141  -12.096 15.548  1.00 40.57  ? 240 ALA A N   1 
ATOM   1443 C CA  . ALA A 1 197 ? -1.833  -12.017 14.121  1.00 39.86  ? 240 ALA A CA  1 
ATOM   1444 C C   . ALA A 1 197 ? -0.410  -12.440 13.738  1.00 37.48  ? 240 ALA A C   1 
ATOM   1445 O O   . ALA A 1 197 ? -0.227  -13.121 12.728  1.00 37.48  ? 240 ALA A O   1 
ATOM   1446 C CB  . ALA A 1 197 ? -2.124  -10.591 13.593  1.00 39.64  ? 240 ALA A CB  1 
ATOM   1447 N N   . VAL A 1 198 ? 0.596   -12.052 14.519  1.00 35.88  ? 241 VAL A N   1 
ATOM   1448 C CA  . VAL A 1 198 ? 1.963   -12.432 14.164  1.00 38.68  ? 241 VAL A CA  1 
ATOM   1449 C C   . VAL A 1 198 ? 2.193   -13.930 14.317  1.00 41.80  ? 241 VAL A C   1 
ATOM   1450 O O   . VAL A 1 198 ? 3.174   -14.474 13.799  1.00 41.09  ? 241 VAL A O   1 
ATOM   1451 C CB  . VAL A 1 198 ? 3.043   -11.682 15.000  1.00 38.37  ? 241 VAL A CB  1 
ATOM   1452 C CG1 . VAL A 1 198 ? 3.020   -10.191 14.668  1.00 36.11  ? 241 VAL A CG1 1 
ATOM   1453 C CG2 . VAL A 1 198 ? 2.824   -11.919 16.494  1.00 37.06  ? 241 VAL A CG2 1 
ATOM   1454 N N   . ASN A 1 199 ? 1.295   -14.598 15.032  1.00 43.02  ? 242 ASN A N   1 
ATOM   1455 C CA  . ASN A 1 199 ? 1.427   -16.035 15.213  1.00 46.99  ? 242 ASN A CA  1 
ATOM   1456 C C   . ASN A 1 199 ? 0.612   -16.820 14.182  1.00 49.54  ? 242 ASN A C   1 
ATOM   1457 O O   . ASN A 1 199 ? 0.634   -18.051 14.173  1.00 50.50  ? 242 ASN A O   1 
ATOM   1458 C CB  . ASN A 1 199 ? 1.034   -16.436 16.640  1.00 42.79  ? 242 ASN A CB  1 
ATOM   1459 C CG  . ASN A 1 199 ? 2.109   -16.080 17.651  1.00 40.64  ? 242 ASN A CG  1 
ATOM   1460 O OD1 . ASN A 1 199 ? 1.984   -15.112 18.405  1.00 42.15  ? 242 ASN A OD1 1 
ATOM   1461 N ND2 . ASN A 1 199 ? 3.183   -16.854 17.658  1.00 35.51  ? 242 ASN A ND2 1 
ATOM   1462 N N   . LYS A 1 200 ? -0.097  -16.103 13.313  1.00 50.40  ? 243 LYS A N   1 
ATOM   1463 C CA  . LYS A 1 200 ? -0.895  -16.736 12.266  1.00 54.28  ? 243 LYS A CA  1 
ATOM   1464 C C   . LYS A 1 200 ? 0.003   -17.238 11.142  1.00 55.39  ? 243 LYS A C   1 
ATOM   1465 O O   . LYS A 1 200 ? -0.300  -18.308 10.576  1.00 57.91  ? 243 LYS A O   1 
ATOM   1466 C CB  . LYS A 1 200 ? -1.915  -15.752 11.693  1.00 54.89  ? 243 LYS A CB  1 
ATOM   1467 C CG  . LYS A 1 200 ? -3.016  -15.362 12.659  1.00 58.30  ? 243 LYS A CG  1 
ATOM   1468 C CD  . LYS A 1 200 ? -3.897  -16.553 12.994  1.00 60.46  ? 243 LYS A CD  1 
ATOM   1469 C CE  . LYS A 1 200 ? -5.117  -16.127 13.796  1.00 62.51  ? 243 LYS A CE  1 
ATOM   1470 N NZ  . LYS A 1 200 ? -6.009  -17.289 14.076  1.00 66.35  ? 243 LYS A NZ  1 
ATOM   1471 O OXT . LYS A 1 200 ? 0.995   -16.547 10.827  1.00 58.53  ? 243 LYS A OXT 1 
HETATM 1472 N N1  . EPE B 2 .   ? 8.325   1.072   6.901   1.00 156.26 ? 244 EPE A N1  1 
HETATM 1473 C C2  . EPE B 2 .   ? 8.702   -0.035  7.819   1.00 156.03 ? 244 EPE A C2  1 
HETATM 1474 C C3  . EPE B 2 .   ? 10.013  -0.635  7.350   1.00 156.09 ? 244 EPE A C3  1 
HETATM 1475 N N4  . EPE B 2 .   ? 9.848   -1.155  5.964   1.00 155.85 ? 244 EPE A N4  1 
HETATM 1476 C C5  . EPE B 2 .   ? 9.463   -0.088  5.067   1.00 155.95 ? 244 EPE A C5  1 
HETATM 1477 C C6  . EPE B 2 .   ? 8.166   0.519   5.516   1.00 156.03 ? 244 EPE A C6  1 
HETATM 1478 C C7  . EPE B 2 .   ? 11.078  -1.736  5.518   1.00 155.75 ? 244 EPE A C7  1 
HETATM 1479 C C8  . EPE B 2 .   ? 12.301  -0.759  5.538   1.00 155.60 ? 244 EPE A C8  1 
HETATM 1480 O O8  . EPE B 2 .   ? 12.756  -0.549  4.223   1.00 155.45 ? 244 EPE A O8  1 
HETATM 1481 C C9  . EPE B 2 .   ? 6.986   1.577   7.339   1.00 156.42 ? 244 EPE A C9  1 
HETATM 1482 C C10 . EPE B 2 .   ? 7.149   2.951   7.980   1.00 156.85 ? 244 EPE A C10 1 
HETATM 1483 S S   . EPE B 2 .   ? 6.577   4.288   6.824   1.00 157.25 ? 244 EPE A S   1 
HETATM 1484 O O1S . EPE B 2 .   ? 6.689   5.621   7.441   1.00 157.34 ? 244 EPE A O1S 1 
HETATM 1485 O O2S . EPE B 2 .   ? 7.007   4.034   5.434   1.00 157.23 ? 244 EPE A O2S 1 
HETATM 1486 O O3S . EPE B 2 .   ? 5.117   4.083   6.759   1.00 157.06 ? 244 EPE A O3S 1 
HETATM 1487 C C1  . CPS C 3 .   ? 3.899   23.879  -1.638  1.00 148.55 ? 245 CPS A C1  1 
HETATM 1488 C C2  . CPS C 3 .   ? 4.106   23.720  -3.184  1.00 148.72 ? 245 CPS A C2  1 
HETATM 1489 C C3  . CPS C 3 .   ? 5.852   21.765  -2.887  1.00 149.06 ? 245 CPS A C3  1 
HETATM 1490 C C4  . CPS C 3 .   ? 7.286   21.266  -3.281  1.00 149.04 ? 245 CPS A C4  1 
HETATM 1491 C C5  . CPS C 3 .   ? 7.400   21.148  -4.809  1.00 148.81 ? 245 CPS A C5  1 
HETATM 1492 C C6  . CPS C 3 .   ? 7.167   22.517  -5.467  1.00 148.92 ? 245 CPS A C6  1 
HETATM 1493 C C7  . CPS C 3 .   ? 7.413   22.181  -6.956  1.00 149.00 ? 245 CPS A C7  1 
HETATM 1494 C C8  . CPS C 3 .   ? 8.805   21.443  -6.821  1.00 148.96 ? 245 CPS A C8  1 
HETATM 1495 C C9  . CPS C 3 .   ? 8.806   20.708  -5.424  1.00 148.62 ? 245 CPS A C9  1 
HETATM 1496 C C10 . CPS C 3 .   ? 6.305   20.112  -5.274  1.00 148.80 ? 245 CPS A C10 1 
HETATM 1497 C C11 . CPS C 3 .   ? 3.044   22.719  -3.716  1.00 148.67 ? 245 CPS A C11 1 
HETATM 1498 C C12 . CPS C 3 .   ? 4.895   24.903  -1.031  1.00 148.33 ? 245 CPS A C12 1 
HETATM 1499 C C13 . CPS C 3 .   ? 4.658   26.283  -1.704  1.00 148.33 ? 245 CPS A C13 1 
HETATM 1500 C C14 . CPS C 3 .   ? 4.890   26.174  -3.230  1.00 148.43 ? 245 CPS A C14 1 
HETATM 1501 C C15 . CPS C 3 .   ? 3.904   25.130  -3.852  1.00 148.70 ? 245 CPS A C15 1 
HETATM 1502 C C16 . CPS C 3 .   ? 4.093   24.984  -5.425  1.00 148.73 ? 245 CPS A C16 1 
HETATM 1503 C C17 . CPS C 3 .   ? 5.522   24.448  -5.786  1.00 148.91 ? 245 CPS A C17 1 
HETATM 1504 C C18 . CPS C 3 .   ? 5.728   23.054  -5.117  1.00 148.95 ? 245 CPS A C18 1 
HETATM 1505 C C19 . CPS C 3 .   ? 5.572   23.186  -3.545  1.00 148.87 ? 245 CPS A C19 1 
HETATM 1506 C C20 . CPS C 3 .   ? 9.147   19.144  -5.672  1.00 148.29 ? 245 CPS A C20 1 
HETATM 1507 C C21 . CPS C 3 .   ? 8.429   18.481  -6.884  1.00 148.40 ? 245 CPS A C21 1 
HETATM 1508 C C22 . CPS C 3 .   ? 8.925   18.314  -4.344  1.00 147.94 ? 245 CPS A C22 1 
HETATM 1509 C C23 . CPS C 3 .   ? 9.019   16.783  -4.516  1.00 147.81 ? 245 CPS A C23 1 
HETATM 1510 C C24 . CPS C 3 .   ? 10.444  16.233  -4.418  1.00 147.84 ? 245 CPS A C24 1 
HETATM 1511 C C25 . CPS C 3 .   ? 11.931  14.484  -3.539  1.00 147.73 ? 245 CPS A C25 1 
HETATM 1512 C C26 . CPS C 3 .   ? 11.857  13.360  -2.517  1.00 147.67 ? 245 CPS A C26 1 
HETATM 1513 C C27 . CPS C 3 .   ? 12.375  12.023  -3.106  1.00 147.21 ? 245 CPS A C27 1 
HETATM 1514 C C28 . CPS C 3 .   ? 10.521  10.681  -2.263  1.00 146.83 ? 245 CPS A C28 1 
HETATM 1515 C C29 . CPS C 3 .   ? 12.544  10.938  -0.927  1.00 146.87 ? 245 CPS A C29 1 
HETATM 1516 C C30 . CPS C 3 .   ? 12.590  9.605   -2.970  1.00 146.52 ? 245 CPS A C30 1 
HETATM 1517 C C31 . CPS C 3 .   ? 12.329  8.270   -2.212  1.00 146.38 ? 245 CPS A C31 1 
HETATM 1518 C C32 . CPS C 3 .   ? 12.469  7.064   -3.141  1.00 146.52 ? 245 CPS A C32 1 
HETATM 1519 N N1  . CPS C 3 .   ? 10.604  15.116  -3.708  1.00 147.83 ? 245 CPS A N1  1 
HETATM 1520 N N2  . CPS C 3 .   ? 12.001  10.811  -2.306  1.00 146.91 ? 245 CPS A N2  1 
HETATM 1521 O O1  . CPS C 3 .   ? 11.385  16.803  -4.982  1.00 147.98 ? 245 CPS A O1  1 
HETATM 1522 O O2  . CPS C 3 .   ? 5.571   27.239  -1.156  1.00 148.08 ? 245 CPS A O2  1 
HETATM 1523 O O3  . CPS C 3 .   ? 6.514   25.375  -5.309  1.00 149.26 ? 245 CPS A O3  1 
HETATM 1524 O O4  . CPS C 3 .   ? 8.260   22.215  -2.813  1.00 149.35 ? 245 CPS A O4  1 
HETATM 1525 O O2S . CPS C 3 .   ? 10.566  5.774   -1.765  1.00 146.80 ? 245 CPS A O2S 1 
HETATM 1526 O O3S . CPS C 3 .   ? 9.865   6.900   -3.740  1.00 146.81 ? 245 CPS A O3S 1 
HETATM 1527 O O1S . CPS C 3 .   ? 11.116  4.886   -3.902  1.00 146.71 ? 245 CPS A O1S 1 
HETATM 1528 S S   . CPS C 3 .   ? 10.926  6.108   -3.135  1.00 146.70 ? 245 CPS A S   1 
HETATM 1529 O O   . HOH D 4 .   ? -8.002  -5.638  -7.931  1.00 36.31  ? 246 HOH A O   1 
HETATM 1530 O O   . HOH D 4 .   ? 5.014   -2.443  1.533   1.00 40.67  ? 247 HOH A O   1 
HETATM 1531 O O   . HOH D 4 .   ? -0.915  6.134   10.260  1.00 42.27  ? 248 HOH A O   1 
HETATM 1532 O O   . HOH D 4 .   ? 6.338   -7.925  14.450  1.00 37.24  ? 249 HOH A O   1 
HETATM 1533 O O   . HOH D 4 .   ? -7.072  -1.563  11.900  1.00 45.60  ? 250 HOH A O   1 
HETATM 1534 O O   . HOH D 4 .   ? -5.471  4.562   8.159   1.00 48.70  ? 251 HOH A O   1 
HETATM 1535 O O   . HOH D 4 .   ? 6.451   13.128  0.132   1.00 44.60  ? 252 HOH A O   1 
HETATM 1536 O O   . HOH D 4 .   ? -7.147  14.725  -0.887  1.00 40.01  ? 253 HOH A O   1 
HETATM 1537 O O   . HOH D 4 .   ? -2.662  9.457   8.538   1.00 41.40  ? 254 HOH A O   1 
HETATM 1538 O O   . HOH D 4 .   ? 2.833   2.001   -2.787  1.00 46.36  ? 255 HOH A O   1 
HETATM 1539 O O   . HOH D 4 .   ? 9.247   -9.170  11.668  1.00 50.13  ? 256 HOH A O   1 
HETATM 1540 O O   . HOH D 4 .   ? 8.772   -11.832 12.804  1.00 50.39  ? 257 HOH A O   1 
HETATM 1541 O O   . HOH D 4 .   ? 3.644   10.082  5.509   1.00 45.00  ? 258 HOH A O   1 
HETATM 1542 O O   . HOH D 4 .   ? -5.213  -8.209  -11.691 1.00 45.59  ? 259 HOH A O   1 
HETATM 1543 O O   . HOH D 4 .   ? -4.019  -18.594 -6.620  1.00 48.19  ? 260 HOH A O   1 
HETATM 1544 O O   . HOH D 4 .   ? 2.078   -0.396  -8.785  1.00 45.39  ? 261 HOH A O   1 
HETATM 1545 O O   . HOH D 4 .   ? -2.671  -16.668 16.747  1.00 52.61  ? 262 HOH A O   1 
HETATM 1546 O O   . HOH D 4 .   ? 3.862   -2.602  -6.638  1.00 46.85  ? 263 HOH A O   1 
HETATM 1547 O O   . HOH D 4 .   ? 0.954   2.340   -7.122  1.00 56.35  ? 264 HOH A O   1 
HETATM 1548 O O   . HOH D 4 .   ? -8.802  -4.042  -6.195  1.00 44.61  ? 265 HOH A O   1 
HETATM 1549 O O   . HOH D 4 .   ? -8.581  -2.580  -10.491 1.00 45.92  ? 266 HOH A O   1 
HETATM 1550 O O   . HOH D 4 .   ? -13.312 -18.203 -0.710  1.00 70.55  ? 267 HOH A O   1 
HETATM 1551 O O   . HOH D 4 .   ? 6.483   7.183   -13.458 1.00 59.60  ? 268 HOH A O   1 
HETATM 1552 O O   . HOH D 4 .   ? -13.097 13.390  -4.332  1.00 59.33  ? 269 HOH A O   1 
HETATM 1553 O O   . HOH D 4 .   ? 9.921   -13.724 -9.330  1.00 49.41  ? 270 HOH A O   1 
HETATM 1554 O O   . HOH D 4 .   ? -8.694  -10.638 11.667  1.00 55.51  ? 271 HOH A O   1 
HETATM 1555 O O   . HOH D 4 .   ? -7.735  -5.347  -11.306 1.00 57.91  ? 272 HOH A O   1 
HETATM 1556 O O   . HOH D 4 .   ? 4.287   8.719   -19.954 1.00 57.34  ? 273 HOH A O   1 
HETATM 1557 O O   . HOH D 4 .   ? -9.524  2.400   11.565  1.00 68.57  ? 274 HOH A O   1 
HETATM 1558 O O   . HOH D 4 .   ? -5.742  -16.289 9.072   1.00 62.55  ? 275 HOH A O   1 
HETATM 1559 O O   . HOH D 4 .   ? -1.902  -15.091 -10.891 1.00 47.22  ? 276 HOH A O   1 
HETATM 1560 O O   . HOH D 4 .   ? -5.149  17.340  0.592   1.00 55.46  ? 277 HOH A O   1 
HETATM 1561 O O   . HOH D 4 .   ? -8.483  -6.802  21.260  1.00 65.54  ? 278 HOH A O   1 
HETATM 1562 O O   . HOH D 4 .   ? -4.792  5.368   15.549  1.00 69.52  ? 279 HOH A O   1 
HETATM 1563 O O   . HOH D 4 .   ? 7.567   12.115  -6.551  1.00 56.45  ? 280 HOH A O   1 
HETATM 1564 O O   . HOH D 4 .   ? -17.417 -2.173  -5.531  1.00 65.01  ? 281 HOH A O   1 
HETATM 1565 O O   . HOH D 4 .   ? 19.537  9.234   3.921   1.00 82.85  ? 282 HOH A O   1 
HETATM 1566 O O   . HOH D 4 .   ? 8.491   -7.175  13.445  1.00 45.23  ? 283 HOH A O   1 
HETATM 1567 O O   . HOH D 4 .   ? -13.730 15.541  -5.877  1.00 52.57  ? 284 HOH A O   1 
HETATM 1568 O O   . HOH D 4 .   ? -10.380 14.538  2.281   1.00 47.85  ? 285 HOH A O   1 
HETATM 1569 O O   . HOH D 4 .   ? 3.484   1.498   -5.249  1.00 58.18  ? 286 HOH A O   1 
HETATM 1570 O O   . HOH D 4 .   ? -1.067  -14.245 6.590   1.00 58.58  ? 287 HOH A O   1 
HETATM 1571 O O   . HOH D 4 .   ? -2.511  19.369  -2.740  1.00 49.28  ? 288 HOH A O   1 
HETATM 1572 O O   . HOH D 4 .   ? 10.015  -6.868  -6.960  1.00 63.58  ? 289 HOH A O   1 
HETATM 1573 O O   . HOH D 4 .   ? -4.798  9.917   10.630  1.00 69.01  ? 290 HOH A O   1 
HETATM 1574 O O   . HOH D 4 .   ? -13.755 -2.805  8.384   1.00 56.84  ? 291 HOH A O   1 
HETATM 1575 O O   . HOH D 4 .   ? 3.449   -17.192 11.328  1.00 78.74  ? 292 HOH A O   1 
HETATM 1576 O O   . HOH D 4 .   ? -9.906  -7.050  8.169   1.00 71.21  ? 293 HOH A O   1 
HETATM 1577 O O   . HOH D 4 .   ? 10.420  -11.909 -11.150 1.00 57.94  ? 294 HOH A O   1 
HETATM 1578 O O   . HOH D 4 .   ? 5.057   -0.756  -5.374  1.00 74.20  ? 295 HOH A O   1 
HETATM 1579 O O   . HOH D 4 .   ? 11.402  -10.085 5.156   1.00 58.97  ? 296 HOH A O   1 
HETATM 1580 O O   . HOH D 4 .   ? -13.659 0.712   5.101   1.00 61.39  ? 297 HOH A O   1 
HETATM 1581 O O   . HOH D 4 .   ? -9.809  -10.908 -24.632 1.00 76.10  ? 298 HOH A O   1 
HETATM 1582 O O   . HOH D 4 .   ? 14.873  -12.212 -4.182  1.00 83.66  ? 299 HOH A O   1 
HETATM 1583 O O   . HOH D 4 .   ? -12.832 -14.142 -9.540  1.00 65.93  ? 300 HOH A O   1 
HETATM 1584 O O   . HOH D 4 .   ? 4.164   -21.849 -3.796  1.00 67.51  ? 301 HOH A O   1 
HETATM 1585 O O   . HOH D 4 .   ? -11.187 -20.463 -2.436  1.00 78.70  ? 302 HOH A O   1 
HETATM 1586 O O   . HOH D 4 .   ? -8.292  13.195  6.464   1.00 59.10  ? 303 HOH A O   1 
HETATM 1587 O O   . HOH D 4 .   ? -1.991  0.077   19.629  1.00 61.71  ? 304 HOH A O   1 
HETATM 1588 O O   . HOH D 4 .   ? -11.971 11.636  2.598   1.00 56.24  ? 305 HOH A O   1 
HETATM 1589 O O   . HOH D 4 .   ? 7.769   0.821   1.430   1.00 68.50  ? 306 HOH A O   1 
HETATM 1590 O O   . HOH D 4 .   ? 6.316   11.385  11.129  1.00 68.05  ? 307 HOH A O   1 
HETATM 1591 O O   . HOH D 4 .   ? -11.700 10.838  5.260   1.00 82.48  ? 308 HOH A O   1 
HETATM 1592 O O   . HOH D 4 .   ? 5.979   -15.216 13.236  1.00 75.97  ? 309 HOH A O   1 
HETATM 1593 O O   . HOH D 4 .   ? -2.721  -4.802  26.732  1.00 72.51  ? 310 HOH A O   1 
HETATM 1594 O O   . HOH D 4 .   ? -9.854  -12.867 19.253  1.00 73.82  ? 311 HOH A O   1 
HETATM 1595 O O   . HOH D 4 .   ? -14.498 -8.876  -7.041  1.00 62.57  ? 312 HOH A O   1 
HETATM 1596 O O   . HOH D 4 .   ? -6.629  -18.091 -6.217  1.00 62.70  ? 313 HOH A O   1 
HETATM 1597 O O   . HOH D 4 .   ? 10.064  -13.945 13.925  1.00 84.00  ? 314 HOH A O   1 
HETATM 1598 O O   . HOH D 4 .   ? -6.535  -7.211  26.703  1.00 92.44  ? 315 HOH A O   1 
HETATM 1599 O O   . HOH D 4 .   ? 13.099  -12.075 11.051  1.00 68.31  ? 316 HOH A O   1 
HETATM 1600 O O   . HOH D 4 .   ? 4.558   3.127   -15.356 1.00 72.91  ? 317 HOH A O   1 
HETATM 1601 O O   . HOH D 4 .   ? -4.598  19.553  -1.263  1.00 53.32  ? 318 HOH A O   1 
HETATM 1602 O O   . HOH D 4 .   ? 13.476  3.027   -17.621 1.00 85.06  ? 319 HOH A O   1 
HETATM 1603 O O   . HOH D 4 .   ? -14.512 -16.427 -2.071  1.00 70.28  ? 320 HOH A O   1 
HETATM 1604 O O   . HOH D 4 .   ? -3.261  6.680   18.146  1.00 73.81  ? 321 HOH A O   1 
HETATM 1605 O O   . HOH D 4 .   ? -7.310  -12.211 -9.121  1.00 72.90  ? 322 HOH A O   1 
HETATM 1606 O O   . HOH D 4 .   ? 3.299   16.604  -13.652 1.00 63.32  ? 323 HOH A O   1 
HETATM 1607 O O   . HOH D 4 .   ? -13.508 -14.634 6.235   1.00 70.60  ? 324 HOH A O   1 
HETATM 1608 O O   . HOH D 4 .   ? 3.764   4.381   18.968  1.00 71.33  ? 325 HOH A O   1 
HETATM 1609 O O   . HOH D 4 .   ? 14.425  17.450  -19.609 1.00 73.38  ? 326 HOH A O   1 
HETATM 1610 O O   . HOH D 4 .   ? 6.644   9.476   -7.023  1.00 75.62  ? 327 HOH A O   1 
HETATM 1611 O O   . HOH D 4 .   ? 5.808   -3.230  -8.398  1.00 55.09  ? 328 HOH A O   1 
HETATM 1612 O O   . HOH D 4 .   ? 6.657   1.310   -2.140  1.00 65.98  ? 329 HOH A O   1 
HETATM 1613 O O   . HOH D 4 .   ? -9.810  -1.013  12.429  1.00 65.29  ? 330 HOH A O   1 
HETATM 1614 O O   . HOH D 4 .   ? -1.964  6.767   14.100  1.00 64.22  ? 331 HOH A O   1 
HETATM 1615 O O   . HOH D 4 .   ? 12.241  -8.933  11.544  1.00 64.58  ? 332 HOH A O   1 
HETATM 1616 O O   . HOH D 4 .   ? 8.435   5.951   13.899  1.00 71.30  ? 333 HOH A O   1 
HETATM 1617 O O   . HOH D 4 .   ? -11.060 -5.541  14.144  1.00 75.90  ? 334 HOH A O   1 
HETATM 1618 O O   . HOH D 4 .   ? -5.352  -12.419 12.165  1.00 65.11  ? 335 HOH A O   1 
HETATM 1619 O O   . HOH D 4 .   ? -14.532 11.218  1.639   1.00 60.18  ? 336 HOH A O   1 
HETATM 1620 O O   . HOH D 4 .   ? -15.197 10.886  -2.752  1.00 60.18  ? 337 HOH A O   1 
HETATM 1621 O O   . HOH D 4 .   ? -8.228  16.334  0.744   1.00 60.18  ? 338 HOH A O   1 
HETATM 1622 O O   . HOH D 4 .   ? -10.939 -4.501  9.412   1.00 60.18  ? 339 HOH A O   1 
# 
